data_8QD2
#
_entry.id   8QD2
#
_cell.length_a   85.470
_cell.length_b   107.480
_cell.length_c   92.510
_cell.angle_alpha   90.00
_cell.angle_beta   90.14
_cell.angle_gamma   90.00
#
_symmetry.space_group_name_H-M   'P 1 21 1'
#
loop_
_entity.id
_entity.type
_entity.pdbx_description
1 polymer 'Pigment biosynthesis protein yellowish-green 1'
2 non-polymer naphthalene-1,3-diol
3 water water
#
_entity_poly.entity_id   1
_entity_poly.type   'polypeptide(L)'
_entity_poly.pdbx_seq_one_letter_code
;MRGSHHHHHHENLYFQGSPRWILGDKFDTVFPHKGSLKVLWESRWKFACSKSVYPFHDGSIEDFEPIFNHLISKNINDAA
SDEYTQAFLPTASALEEKAAQALQAGKHEEASNLLCRAAVVYRISRFPYVDITKPNSIKRVAFERQKQAYLKATSLWTQP
IREVTVPHTYRTGNDGAHIPIYIRTPAGADQSNPVPIVLIMTGLDGYRPDNSQRTHEILARGWAAVVAEIPGTADCPADP
ADPASPDRLWDSVLSYLDQRPELNTAKMVVWGLSAGGYYAIRAAHTHRDRLLGAIAHGPGCHYYLDPEWLAKVNDHEYPF
EITAAWATKHGYKTVEEFVAGAQKKFSLVETGIVDQPSCRLLLLNGVDDGVVPIEDCLVLFEHGSPKEGRFYKGLPHMGY
PNSLPVSYEWLEQVLASPSKTKN
;
_entity_poly.pdbx_strand_id   A,B,C,D
#
# COMPACT_ATOMS: atom_id res chain seq x y z
N ARG A 20 -18.51 -10.69 -5.50
CA ARG A 20 -17.13 -11.24 -5.52
C ARG A 20 -16.11 -10.10 -5.65
N TRP A 21 -16.36 -9.15 -6.56
CA TRP A 21 -15.41 -8.05 -6.94
C TRP A 21 -15.73 -6.78 -6.17
N ILE A 22 -14.69 -6.03 -5.79
CA ILE A 22 -14.81 -4.71 -5.10
C ILE A 22 -15.58 -3.74 -6.00
N LEU A 23 -15.45 -3.87 -7.32
CA LEU A 23 -16.18 -3.05 -8.33
C LEU A 23 -17.68 -3.06 -8.01
N GLY A 24 -18.19 -4.16 -7.46
CA GLY A 24 -19.54 -4.26 -6.88
C GLY A 24 -20.63 -4.28 -7.95
N ASP A 25 -21.65 -3.43 -7.80
CA ASP A 25 -22.86 -3.39 -8.67
C ASP A 25 -22.45 -3.15 -10.13
N LYS A 26 -21.47 -2.27 -10.35
CA LYS A 26 -20.99 -1.84 -11.70
C LYS A 26 -20.47 -3.05 -12.49
N PHE A 27 -19.92 -4.07 -11.81
CA PHE A 27 -19.38 -5.30 -12.46
C PHE A 27 -20.43 -5.94 -13.36
N ASP A 28 -21.67 -6.06 -12.87
CA ASP A 28 -22.78 -6.78 -13.54
C ASP A 28 -23.50 -5.86 -14.53
N THR A 29 -23.03 -4.62 -14.71
CA THR A 29 -23.62 -3.60 -15.60
C THR A 29 -23.06 -3.77 -17.02
N VAL A 30 -23.89 -3.49 -18.03
CA VAL A 30 -23.48 -3.26 -19.45
C VAL A 30 -23.44 -1.75 -19.65
N PHE A 31 -22.23 -1.17 -19.77
CA PHE A 31 -22.00 0.30 -19.86
C PHE A 31 -22.66 0.82 -21.13
N PRO A 32 -23.24 2.04 -21.11
CA PRO A 32 -24.13 2.50 -22.19
C PRO A 32 -23.45 2.69 -23.55
N HIS A 33 -22.12 2.86 -23.59
CA HIS A 33 -21.33 3.11 -24.82
C HIS A 33 -20.97 1.79 -25.53
N LYS A 34 -21.29 0.63 -24.94
CA LYS A 34 -20.93 -0.70 -25.51
C LYS A 34 -21.62 -0.89 -26.85
N GLY A 35 -20.84 -1.06 -27.93
CA GLY A 35 -21.31 -1.27 -29.30
C GLY A 35 -21.94 -0.03 -29.91
N SER A 36 -21.72 1.15 -29.31
CA SER A 36 -22.26 2.46 -29.76
C SER A 36 -21.18 3.53 -29.72
N LEU A 37 -20.51 3.76 -30.85
CA LEU A 37 -19.51 4.84 -31.03
C LEU A 37 -20.17 6.22 -30.83
N LYS A 38 -21.45 6.33 -31.22
CA LYS A 38 -22.28 7.56 -31.01
C LYS A 38 -22.29 7.93 -29.52
N VAL A 39 -22.65 6.98 -28.65
CA VAL A 39 -22.74 7.19 -27.17
C VAL A 39 -21.33 7.42 -26.61
N LEU A 40 -20.34 6.65 -27.08
CA LEU A 40 -18.92 6.82 -26.66
C LEU A 40 -18.49 8.27 -26.90
N TRP A 41 -18.77 8.80 -28.09
CA TRP A 41 -18.38 10.18 -28.50
C TRP A 41 -19.17 11.20 -27.67
N GLU A 42 -20.50 11.11 -27.68
CA GLU A 42 -21.40 12.13 -27.08
C GLU A 42 -21.23 12.15 -25.55
N SER A 43 -20.88 11.03 -24.92
CA SER A 43 -20.89 10.87 -23.43
C SER A 43 -19.49 10.94 -22.81
N ARG A 44 -18.42 10.77 -23.59
N ARG A 44 -18.43 10.80 -23.60
CA ARG A 44 -17.02 10.75 -23.05
CA ARG A 44 -17.03 10.68 -23.07
C ARG A 44 -16.04 11.40 -24.05
C ARG A 44 -16.02 11.35 -24.02
N TRP A 45 -15.82 10.76 -25.20
CA TRP A 45 -14.69 11.07 -26.12
C TRP A 45 -14.75 12.52 -26.62
N LYS A 46 -15.94 13.06 -26.91
CA LYS A 46 -16.13 14.46 -27.36
C LYS A 46 -15.53 15.41 -26.31
N PHE A 47 -15.81 15.15 -25.03
CA PHE A 47 -15.35 15.98 -23.89
CA PHE A 47 -15.35 15.97 -23.87
C PHE A 47 -13.83 15.83 -23.73
N ALA A 48 -13.34 14.59 -23.73
CA ALA A 48 -11.91 14.24 -23.64
C ALA A 48 -11.15 14.94 -24.76
N CYS A 49 -11.70 14.91 -25.98
CA CYS A 49 -11.10 15.53 -27.19
C CYS A 49 -11.02 17.05 -27.01
N SER A 50 -12.09 17.68 -26.53
CA SER A 50 -12.17 19.15 -26.27
C SER A 50 -11.05 19.57 -25.30
N LYS A 51 -10.84 18.79 -24.25
CA LYS A 51 -9.84 19.06 -23.17
C LYS A 51 -8.43 18.70 -23.65
N SER A 52 -8.31 17.98 -24.76
CA SER A 52 -7.03 17.46 -25.31
C SER A 52 -6.35 16.58 -24.25
N VAL A 53 -7.12 15.66 -23.67
CA VAL A 53 -6.64 14.65 -22.68
C VAL A 53 -6.89 13.26 -23.26
N TYR A 54 -6.30 12.24 -22.65
CA TYR A 54 -6.27 10.84 -23.15
C TYR A 54 -7.66 10.41 -23.60
N PRO A 55 -7.83 9.75 -24.78
CA PRO A 55 -6.73 9.41 -25.69
C PRO A 55 -6.36 10.47 -26.75
N PHE A 56 -6.81 11.71 -26.57
CA PHE A 56 -6.75 12.81 -27.57
C PHE A 56 -5.66 13.82 -27.22
N HIS A 57 -4.76 13.49 -26.29
CA HIS A 57 -3.63 14.34 -25.86
C HIS A 57 -2.79 14.72 -27.09
N ASP A 58 -2.43 16.01 -27.20
CA ASP A 58 -1.72 16.65 -28.35
C ASP A 58 -2.70 16.97 -29.49
N GLY A 59 -3.97 16.55 -29.37
CA GLY A 59 -4.96 16.58 -30.48
C GLY A 59 -5.91 17.75 -30.35
N SER A 60 -6.68 18.00 -31.41
CA SER A 60 -7.62 19.17 -31.53
C SER A 60 -9.01 18.68 -31.94
N ILE A 61 -10.05 19.14 -31.23
CA ILE A 61 -11.48 18.81 -31.49
C ILE A 61 -11.85 19.19 -32.94
N GLU A 62 -11.25 20.24 -33.50
CA GLU A 62 -11.56 20.70 -34.88
C GLU A 62 -11.19 19.60 -35.88
N ASP A 63 -10.19 18.77 -35.54
CA ASP A 63 -9.72 17.66 -36.41
C ASP A 63 -10.68 16.47 -36.34
N PHE A 64 -11.30 16.22 -35.17
CA PHE A 64 -12.01 14.94 -34.88
C PHE A 64 -13.52 15.05 -35.07
N GLU A 65 -14.12 16.21 -34.75
CA GLU A 65 -15.61 16.38 -34.77
C GLU A 65 -16.16 15.98 -36.14
N PRO A 66 -15.59 16.46 -37.28
CA PRO A 66 -16.06 16.04 -38.61
C PRO A 66 -15.96 14.52 -38.83
N ILE A 67 -14.88 13.88 -38.35
CA ILE A 67 -14.62 12.42 -38.55
C ILE A 67 -15.69 11.61 -37.80
N PHE A 68 -15.97 11.97 -36.54
CA PHE A 68 -16.89 11.21 -35.65
C PHE A 68 -18.34 11.44 -36.10
N ASN A 69 -18.67 12.65 -36.56
CA ASN A 69 -19.99 12.97 -37.16
C ASN A 69 -20.22 12.03 -38.36
N HIS A 70 -19.18 11.83 -39.19
CA HIS A 70 -19.20 10.90 -40.35
C HIS A 70 -19.41 9.45 -39.86
N LEU A 71 -18.66 9.01 -38.86
CA LEU A 71 -18.72 7.62 -38.33
C LEU A 71 -20.12 7.33 -37.76
N ILE A 72 -20.68 8.31 -37.04
CA ILE A 72 -22.02 8.20 -36.39
C ILE A 72 -23.11 8.18 -37.48
N SER A 73 -23.00 9.02 -38.50
CA SER A 73 -23.97 9.12 -39.62
C SER A 73 -24.03 7.79 -40.38
N LYS A 74 -22.89 7.10 -40.50
CA LYS A 74 -22.77 5.79 -41.21
C LYS A 74 -22.97 4.62 -40.22
N ASN A 75 -23.16 4.93 -38.93
CA ASN A 75 -23.42 3.94 -37.85
C ASN A 75 -22.28 2.91 -37.81
N ILE A 76 -21.03 3.38 -37.88
CA ILE A 76 -19.80 2.55 -37.74
C ILE A 76 -19.45 2.50 -36.24
N ASN A 77 -19.54 1.31 -35.63
CA ASN A 77 -19.33 1.09 -34.17
C ASN A 77 -18.09 0.20 -33.93
N ASP A 78 -17.77 -0.70 -34.86
CA ASP A 78 -16.61 -1.63 -34.77
C ASP A 78 -15.33 -0.87 -35.11
N ALA A 79 -14.53 -0.51 -34.10
CA ALA A 79 -13.24 0.21 -34.24
C ALA A 79 -12.21 -0.69 -34.93
N ALA A 80 -12.32 -2.01 -34.77
CA ALA A 80 -11.40 -3.02 -35.37
C ALA A 80 -11.50 -3.01 -36.90
N SER A 81 -12.63 -2.56 -37.46
CA SER A 81 -12.96 -2.59 -38.92
C SER A 81 -12.18 -1.50 -39.68
N ASP A 82 -12.00 -1.70 -40.99
CA ASP A 82 -11.28 -0.76 -41.89
C ASP A 82 -12.12 0.49 -42.13
N GLU A 83 -13.44 0.37 -42.10
CA GLU A 83 -14.40 1.50 -42.31
C GLU A 83 -14.14 2.59 -41.25
N TYR A 84 -13.90 2.19 -40.00
CA TYR A 84 -13.56 3.11 -38.88
C TYR A 84 -12.20 3.76 -39.15
N THR A 85 -11.17 2.95 -39.37
CA THR A 85 -9.75 3.38 -39.53
C THR A 85 -9.62 4.38 -40.68
N GLN A 86 -10.22 4.09 -41.84
CA GLN A 86 -10.01 4.87 -43.09
C GLN A 86 -10.74 6.22 -43.04
N ALA A 87 -11.71 6.38 -42.13
CA ALA A 87 -12.48 7.63 -41.94
C ALA A 87 -11.56 8.77 -41.47
N PHE A 88 -10.40 8.44 -40.88
CA PHE A 88 -9.47 9.40 -40.23
C PHE A 88 -8.39 9.88 -41.20
N LEU A 89 -8.09 9.09 -42.22
CA LEU A 89 -6.83 9.21 -43.02
C LEU A 89 -6.84 10.48 -43.87
N PRO A 90 -7.95 10.86 -44.54
CA PRO A 90 -8.00 12.13 -45.28
C PRO A 90 -7.72 13.38 -44.43
N THR A 91 -8.18 13.40 -43.17
CA THR A 91 -7.91 14.50 -42.21
C THR A 91 -6.41 14.56 -41.92
N ALA A 92 -5.79 13.40 -41.65
CA ALA A 92 -4.34 13.25 -41.39
C ALA A 92 -3.55 13.81 -42.58
N SER A 93 -3.97 13.49 -43.80
CA SER A 93 -3.37 13.96 -45.08
C SER A 93 -3.37 15.50 -45.13
N ALA A 94 -4.54 16.11 -44.93
CA ALA A 94 -4.75 17.57 -44.96
C ALA A 94 -3.86 18.26 -43.92
N LEU A 95 -3.73 17.68 -42.74
CA LEU A 95 -2.89 18.23 -41.65
C LEU A 95 -1.41 18.17 -42.06
N GLU A 96 -0.98 17.06 -42.67
CA GLU A 96 0.41 16.89 -43.18
C GLU A 96 0.71 17.95 -44.25
N GLU A 97 -0.27 18.30 -45.09
CA GLU A 97 -0.10 19.34 -46.14
C GLU A 97 -0.03 20.73 -45.50
N LYS A 98 -0.88 20.99 -44.49
CA LYS A 98 -0.87 22.27 -43.72
C LYS A 98 0.49 22.44 -43.04
N ALA A 99 1.04 21.34 -42.49
CA ALA A 99 2.38 21.31 -41.84
C ALA A 99 3.48 21.59 -42.87
N ALA A 100 3.36 21.01 -44.06
CA ALA A 100 4.30 21.20 -45.20
C ALA A 100 4.34 22.68 -45.59
N GLN A 101 3.17 23.33 -45.63
CA GLN A 101 3.00 24.78 -45.94
C GLN A 101 3.65 25.61 -44.83
N ALA A 102 3.32 25.31 -43.57
CA ALA A 102 3.84 26.02 -42.37
C ALA A 102 5.38 25.99 -42.38
N LEU A 103 5.97 24.82 -42.63
CA LEU A 103 7.45 24.61 -42.61
C LEU A 103 8.09 25.49 -43.69
N GLN A 104 7.56 25.45 -44.92
CA GLN A 104 8.07 26.21 -46.10
C GLN A 104 8.06 27.71 -45.81
N ALA A 105 7.11 28.18 -44.99
CA ALA A 105 6.96 29.60 -44.58
C ALA A 105 7.82 29.91 -43.34
N GLY A 106 8.54 28.91 -42.81
CA GLY A 106 9.44 29.06 -41.66
C GLY A 106 8.70 29.06 -40.33
N LYS A 107 7.45 28.58 -40.31
CA LYS A 107 6.60 28.48 -39.09
C LYS A 107 6.80 27.07 -38.49
N HIS A 108 7.94 26.84 -37.85
CA HIS A 108 8.40 25.51 -37.34
C HIS A 108 7.52 25.06 -36.17
N GLU A 109 7.13 25.99 -35.29
CA GLU A 109 6.26 25.71 -34.11
C GLU A 109 4.86 25.30 -34.58
N GLU A 110 4.32 25.98 -35.60
CA GLU A 110 2.98 25.68 -36.19
C GLU A 110 3.04 24.31 -36.88
N ALA A 111 4.10 24.05 -37.66
CA ALA A 111 4.30 22.80 -38.44
C ALA A 111 4.38 21.61 -37.48
N SER A 112 5.15 21.74 -36.39
CA SER A 112 5.30 20.72 -35.32
C SER A 112 3.93 20.40 -34.71
N ASN A 113 3.14 21.44 -34.40
CA ASN A 113 1.79 21.31 -33.78
C ASN A 113 0.86 20.59 -34.77
N LEU A 114 0.86 20.99 -36.04
CA LEU A 114 0.01 20.37 -37.10
C LEU A 114 0.40 18.88 -37.22
N LEU A 115 1.69 18.56 -37.22
CA LEU A 115 2.18 17.16 -37.35
C LEU A 115 1.81 16.35 -36.09
N CYS A 116 1.89 16.96 -34.91
CA CYS A 116 1.45 16.33 -33.63
C CYS A 116 -0.04 16.07 -33.71
N ARG A 117 -0.81 17.02 -34.25
CA ARG A 117 -2.28 16.89 -34.46
C ARG A 117 -2.57 15.73 -35.42
N ALA A 118 -1.82 15.62 -36.53
CA ALA A 118 -1.93 14.50 -37.50
C ALA A 118 -1.65 13.18 -36.78
N ALA A 119 -0.60 13.13 -35.96
CA ALA A 119 -0.22 11.93 -35.16
C ALA A 119 -1.41 11.47 -34.31
N VAL A 120 -2.16 12.39 -33.69
CA VAL A 120 -3.30 11.99 -32.81
C VAL A 120 -4.42 11.43 -33.69
N VAL A 121 -4.66 12.02 -34.86
CA VAL A 121 -5.68 11.51 -35.84
C VAL A 121 -5.35 10.06 -36.18
N TYR A 122 -4.08 9.77 -36.51
CA TYR A 122 -3.60 8.40 -36.81
C TYR A 122 -3.79 7.52 -35.57
N ARG A 123 -3.44 8.03 -34.39
CA ARG A 123 -3.51 7.27 -33.10
C ARG A 123 -4.93 6.74 -32.88
N ILE A 124 -5.94 7.62 -32.99
CA ILE A 124 -7.37 7.27 -32.74
C ILE A 124 -7.85 6.32 -33.84
N SER A 125 -7.36 6.50 -35.08
CA SER A 125 -7.71 5.65 -36.25
C SER A 125 -7.33 4.19 -35.98
N ARG A 126 -6.22 3.95 -35.26
CA ARG A 126 -5.66 2.59 -35.02
C ARG A 126 -6.03 2.09 -33.62
N PHE A 127 -6.93 2.79 -32.92
CA PHE A 127 -7.51 2.37 -31.62
C PHE A 127 -8.38 1.14 -31.89
N PRO A 128 -8.44 0.13 -30.98
CA PRO A 128 -7.63 0.07 -29.76
C PRO A 128 -6.30 -0.70 -29.86
N TYR A 129 -6.06 -1.41 -30.96
CA TYR A 129 -4.94 -2.38 -31.09
C TYR A 129 -4.49 -2.49 -32.54
N VAL A 130 -3.19 -2.26 -32.78
CA VAL A 130 -2.46 -2.68 -34.01
C VAL A 130 -2.14 -4.17 -33.84
N ASP A 131 -2.74 -5.02 -34.66
CA ASP A 131 -2.53 -6.49 -34.62
C ASP A 131 -1.11 -6.79 -35.12
N ILE A 132 -0.24 -7.29 -34.24
CA ILE A 132 1.20 -7.53 -34.50
C ILE A 132 1.38 -8.71 -35.48
N THR A 133 0.34 -9.53 -35.68
CA THR A 133 0.37 -10.71 -36.58
C THR A 133 -0.14 -10.35 -37.99
N LYS A 134 -0.70 -9.15 -38.17
CA LYS A 134 -1.31 -8.68 -39.46
C LYS A 134 -0.63 -7.39 -39.90
N PRO A 135 0.62 -7.45 -40.43
CA PRO A 135 1.37 -6.25 -40.80
C PRO A 135 0.84 -5.49 -42.02
N ASN A 136 -0.08 -6.08 -42.79
CA ASN A 136 -0.69 -5.43 -43.99
C ASN A 136 -1.94 -4.64 -43.57
N SER A 137 -2.35 -4.71 -42.30
CA SER A 137 -3.58 -4.07 -41.77
C SER A 137 -3.48 -2.55 -41.92
N ILE A 138 -4.61 -1.87 -42.10
CA ILE A 138 -4.67 -0.38 -42.25
C ILE A 138 -4.18 0.27 -40.94
N LYS A 139 -4.46 -0.36 -39.80
CA LYS A 139 -4.07 0.15 -38.45
C LYS A 139 -2.53 0.17 -38.33
N ARG A 140 -1.85 -0.86 -38.85
CA ARG A 140 -0.36 -0.89 -38.92
C ARG A 140 0.09 0.30 -39.80
N VAL A 141 -0.51 0.45 -40.99
CA VAL A 141 -0.21 1.56 -41.93
C VAL A 141 -0.41 2.90 -41.20
N ALA A 142 -1.51 3.05 -40.46
CA ALA A 142 -1.83 4.26 -39.66
C ALA A 142 -0.71 4.54 -38.65
N PHE A 143 -0.28 3.51 -37.92
CA PHE A 143 0.81 3.59 -36.91
C PHE A 143 2.13 3.97 -37.58
N GLU A 144 2.44 3.40 -38.74
CA GLU A 144 3.67 3.71 -39.51
C GLU A 144 3.67 5.20 -39.89
N ARG A 145 2.53 5.73 -40.35
CA ARG A 145 2.38 7.16 -40.74
C ARG A 145 2.46 8.05 -39.48
N GLN A 146 1.89 7.60 -38.36
CA GLN A 146 1.89 8.34 -37.08
C GLN A 146 3.34 8.56 -36.63
N LYS A 147 4.14 7.49 -36.64
CA LYS A 147 5.55 7.52 -36.18
C LYS A 147 6.34 8.53 -37.04
N GLN A 148 6.10 8.53 -38.35
CA GLN A 148 6.80 9.43 -39.32
C GLN A 148 6.41 10.89 -39.01
N ALA A 149 5.11 11.16 -38.89
CA ALA A 149 4.57 12.49 -38.52
C ALA A 149 5.20 12.94 -37.20
N TYR A 150 5.16 12.08 -36.19
CA TYR A 150 5.59 12.39 -34.80
C TYR A 150 7.09 12.69 -34.75
N LEU A 151 7.93 11.86 -35.38
CA LEU A 151 9.41 12.08 -35.43
C LEU A 151 9.71 13.42 -36.11
N LYS A 152 9.01 13.75 -37.19
CA LYS A 152 9.17 15.04 -37.92
C LYS A 152 8.79 16.20 -36.99
N ALA A 153 7.66 16.08 -36.28
CA ALA A 153 7.15 17.08 -35.31
C ALA A 153 8.21 17.34 -34.21
N THR A 154 8.76 16.26 -33.63
CA THR A 154 9.62 16.32 -32.41
C THR A 154 11.07 16.64 -32.80
N SER A 155 11.44 16.48 -34.08
CA SER A 155 12.78 16.84 -34.61
C SER A 155 13.01 18.35 -34.49
N LEU A 156 11.93 19.13 -34.40
CA LEU A 156 11.93 20.62 -34.37
C LEU A 156 12.02 21.14 -32.92
N TRP A 157 11.77 20.27 -31.92
CA TRP A 157 11.87 20.62 -30.48
C TRP A 157 13.32 20.92 -30.11
N THR A 158 13.53 21.85 -29.18
CA THR A 158 14.88 22.25 -28.66
C THR A 158 15.58 21.02 -28.09
N GLN A 159 14.84 20.19 -27.34
CA GLN A 159 15.25 18.84 -26.88
C GLN A 159 14.43 17.82 -27.67
N PRO A 160 14.91 17.37 -28.86
CA PRO A 160 14.11 16.51 -29.73
C PRO A 160 13.97 15.08 -29.20
N ILE A 161 12.83 14.43 -29.48
CA ILE A 161 12.70 12.96 -29.35
C ILE A 161 13.54 12.33 -30.46
N ARG A 162 14.43 11.40 -30.10
CA ARG A 162 15.25 10.63 -31.06
C ARG A 162 14.89 9.16 -30.93
N GLU A 163 14.69 8.48 -32.06
CA GLU A 163 14.50 7.03 -32.11
C GLU A 163 15.89 6.38 -32.16
N VAL A 164 16.14 5.42 -31.26
CA VAL A 164 17.30 4.48 -31.32
C VAL A 164 16.74 3.07 -31.53
N THR A 165 17.25 2.34 -32.52
CA THR A 165 16.95 0.91 -32.74
C THR A 165 17.99 0.09 -31.95
N VAL A 166 17.66 -0.24 -30.70
CA VAL A 166 18.55 -1.00 -29.78
C VAL A 166 18.60 -2.45 -30.25
N PRO A 167 19.78 -2.99 -30.63
CA PRO A 167 19.89 -4.40 -31.00
C PRO A 167 19.51 -5.25 -29.77
N HIS A 168 18.64 -6.25 -29.99
CA HIS A 168 18.15 -7.17 -28.93
C HIS A 168 19.21 -8.26 -28.72
N THR A 169 20.32 -7.91 -28.05
CA THR A 169 21.52 -8.78 -27.87
C THR A 169 21.17 -9.95 -26.95
N TYR A 170 20.16 -9.79 -26.09
CA TYR A 170 19.67 -10.82 -25.14
C TYR A 170 18.50 -11.61 -25.75
N ARG A 171 18.21 -11.43 -27.05
CA ARG A 171 17.13 -12.17 -27.75
C ARG A 171 17.42 -13.68 -27.67
N THR A 172 16.38 -14.48 -27.44
CA THR A 172 16.39 -15.96 -27.58
C THR A 172 15.04 -16.40 -28.15
N GLY A 173 14.92 -17.67 -28.57
CA GLY A 173 13.67 -18.26 -29.08
C GLY A 173 13.13 -17.49 -30.27
N ASN A 174 11.85 -17.10 -30.21
CA ASN A 174 11.10 -16.43 -31.32
C ASN A 174 11.16 -14.90 -31.16
N ASP A 175 12.06 -14.38 -30.31
CA ASP A 175 12.29 -12.92 -30.16
C ASP A 175 12.78 -12.32 -31.48
N GLY A 176 12.28 -11.14 -31.84
CA GLY A 176 12.80 -10.32 -32.96
C GLY A 176 14.14 -9.71 -32.61
N ALA A 177 14.79 -9.07 -33.59
CA ALA A 177 16.20 -8.62 -33.53
C ALA A 177 16.32 -7.21 -32.94
N HIS A 178 15.31 -6.36 -33.11
CA HIS A 178 15.41 -4.89 -32.96
C HIS A 178 14.39 -4.34 -31.95
N ILE A 179 14.84 -3.43 -31.07
CA ILE A 179 14.01 -2.74 -30.04
C ILE A 179 14.03 -1.25 -30.36
N PRO A 180 13.03 -0.72 -31.10
CA PRO A 180 12.95 0.72 -31.31
C PRO A 180 12.40 1.42 -30.06
N ILE A 181 13.16 2.35 -29.51
CA ILE A 181 12.78 3.18 -28.34
C ILE A 181 12.90 4.66 -28.72
N TYR A 182 12.12 5.51 -28.05
CA TYR A 182 12.27 6.99 -28.08
C TYR A 182 13.09 7.40 -26.86
N ILE A 183 14.09 8.26 -27.09
CA ILE A 183 14.88 8.90 -26.00
C ILE A 183 14.76 10.41 -26.18
N ARG A 184 14.61 11.12 -25.05
CA ARG A 184 14.62 12.60 -24.96
C ARG A 184 15.44 12.98 -23.72
N THR A 185 16.45 13.84 -23.90
CA THR A 185 17.42 14.23 -22.85
C THR A 185 17.27 15.71 -22.57
N PRO A 186 17.28 16.14 -21.28
CA PRO A 186 17.11 17.54 -20.92
C PRO A 186 18.39 18.33 -21.27
N ALA A 187 18.27 19.66 -21.34
CA ALA A 187 19.40 20.59 -21.59
C ALA A 187 20.47 20.41 -20.50
N GLY A 188 21.73 20.25 -20.91
CA GLY A 188 22.89 20.16 -20.00
C GLY A 188 23.30 18.73 -19.69
N ALA A 189 22.59 17.75 -20.22
CA ALA A 189 22.88 16.30 -20.04
C ALA A 189 24.14 15.93 -20.84
N ASP A 190 25.19 15.47 -20.15
CA ASP A 190 26.48 15.07 -20.75
C ASP A 190 27.20 14.08 -19.82
N GLN A 191 28.36 13.57 -20.23
CA GLN A 191 29.17 12.56 -19.50
C GLN A 191 29.56 13.10 -18.11
N SER A 192 29.81 14.41 -17.99
CA SER A 192 30.23 15.07 -16.73
C SER A 192 29.05 15.21 -15.76
N ASN A 193 27.84 15.40 -16.30
CA ASN A 193 26.59 15.64 -15.52
C ASN A 193 25.48 14.73 -16.05
N PRO A 194 25.62 13.39 -15.87
CA PRO A 194 24.62 12.45 -16.39
C PRO A 194 23.32 12.55 -15.57
N VAL A 195 22.17 12.37 -16.23
CA VAL A 195 20.83 12.67 -15.64
C VAL A 195 20.11 11.37 -15.31
N PRO A 196 19.20 11.38 -14.30
CA PRO A 196 18.33 10.23 -14.04
C PRO A 196 17.49 9.82 -15.26
N ILE A 197 16.96 8.59 -15.23
CA ILE A 197 16.18 7.98 -16.35
C ILE A 197 14.78 7.64 -15.83
N VAL A 198 13.74 8.12 -16.49
CA VAL A 198 12.36 7.54 -16.36
C VAL A 198 12.10 6.74 -17.64
N LEU A 199 11.99 5.41 -17.49
CA LEU A 199 11.72 4.45 -18.59
C LEU A 199 10.22 4.17 -18.63
N ILE A 200 9.53 4.72 -19.63
CA ILE A 200 8.07 4.49 -19.84
C ILE A 200 7.89 3.16 -20.59
N MET A 201 7.08 2.27 -20.01
CA MET A 201 6.56 1.02 -20.65
C MET A 201 5.10 1.27 -21.03
N THR A 202 4.83 1.32 -22.33
CA THR A 202 3.53 1.77 -22.89
C THR A 202 2.56 0.57 -22.89
N GLY A 203 1.39 0.71 -23.50
CA GLY A 203 0.25 -0.18 -23.25
C GLY A 203 -0.34 -0.80 -24.50
N LEU A 204 -1.61 -1.20 -24.41
CA LEU A 204 -2.36 -1.91 -25.45
C LEU A 204 -2.65 -0.95 -26.61
N ASP A 205 -3.02 0.30 -26.29
CA ASP A 205 -3.52 1.31 -27.27
C ASP A 205 -2.61 2.54 -27.32
N GLY A 206 -1.64 2.64 -26.39
CA GLY A 206 -0.62 3.71 -26.35
C GLY A 206 0.76 3.16 -26.63
N TYR A 207 1.43 3.68 -27.67
CA TYR A 207 2.80 3.24 -28.10
C TYR A 207 3.75 4.41 -27.90
N ARG A 208 4.98 4.33 -28.44
CA ARG A 208 6.07 5.28 -28.09
C ARG A 208 5.72 6.72 -28.49
N PRO A 209 4.97 7.01 -29.59
CA PRO A 209 4.66 8.39 -29.94
C PRO A 209 3.56 9.08 -29.10
N ASP A 210 3.00 8.38 -28.10
CA ASP A 210 1.74 8.79 -27.41
C ASP A 210 2.03 9.32 -26.00
N ASN A 211 3.20 9.94 -25.77
CA ASN A 211 3.68 10.26 -24.40
C ASN A 211 4.34 11.64 -24.35
N SER A 212 3.97 12.57 -25.23
CA SER A 212 4.59 13.92 -25.33
C SER A 212 4.65 14.57 -23.94
N GLN A 213 3.51 14.76 -23.28
CA GLN A 213 3.39 15.55 -22.03
C GLN A 213 4.21 14.87 -20.93
N ARG A 214 4.18 13.53 -20.85
CA ARG A 214 5.01 12.78 -19.87
C ARG A 214 6.49 13.14 -20.09
N THR A 215 6.95 13.21 -21.34
CA THR A 215 8.39 13.53 -21.66
C THR A 215 8.67 14.99 -21.27
N HIS A 216 7.74 15.92 -21.51
CA HIS A 216 7.85 17.35 -21.09
C HIS A 216 8.13 17.42 -19.58
N GLU A 217 7.31 16.72 -18.79
CA GLU A 217 7.33 16.73 -17.30
C GLU A 217 8.63 16.11 -16.80
N ILE A 218 9.06 14.99 -17.39
CA ILE A 218 10.32 14.28 -17.04
C ILE A 218 11.50 15.21 -17.30
N LEU A 219 11.54 15.88 -18.45
CA LEU A 219 12.64 16.81 -18.85
C LEU A 219 12.63 18.06 -17.95
N ALA A 220 11.46 18.55 -17.55
CA ALA A 220 11.29 19.77 -16.74
C ALA A 220 11.86 19.56 -15.33
N ARG A 221 11.99 18.30 -14.90
CA ARG A 221 12.52 17.90 -13.58
C ARG A 221 14.00 17.49 -13.71
N GLY A 222 14.59 17.70 -14.90
CA GLY A 222 16.03 17.49 -15.17
C GLY A 222 16.35 16.04 -15.44
N TRP A 223 15.36 15.24 -15.86
CA TRP A 223 15.51 13.77 -16.10
C TRP A 223 15.38 13.47 -17.60
N ALA A 224 15.94 12.35 -18.03
CA ALA A 224 15.79 11.78 -19.39
C ALA A 224 14.53 10.92 -19.43
N ALA A 225 13.83 10.94 -20.57
CA ALA A 225 12.65 10.08 -20.87
C ALA A 225 13.07 9.02 -21.90
N VAL A 226 12.85 7.75 -21.58
CA VAL A 226 13.00 6.62 -22.53
C VAL A 226 11.64 5.95 -22.67
N VAL A 227 11.19 5.69 -23.90
CA VAL A 227 9.85 5.09 -24.15
C VAL A 227 10.03 3.81 -24.96
N ALA A 228 9.50 2.70 -24.43
CA ALA A 228 9.58 1.33 -24.99
C ALA A 228 8.18 0.73 -24.98
N GLU A 229 7.80 0.00 -26.03
CA GLU A 229 6.51 -0.73 -26.11
C GLU A 229 6.66 -2.09 -25.43
N ILE A 230 5.54 -2.70 -25.04
CA ILE A 230 5.51 -3.96 -24.24
C ILE A 230 5.26 -5.14 -25.17
N PRO A 231 5.66 -6.37 -24.75
CA PRO A 231 5.42 -7.59 -25.52
C PRO A 231 4.00 -7.66 -26.10
N GLY A 232 3.89 -8.11 -27.35
CA GLY A 232 2.61 -8.35 -28.05
C GLY A 232 1.96 -7.05 -28.50
N THR A 233 2.72 -5.95 -28.59
CA THR A 233 2.22 -4.65 -29.09
C THR A 233 3.25 -4.03 -30.05
N ALA A 234 2.77 -3.15 -30.94
CA ALA A 234 3.56 -2.19 -31.72
C ALA A 234 4.82 -2.87 -32.29
N ASP A 235 6.01 -2.35 -32.00
CA ASP A 235 7.29 -2.84 -32.61
C ASP A 235 8.14 -3.54 -31.54
N CYS A 236 7.52 -4.03 -30.45
CA CYS A 236 8.20 -4.84 -29.43
C CYS A 236 8.60 -6.18 -30.04
N PRO A 237 9.89 -6.56 -30.04
CA PRO A 237 10.35 -7.82 -30.63
C PRO A 237 10.21 -9.03 -29.69
N ALA A 238 9.87 -8.80 -28.43
CA ALA A 238 9.70 -9.84 -27.39
C ALA A 238 8.65 -10.86 -27.87
N ASP A 239 8.93 -12.15 -27.68
CA ASP A 239 7.97 -13.25 -27.95
C ASP A 239 6.77 -13.08 -27.02
N PRO A 240 5.58 -12.71 -27.54
CA PRO A 240 4.42 -12.44 -26.68
C PRO A 240 3.94 -13.69 -25.93
N ALA A 241 4.19 -14.87 -26.51
CA ALA A 241 3.77 -16.19 -25.99
C ALA A 241 4.69 -16.63 -24.85
N ASP A 242 5.92 -16.12 -24.77
CA ASP A 242 6.93 -16.52 -23.75
C ASP A 242 6.86 -15.55 -22.58
N PRO A 243 6.40 -16.00 -21.39
CA PRO A 243 6.30 -15.11 -20.22
C PRO A 243 7.63 -14.49 -19.77
N ALA A 244 8.76 -15.11 -20.13
CA ALA A 244 10.13 -14.65 -19.79
C ALA A 244 10.64 -13.62 -20.82
N SER A 245 9.90 -13.38 -21.91
CA SER A 245 10.33 -12.49 -23.03
C SER A 245 10.58 -11.06 -22.55
N PRO A 246 9.74 -10.46 -21.67
CA PRO A 246 10.04 -9.12 -21.13
C PRO A 246 11.37 -9.02 -20.39
N ASP A 247 11.77 -10.08 -19.67
CA ASP A 247 13.01 -10.11 -18.86
C ASP A 247 14.21 -9.89 -19.80
N ARG A 248 14.21 -10.56 -20.94
CA ARG A 248 15.28 -10.46 -21.97
C ARG A 248 15.22 -9.07 -22.62
N LEU A 249 14.02 -8.59 -22.93
CA LEU A 249 13.76 -7.27 -23.56
C LEU A 249 14.45 -6.17 -22.72
N TRP A 250 14.20 -6.16 -21.41
CA TRP A 250 14.72 -5.12 -20.49
C TRP A 250 16.23 -5.33 -20.27
N ASP A 251 16.72 -6.57 -20.28
CA ASP A 251 18.18 -6.85 -20.22
C ASP A 251 18.87 -6.09 -21.35
N SER A 252 18.31 -6.12 -22.57
CA SER A 252 18.83 -5.41 -23.76
C SER A 252 18.74 -3.90 -23.57
N VAL A 253 17.56 -3.38 -23.21
CA VAL A 253 17.30 -1.91 -23.08
C VAL A 253 18.21 -1.33 -21.99
N LEU A 254 18.22 -1.94 -20.79
CA LEU A 254 18.98 -1.43 -19.62
C LEU A 254 20.49 -1.46 -19.91
N SER A 255 20.95 -2.47 -20.64
CA SER A 255 22.38 -2.64 -21.06
C SER A 255 22.78 -1.51 -22.02
N TYR A 256 21.89 -1.12 -22.93
CA TYR A 256 22.10 0.00 -23.89
C TYR A 256 22.23 1.32 -23.12
N LEU A 257 21.31 1.56 -22.18
CA LEU A 257 21.25 2.80 -21.36
C LEU A 257 22.48 2.89 -20.45
N ASP A 258 22.97 1.75 -19.94
CA ASP A 258 24.22 1.67 -19.14
C ASP A 258 25.38 2.28 -19.93
N GLN A 259 25.47 2.00 -21.23
CA GLN A 259 26.56 2.44 -22.14
C GLN A 259 26.43 3.95 -22.42
N ARG A 260 25.21 4.48 -22.49
CA ARG A 260 24.93 5.90 -22.83
C ARG A 260 25.53 6.81 -21.77
N PRO A 261 26.53 7.65 -22.11
CA PRO A 261 27.29 8.42 -21.11
C PRO A 261 26.49 9.46 -20.31
N GLU A 262 25.45 10.04 -20.90
CA GLU A 262 24.69 11.18 -20.32
C GLU A 262 23.51 10.69 -19.47
N LEU A 263 23.28 9.37 -19.41
CA LEU A 263 22.13 8.75 -18.71
C LEU A 263 22.65 7.96 -17.50
N ASN A 264 22.18 8.32 -16.30
CA ASN A 264 22.58 7.70 -15.01
C ASN A 264 21.61 6.56 -14.68
N THR A 265 22.01 5.32 -14.96
CA THR A 265 21.19 4.09 -14.72
C THR A 265 21.22 3.69 -13.24
N ALA A 266 22.02 4.38 -12.41
CA ALA A 266 22.01 4.24 -10.94
C ALA A 266 20.83 5.02 -10.34
N LYS A 267 20.22 5.91 -11.11
CA LYS A 267 19.00 6.67 -10.73
C LYS A 267 17.93 6.47 -11.81
N MET A 268 17.42 5.24 -11.92
CA MET A 268 16.45 4.82 -12.97
C MET A 268 15.13 4.38 -12.33
N VAL A 269 14.01 4.82 -12.91
CA VAL A 269 12.64 4.38 -12.52
C VAL A 269 11.91 3.94 -13.79
N VAL A 270 11.09 2.88 -13.69
CA VAL A 270 10.22 2.41 -14.80
C VAL A 270 8.79 2.86 -14.51
N TRP A 271 8.06 3.22 -15.57
CA TRP A 271 6.67 3.74 -15.50
C TRP A 271 5.81 2.95 -16.49
N GLY A 272 5.05 1.99 -15.97
CA GLY A 272 4.12 1.14 -16.76
C GLY A 272 2.74 1.75 -16.84
N LEU A 273 2.27 2.01 -18.06
CA LEU A 273 0.95 2.65 -18.33
C LEU A 273 -0.07 1.56 -18.72
N SER A 274 -1.14 1.41 -17.93
CA SER A 274 -2.28 0.53 -18.25
C SER A 274 -1.77 -0.89 -18.45
N ALA A 275 -1.77 -1.44 -19.67
CA ALA A 275 -1.20 -2.77 -20.00
C ALA A 275 0.31 -2.81 -19.66
N GLY A 276 0.98 -1.66 -19.71
CA GLY A 276 2.40 -1.53 -19.32
C GLY A 276 2.62 -1.75 -17.83
N GLY A 277 1.59 -1.54 -17.01
CA GLY A 277 1.63 -1.68 -15.54
C GLY A 277 2.06 -3.08 -15.13
N TYR A 278 1.57 -4.11 -15.81
CA TYR A 278 1.98 -5.53 -15.62
C TYR A 278 3.51 -5.63 -15.69
N TYR A 279 4.11 -4.96 -16.68
CA TYR A 279 5.55 -5.05 -17.03
C TYR A 279 6.38 -4.22 -16.05
N ALA A 280 5.83 -3.10 -15.57
CA ALA A 280 6.46 -2.32 -14.48
C ALA A 280 6.52 -3.19 -13.23
N ILE A 281 5.43 -3.87 -12.88
CA ILE A 281 5.36 -4.74 -11.66
C ILE A 281 6.38 -5.87 -11.82
N ARG A 282 6.37 -6.56 -12.95
CA ARG A 282 7.27 -7.71 -13.24
C ARG A 282 8.72 -7.23 -13.15
N ALA A 283 9.07 -6.14 -13.84
CA ALA A 283 10.44 -5.56 -13.90
C ALA A 283 10.89 -5.16 -12.49
N ALA A 284 9.99 -4.66 -11.65
CA ALA A 284 10.29 -4.22 -10.28
C ALA A 284 10.84 -5.39 -9.45
N HIS A 285 10.51 -6.63 -9.83
CA HIS A 285 11.00 -7.88 -9.20
C HIS A 285 12.23 -8.40 -9.96
N THR A 286 12.11 -8.59 -11.28
CA THR A 286 13.13 -9.27 -12.13
C THR A 286 14.40 -8.43 -12.20
N HIS A 287 14.28 -7.10 -12.14
CA HIS A 287 15.39 -6.13 -12.35
C HIS A 287 15.52 -5.19 -11.15
N ARG A 288 15.18 -5.66 -9.95
CA ARG A 288 15.10 -4.85 -8.70
C ARG A 288 16.45 -4.19 -8.40
N ASP A 289 17.57 -4.86 -8.70
CA ASP A 289 18.93 -4.37 -8.36
C ASP A 289 19.37 -3.28 -9.33
N ARG A 290 18.62 -3.03 -10.41
CA ARG A 290 18.97 -2.02 -11.45
C ARG A 290 17.94 -0.88 -11.46
N LEU A 291 16.98 -0.88 -10.53
CA LEU A 291 15.90 0.14 -10.47
C LEU A 291 15.83 0.76 -9.07
N LEU A 292 15.72 2.10 -8.99
CA LEU A 292 15.42 2.83 -7.74
C LEU A 292 13.92 2.70 -7.43
N GLY A 293 13.10 2.55 -8.46
CA GLY A 293 11.64 2.47 -8.28
C GLY A 293 10.90 2.08 -9.55
N ALA A 294 9.63 1.73 -9.40
CA ALA A 294 8.70 1.44 -10.51
C ALA A 294 7.33 2.02 -10.15
N ILE A 295 6.67 2.63 -11.13
CA ILE A 295 5.23 3.02 -11.04
C ILE A 295 4.45 2.07 -11.97
N ALA A 296 3.40 1.45 -11.44
CA ALA A 296 2.42 0.64 -12.20
C ALA A 296 1.08 1.39 -12.15
N HIS A 297 0.69 1.99 -13.26
CA HIS A 297 -0.53 2.84 -13.40
C HIS A 297 -1.65 2.02 -14.05
N GLY A 298 -2.71 1.73 -13.30
CA GLY A 298 -3.86 0.90 -13.74
C GLY A 298 -3.42 -0.50 -14.15
N PRO A 299 -2.68 -1.23 -13.29
CA PRO A 299 -2.07 -2.50 -13.70
C PRO A 299 -2.98 -3.71 -13.48
N GLY A 300 -2.85 -4.72 -14.33
CA GLY A 300 -3.29 -6.11 -14.05
C GLY A 300 -2.08 -6.96 -13.76
N CYS A 301 -2.23 -8.05 -13.00
CA CYS A 301 -1.12 -9.03 -12.79
C CYS A 301 -1.65 -10.45 -12.53
N HIS A 302 -2.95 -10.65 -12.32
CA HIS A 302 -3.48 -11.95 -11.85
C HIS A 302 -4.98 -12.08 -12.17
N TYR A 303 -5.81 -11.33 -11.42
CA TYR A 303 -7.30 -11.43 -11.46
C TYR A 303 -7.88 -10.89 -12.78
N TYR A 304 -7.13 -10.09 -13.54
CA TYR A 304 -7.57 -9.57 -14.87
C TYR A 304 -7.68 -10.74 -15.86
N LEU A 305 -7.03 -11.87 -15.56
CA LEU A 305 -7.06 -13.09 -16.42
C LEU A 305 -8.00 -14.15 -15.82
N ASP A 306 -8.69 -13.84 -14.71
CA ASP A 306 -9.76 -14.69 -14.14
C ASP A 306 -10.88 -14.80 -15.17
N PRO A 307 -11.34 -16.02 -15.54
CA PRO A 307 -12.38 -16.19 -16.55
C PRO A 307 -13.68 -15.42 -16.25
N GLU A 308 -14.05 -15.30 -14.97
CA GLU A 308 -15.25 -14.55 -14.48
C GLU A 308 -15.07 -13.05 -14.80
N TRP A 309 -13.85 -12.54 -14.66
CA TRP A 309 -13.50 -11.12 -14.96
C TRP A 309 -13.52 -10.90 -16.48
N LEU A 310 -12.89 -11.79 -17.25
CA LEU A 310 -12.79 -11.71 -18.74
C LEU A 310 -14.17 -11.87 -19.38
N ALA A 311 -15.11 -12.54 -18.71
CA ALA A 311 -16.49 -12.76 -19.18
C ALA A 311 -17.25 -11.42 -19.27
N LYS A 312 -16.88 -10.43 -18.44
CA LYS A 312 -17.64 -9.15 -18.28
C LYS A 312 -16.79 -7.93 -18.66
N VAL A 313 -15.50 -8.11 -18.97
CA VAL A 313 -14.55 -6.97 -19.15
C VAL A 313 -14.99 -6.10 -20.33
N ASN A 314 -15.62 -6.68 -21.36
CA ASN A 314 -16.05 -5.95 -22.59
C ASN A 314 -17.24 -5.04 -22.28
N ASP A 315 -17.88 -5.19 -21.12
CA ASP A 315 -19.15 -4.49 -20.77
C ASP A 315 -18.87 -3.20 -19.99
N HIS A 316 -17.60 -2.87 -19.75
CA HIS A 316 -17.19 -1.79 -18.81
C HIS A 316 -16.60 -0.60 -19.59
N GLU A 317 -15.69 0.17 -18.99
CA GLU A 317 -15.37 1.56 -19.44
C GLU A 317 -14.47 1.57 -20.67
N TYR A 318 -13.78 0.49 -21.02
CA TYR A 318 -12.91 0.49 -22.23
C TYR A 318 -13.76 0.85 -23.44
N PRO A 319 -13.30 1.79 -24.30
CA PRO A 319 -14.14 2.34 -25.37
C PRO A 319 -14.76 1.30 -26.33
N PHE A 320 -14.06 0.18 -26.56
CA PHE A 320 -14.46 -0.89 -27.51
C PHE A 320 -14.17 -2.27 -26.90
N GLU A 321 -14.47 -3.34 -27.63
CA GLU A 321 -14.15 -4.74 -27.23
C GLU A 321 -12.63 -4.84 -27.01
N ILE A 322 -12.20 -5.51 -25.93
CA ILE A 322 -10.77 -5.57 -25.50
C ILE A 322 -10.24 -7.01 -25.56
N THR A 323 -11.09 -8.03 -25.48
CA THR A 323 -10.66 -9.45 -25.29
C THR A 323 -9.91 -9.98 -26.51
N ALA A 324 -10.29 -9.55 -27.72
CA ALA A 324 -9.63 -9.95 -29.00
C ALA A 324 -8.21 -9.39 -29.03
N ALA A 325 -8.05 -8.11 -28.70
CA ALA A 325 -6.75 -7.41 -28.60
C ALA A 325 -5.88 -8.08 -27.54
N TRP A 326 -6.45 -8.38 -26.36
CA TRP A 326 -5.76 -9.03 -25.22
C TRP A 326 -5.27 -10.43 -25.64
N ALA A 327 -6.10 -11.21 -26.33
CA ALA A 327 -5.76 -12.56 -26.81
C ALA A 327 -4.47 -12.51 -27.63
N THR A 328 -4.42 -11.64 -28.64
CA THR A 328 -3.26 -11.49 -29.56
C THR A 328 -2.05 -10.98 -28.77
N LYS A 329 -2.24 -10.01 -27.88
CA LYS A 329 -1.16 -9.37 -27.07
C LYS A 329 -0.52 -10.39 -26.12
N HIS A 330 -1.27 -11.43 -25.71
CA HIS A 330 -0.79 -12.51 -24.80
C HIS A 330 -0.27 -13.70 -25.62
N GLY A 331 -0.28 -13.59 -26.95
CA GLY A 331 0.32 -14.58 -27.88
C GLY A 331 -0.60 -15.74 -28.18
N TYR A 332 -1.92 -15.56 -28.06
CA TYR A 332 -2.95 -16.60 -28.29
C TYR A 332 -3.60 -16.38 -29.66
N LYS A 333 -3.79 -17.47 -30.43
CA LYS A 333 -4.38 -17.45 -31.79
C LYS A 333 -5.90 -17.22 -31.70
N THR A 334 -6.53 -17.59 -30.58
CA THR A 334 -8.00 -17.47 -30.35
C THR A 334 -8.27 -16.94 -28.94
N VAL A 335 -9.43 -16.29 -28.76
CA VAL A 335 -9.90 -15.71 -27.47
C VAL A 335 -10.25 -16.85 -26.50
N GLU A 336 -10.80 -17.96 -27.00
CA GLU A 336 -11.20 -19.14 -26.18
C GLU A 336 -9.95 -19.72 -25.50
N GLU A 337 -8.86 -19.87 -26.26
CA GLU A 337 -7.54 -20.39 -25.79
C GLU A 337 -6.96 -19.42 -24.74
N PHE A 338 -7.15 -18.11 -24.93
CA PHE A 338 -6.69 -17.02 -24.02
C PHE A 338 -7.43 -17.12 -22.67
N VAL A 339 -8.76 -17.16 -22.69
CA VAL A 339 -9.61 -17.20 -21.46
C VAL A 339 -9.25 -18.44 -20.64
N ALA A 340 -8.97 -19.57 -21.31
CA ALA A 340 -8.74 -20.90 -20.69
C ALA A 340 -7.34 -21.00 -20.06
N GLY A 341 -6.31 -20.40 -20.68
CA GLY A 341 -4.89 -20.68 -20.38
C GLY A 341 -4.13 -19.51 -19.76
N ALA A 342 -4.58 -18.27 -19.99
CA ALA A 342 -3.78 -17.03 -19.75
C ALA A 342 -3.33 -16.93 -18.28
N GLN A 343 -4.28 -17.04 -17.34
CA GLN A 343 -4.03 -16.75 -15.90
C GLN A 343 -2.86 -17.61 -15.40
N LYS A 344 -2.95 -18.94 -15.53
CA LYS A 344 -1.92 -19.89 -15.01
C LYS A 344 -0.56 -19.58 -15.64
N LYS A 345 -0.53 -19.07 -16.87
CA LYS A 345 0.72 -18.83 -17.65
C LYS A 345 1.33 -17.47 -17.29
N PHE A 346 0.51 -16.42 -17.22
CA PHE A 346 0.97 -15.01 -17.18
C PHE A 346 0.78 -14.36 -15.79
N SER A 347 -0.10 -14.87 -14.93
CA SER A 347 -0.27 -14.32 -13.56
C SER A 347 1.10 -14.24 -12.88
N LEU A 348 1.45 -13.08 -12.35
CA LEU A 348 2.70 -12.86 -11.55
C LEU A 348 2.54 -13.53 -10.18
N VAL A 349 1.30 -13.78 -9.76
CA VAL A 349 0.97 -14.49 -8.49
C VAL A 349 1.08 -15.99 -8.71
N GLU A 350 0.39 -16.53 -9.72
CA GLU A 350 0.36 -17.98 -10.04
C GLU A 350 1.77 -18.49 -10.32
N THR A 351 2.58 -17.71 -11.05
CA THR A 351 3.94 -18.12 -11.52
C THR A 351 4.96 -17.89 -10.40
N GLY A 352 4.63 -17.07 -9.40
CA GLY A 352 5.44 -16.86 -8.19
C GLY A 352 6.41 -15.69 -8.31
N ILE A 353 6.29 -14.88 -9.36
CA ILE A 353 7.19 -13.71 -9.60
C ILE A 353 7.12 -12.75 -8.40
N VAL A 354 5.95 -12.64 -7.75
CA VAL A 354 5.67 -11.69 -6.64
C VAL A 354 6.32 -12.18 -5.33
N ASP A 355 6.77 -13.43 -5.27
CA ASP A 355 7.26 -14.05 -4.00
C ASP A 355 8.76 -13.79 -3.82
N GLN A 356 9.32 -12.82 -4.55
CA GLN A 356 10.72 -12.35 -4.39
C GLN A 356 10.69 -10.87 -4.04
N PRO A 357 11.79 -10.28 -3.54
CA PRO A 357 11.83 -8.86 -3.22
C PRO A 357 11.63 -8.02 -4.50
N SER A 358 11.31 -6.74 -4.34
CA SER A 358 11.20 -5.77 -5.47
C SER A 358 11.77 -4.42 -5.04
N CYS A 359 12.19 -3.60 -6.01
CA CYS A 359 12.48 -2.16 -5.79
C CYS A 359 11.17 -1.49 -5.38
N ARG A 360 11.22 -0.25 -4.89
CA ARG A 360 10.00 0.50 -4.48
C ARG A 360 9.02 0.45 -5.65
N LEU A 361 7.77 0.11 -5.38
CA LEU A 361 6.71 -0.07 -6.40
C LEU A 361 5.47 0.73 -5.97
N LEU A 362 5.17 1.79 -6.71
CA LEU A 362 3.95 2.63 -6.51
C LEU A 362 2.83 2.09 -7.41
N LEU A 363 1.71 1.69 -6.80
CA LEU A 363 0.51 1.18 -7.51
C LEU A 363 -0.54 2.29 -7.50
N LEU A 364 -1.03 2.70 -8.68
CA LEU A 364 -2.02 3.79 -8.83
C LEU A 364 -3.19 3.24 -9.65
N ASN A 365 -4.42 3.44 -9.17
CA ASN A 365 -5.62 3.05 -9.94
C ASN A 365 -6.89 3.67 -9.34
N GLY A 366 -7.96 3.68 -10.13
CA GLY A 366 -9.34 3.87 -9.63
C GLY A 366 -9.84 2.60 -8.98
N VAL A 367 -10.54 2.72 -7.85
CA VAL A 367 -11.08 1.56 -7.08
C VAL A 367 -12.10 0.82 -7.95
N ASP A 368 -12.85 1.57 -8.77
CA ASP A 368 -13.94 1.03 -9.64
C ASP A 368 -13.42 0.84 -11.07
N ASP A 369 -12.19 0.35 -11.23
CA ASP A 369 -11.62 -0.09 -12.52
C ASP A 369 -12.40 -1.33 -12.97
N GLY A 370 -13.01 -1.26 -14.16
CA GLY A 370 -13.76 -2.37 -14.80
C GLY A 370 -13.00 -3.00 -15.95
N VAL A 371 -11.74 -2.58 -16.15
CA VAL A 371 -10.84 -3.08 -17.22
C VAL A 371 -9.87 -4.10 -16.61
N VAL A 372 -9.14 -3.69 -15.58
CA VAL A 372 -8.35 -4.59 -14.68
C VAL A 372 -8.87 -4.37 -13.27
N PRO A 373 -8.99 -5.43 -12.44
CA PRO A 373 -9.63 -5.29 -11.12
C PRO A 373 -8.67 -4.62 -10.13
N ILE A 374 -9.21 -3.79 -9.23
CA ILE A 374 -8.44 -3.14 -8.13
C ILE A 374 -7.76 -4.23 -7.28
N GLU A 375 -8.30 -5.45 -7.26
CA GLU A 375 -7.72 -6.60 -6.52
C GLU A 375 -6.29 -6.88 -7.00
N ASP A 376 -5.94 -6.48 -8.23
CA ASP A 376 -4.61 -6.74 -8.83
C ASP A 376 -3.57 -5.74 -8.27
N CYS A 377 -4.01 -4.63 -7.67
CA CYS A 377 -3.10 -3.77 -6.86
C CYS A 377 -2.99 -4.37 -5.45
N LEU A 378 -4.12 -4.70 -4.83
CA LEU A 378 -4.24 -5.14 -3.41
C LEU A 378 -3.52 -6.47 -3.17
N VAL A 379 -3.52 -7.39 -4.13
CA VAL A 379 -2.94 -8.76 -3.95
C VAL A 379 -1.42 -8.63 -3.77
N LEU A 380 -0.80 -7.60 -4.35
CA LEU A 380 0.68 -7.41 -4.31
C LEU A 380 1.15 -7.04 -2.89
N PHE A 381 0.23 -6.63 -2.00
CA PHE A 381 0.54 -6.32 -0.58
C PHE A 381 0.65 -7.61 0.24
N GLU A 382 0.21 -8.75 -0.31
CA GLU A 382 0.18 -10.06 0.39
C GLU A 382 1.39 -10.90 -0.04
N HIS A 383 2.39 -10.30 -0.69
CA HIS A 383 3.56 -11.01 -1.25
C HIS A 383 4.82 -10.12 -1.20
N GLY A 384 5.99 -10.74 -1.20
CA GLY A 384 7.30 -10.09 -1.39
C GLY A 384 7.49 -8.89 -0.48
N SER A 385 8.11 -7.83 -1.00
CA SER A 385 8.46 -6.59 -0.27
C SER A 385 7.22 -5.74 -0.06
N PRO A 386 7.22 -4.82 0.93
CA PRO A 386 6.17 -3.81 1.07
C PRO A 386 5.98 -3.04 -0.24
N LYS A 387 4.72 -2.84 -0.65
CA LYS A 387 4.35 -2.04 -1.85
C LYS A 387 3.81 -0.68 -1.42
N GLU A 388 3.76 0.26 -2.37
N GLU A 388 3.79 0.28 -2.36
CA GLU A 388 3.22 1.63 -2.19
CA GLU A 388 3.20 1.62 -2.15
C GLU A 388 1.99 1.80 -3.08
C GLU A 388 1.99 1.76 -3.06
N GLY A 389 0.95 2.48 -2.59
CA GLY A 389 -0.33 2.59 -3.31
C GLY A 389 -1.09 3.85 -3.00
N ARG A 390 -1.83 4.34 -3.99
CA ARG A 390 -2.92 5.34 -3.84
C ARG A 390 -4.03 4.91 -4.80
N PHE A 391 -5.20 4.56 -4.27
CA PHE A 391 -6.36 4.04 -5.03
C PHE A 391 -7.55 4.96 -4.81
N TYR A 392 -8.16 5.40 -5.90
CA TYR A 392 -9.12 6.52 -5.93
C TYR A 392 -10.55 5.98 -5.89
N LYS A 393 -11.27 6.29 -4.81
CA LYS A 393 -12.66 5.84 -4.54
C LYS A 393 -13.56 6.30 -5.68
N GLY A 394 -14.36 5.38 -6.22
CA GLY A 394 -15.41 5.68 -7.21
C GLY A 394 -14.88 6.01 -8.59
N LEU A 395 -13.56 5.90 -8.82
CA LEU A 395 -12.95 6.28 -10.13
C LEU A 395 -12.68 5.03 -10.95
N PRO A 396 -12.85 5.11 -12.29
CA PRO A 396 -12.59 3.99 -13.19
C PRO A 396 -11.09 3.81 -13.51
N HIS A 397 -10.78 2.94 -14.47
CA HIS A 397 -9.42 2.53 -14.90
C HIS A 397 -8.48 3.75 -14.98
N MET A 398 -7.37 3.69 -14.23
CA MET A 398 -6.23 4.65 -14.19
C MET A 398 -6.46 5.71 -13.10
N GLY A 399 -7.71 5.93 -12.69
CA GLY A 399 -8.06 6.91 -11.64
C GLY A 399 -7.55 8.31 -11.97
N TYR A 400 -7.73 8.76 -13.21
CA TYR A 400 -7.44 10.14 -13.67
C TYR A 400 -8.53 11.08 -13.18
N PRO A 401 -8.28 12.41 -13.08
CA PRO A 401 -6.96 13.00 -13.33
C PRO A 401 -6.02 12.94 -12.12
N ASN A 402 -6.54 12.55 -10.95
CA ASN A 402 -5.87 12.61 -9.62
C ASN A 402 -4.53 11.87 -9.65
N SER A 403 -4.45 10.74 -10.36
CA SER A 403 -3.31 9.79 -10.30
C SER A 403 -2.07 10.33 -11.04
N LEU A 404 -2.22 11.34 -11.89
CA LEU A 404 -1.09 11.86 -12.72
C LEU A 404 -0.12 12.69 -11.86
N PRO A 405 -0.55 13.78 -11.19
CA PRO A 405 0.39 14.59 -10.41
C PRO A 405 1.11 13.83 -9.28
N VAL A 406 0.44 12.86 -8.65
CA VAL A 406 1.05 12.02 -7.57
C VAL A 406 2.21 11.21 -8.18
N SER A 407 2.12 10.82 -9.45
CA SER A 407 3.20 10.10 -10.20
C SER A 407 4.50 10.92 -10.12
N TYR A 408 4.43 12.22 -10.42
CA TYR A 408 5.59 13.14 -10.50
C TYR A 408 6.10 13.47 -9.09
N GLU A 409 5.21 13.64 -8.11
CA GLU A 409 5.59 13.84 -6.68
C GLU A 409 6.46 12.67 -6.22
N TRP A 410 6.09 11.44 -6.62
CA TRP A 410 6.76 10.19 -6.16
C TRP A 410 8.12 10.06 -6.83
N LEU A 411 8.20 10.39 -8.13
CA LEU A 411 9.46 10.38 -8.92
C LEU A 411 10.44 11.40 -8.32
N GLU A 412 9.96 12.58 -7.92
CA GLU A 412 10.78 13.63 -7.28
C GLU A 412 11.39 13.09 -5.96
N GLN A 413 10.62 12.34 -5.18
CA GLN A 413 11.10 11.75 -3.89
CA GLN A 413 11.10 11.75 -3.89
C GLN A 413 12.16 10.68 -4.19
N VAL A 414 11.80 9.69 -5.01
CA VAL A 414 12.66 8.51 -5.33
C VAL A 414 13.97 8.98 -5.98
N LEU A 415 13.91 9.96 -6.89
CA LEU A 415 15.08 10.45 -7.69
C LEU A 415 15.70 11.69 -7.05
N ALA A 416 15.37 12.01 -5.79
CA ALA A 416 15.84 13.22 -5.06
C ALA A 416 17.38 13.21 -4.97
N SER A 417 17.99 14.40 -4.94
CA SER A 417 19.46 14.60 -4.83
C SER A 417 19.83 14.78 -3.35
N ARG B 20 -19.20 -9.21 5.01
CA ARG B 20 -18.79 -7.77 4.96
C ARG B 20 -17.28 -7.67 5.23
N TRP B 21 -16.84 -8.12 6.40
CA TRP B 21 -15.44 -8.01 6.88
C TRP B 21 -14.56 -9.00 6.11
N ILE B 22 -13.34 -8.58 5.75
CA ILE B 22 -12.32 -9.43 5.07
C ILE B 22 -11.98 -10.61 5.99
N LEU B 23 -12.07 -10.42 7.31
CA LEU B 23 -11.85 -11.51 8.32
C LEU B 23 -12.71 -12.72 7.95
N GLY B 24 -13.89 -12.49 7.37
CA GLY B 24 -14.76 -13.53 6.78
C GLY B 24 -15.38 -14.42 7.86
N ASP B 25 -15.29 -15.74 7.68
CA ASP B 25 -15.92 -16.77 8.55
C ASP B 25 -15.51 -16.55 10.01
N LYS B 26 -14.23 -16.26 10.26
CA LYS B 26 -13.64 -16.10 11.63
C LYS B 26 -14.37 -15.01 12.41
N PHE B 27 -14.90 -13.97 11.74
CA PHE B 27 -15.57 -12.82 12.39
C PHE B 27 -16.68 -13.31 13.33
N ASP B 28 -17.53 -14.22 12.85
CA ASP B 28 -18.76 -14.68 13.56
C ASP B 28 -18.47 -15.94 14.39
N THR B 29 -17.19 -16.31 14.56
CA THR B 29 -16.77 -17.42 15.46
C THR B 29 -16.46 -16.85 16.84
N VAL B 30 -16.72 -17.63 17.89
CA VAL B 30 -16.26 -17.36 19.29
C VAL B 30 -15.00 -18.20 19.51
N PHE B 31 -13.84 -17.56 19.67
CA PHE B 31 -12.51 -18.22 19.78
C PHE B 31 -12.49 -19.02 21.09
N PRO B 32 -11.86 -20.22 21.11
CA PRO B 32 -12.01 -21.16 22.22
C PRO B 32 -11.45 -20.69 23.57
N HIS B 33 -10.51 -19.75 23.57
CA HIS B 33 -9.85 -19.19 24.78
C HIS B 33 -10.74 -18.16 25.48
N LYS B 34 -11.84 -17.72 24.86
CA LYS B 34 -12.72 -16.67 25.42
C LYS B 34 -13.32 -17.17 26.74
N GLY B 35 -13.05 -16.45 27.84
CA GLY B 35 -13.54 -16.76 29.20
C GLY B 35 -12.81 -17.92 29.83
N SER B 36 -11.80 -18.48 29.15
CA SER B 36 -11.03 -19.68 29.57
C SER B 36 -9.52 -19.37 29.57
N LEU B 37 -8.98 -19.00 30.74
CA LEU B 37 -7.52 -18.79 30.94
C LEU B 37 -6.78 -20.12 30.72
N LYS B 38 -7.40 -21.24 31.11
CA LYS B 38 -6.86 -22.60 30.90
C LYS B 38 -6.53 -22.80 29.41
N VAL B 39 -7.53 -22.60 28.53
CA VAL B 39 -7.39 -22.77 27.06
C VAL B 39 -6.34 -21.77 26.55
N LEU B 40 -6.45 -20.50 26.96
CA LEU B 40 -5.47 -19.43 26.60
C LEU B 40 -4.05 -19.93 26.86
N TRP B 41 -3.79 -20.48 28.05
CA TRP B 41 -2.44 -20.94 28.48
C TRP B 41 -2.04 -22.19 27.67
N GLU B 42 -2.87 -23.23 27.70
CA GLU B 42 -2.55 -24.56 27.12
C GLU B 42 -2.42 -24.48 25.60
N SER B 43 -3.14 -23.54 24.95
CA SER B 43 -3.29 -23.48 23.47
C SER B 43 -2.36 -22.43 22.81
N ARG B 44 -1.97 -21.38 23.55
N ARG B 44 -1.93 -21.40 23.56
CA ARG B 44 -1.20 -20.24 22.98
CA ARG B 44 -1.21 -20.23 22.98
C ARG B 44 -0.08 -19.80 23.95
C ARG B 44 -0.09 -19.76 23.92
N TRP B 45 -0.45 -19.28 25.12
CA TRP B 45 0.47 -18.53 26.02
C TRP B 45 1.60 -19.41 26.57
N LYS B 46 1.34 -20.70 26.84
CA LYS B 46 2.41 -21.64 27.28
C LYS B 46 3.54 -21.64 26.24
N PHE B 47 3.20 -21.68 24.96
CA PHE B 47 4.15 -21.77 23.82
C PHE B 47 4.87 -20.42 23.65
N ALA B 48 4.12 -19.32 23.68
CA ALA B 48 4.66 -17.92 23.64
C ALA B 48 5.67 -17.74 24.77
N CYS B 49 5.31 -18.18 25.97
CA CYS B 49 6.14 -18.08 27.19
C CYS B 49 7.44 -18.88 27.00
N SER B 50 7.31 -20.13 26.60
CA SER B 50 8.44 -21.07 26.36
C SER B 50 9.42 -20.48 25.33
N LYS B 51 8.90 -19.84 24.27
CA LYS B 51 9.70 -19.24 23.17
C LYS B 51 10.23 -17.86 23.59
N SER B 52 9.73 -17.31 24.71
CA SER B 52 10.09 -15.96 25.21
CA SER B 52 10.09 -15.96 25.21
C SER B 52 9.77 -14.92 24.13
N VAL B 53 8.57 -15.02 23.55
CA VAL B 53 8.02 -14.04 22.56
C VAL B 53 6.81 -13.37 23.20
N TYR B 54 6.29 -12.31 22.58
CA TYR B 54 5.18 -11.48 23.10
C TYR B 54 4.02 -12.36 23.57
N PRO B 55 3.41 -12.12 24.75
CA PRO B 55 3.78 -11.02 25.65
C PRO B 55 4.82 -11.35 26.72
N PHE B 56 5.54 -12.47 26.56
CA PHE B 56 6.52 -13.02 27.53
C PHE B 56 7.96 -12.77 27.05
N HIS B 57 8.18 -11.78 26.18
CA HIS B 57 9.53 -11.35 25.73
C HIS B 57 10.34 -10.91 26.96
N ASP B 58 11.58 -11.39 27.06
CA ASP B 58 12.53 -11.19 28.20
C ASP B 58 12.25 -12.22 29.31
N GLY B 59 11.15 -12.97 29.22
CA GLY B 59 10.61 -13.79 30.32
C GLY B 59 11.06 -15.24 30.23
N SER B 60 10.85 -16.01 31.31
CA SER B 60 11.24 -17.45 31.41
C SER B 60 10.03 -18.29 31.84
N ILE B 61 9.76 -19.40 31.14
CA ILE B 61 8.69 -20.39 31.47
C ILE B 61 8.82 -20.83 32.94
N GLU B 62 10.05 -20.94 33.44
CA GLU B 62 10.38 -21.30 34.86
C GLU B 62 9.52 -20.47 35.82
N ASP B 63 9.32 -19.19 35.52
CA ASP B 63 8.67 -18.19 36.40
C ASP B 63 7.15 -18.34 36.30
N PHE B 64 6.61 -18.72 35.14
CA PHE B 64 5.17 -18.59 34.81
C PHE B 64 4.40 -19.91 35.00
N GLU B 65 5.03 -21.06 34.72
CA GLU B 65 4.32 -22.37 34.75
C GLU B 65 3.66 -22.56 36.12
N PRO B 66 4.37 -22.32 37.25
CA PRO B 66 3.74 -22.41 38.57
C PRO B 66 2.58 -21.42 38.80
N ILE B 67 2.66 -20.21 38.23
CA ILE B 67 1.63 -19.15 38.39
C ILE B 67 0.37 -19.57 37.62
N PHE B 68 0.51 -20.03 36.38
CA PHE B 68 -0.63 -20.40 35.50
C PHE B 68 -1.24 -21.71 36.00
N ASN B 69 -0.44 -22.61 36.58
CA ASN B 69 -0.93 -23.86 37.23
C ASN B 69 -1.88 -23.47 38.38
N HIS B 70 -1.50 -22.47 39.19
CA HIS B 70 -2.30 -21.94 40.32
C HIS B 70 -3.62 -21.35 39.80
N LEU B 71 -3.54 -20.43 38.83
CA LEU B 71 -4.72 -19.73 38.25
C LEU B 71 -5.73 -20.75 37.71
N ILE B 72 -5.24 -21.77 37.01
CA ILE B 72 -6.09 -22.82 36.36
C ILE B 72 -6.74 -23.69 37.44
N SER B 73 -6.00 -24.02 38.51
CA SER B 73 -6.51 -24.85 39.63
C SER B 73 -7.60 -24.08 40.40
N LYS B 74 -7.47 -22.75 40.49
CA LYS B 74 -8.46 -21.86 41.18
C LYS B 74 -9.56 -21.39 40.20
N ASN B 75 -9.50 -21.85 38.94
CA ASN B 75 -10.42 -21.44 37.84
C ASN B 75 -10.55 -19.91 37.81
N ILE B 76 -9.42 -19.21 37.89
CA ILE B 76 -9.35 -17.72 37.72
C ILE B 76 -9.21 -17.44 36.22
N ASN B 77 -10.22 -16.81 35.61
CA ASN B 77 -10.32 -16.53 34.15
C ASN B 77 -10.32 -15.02 33.88
N ASP B 78 -10.71 -14.20 34.86
CA ASP B 78 -10.81 -12.72 34.71
C ASP B 78 -9.45 -12.10 35.03
N ALA B 79 -8.76 -11.58 34.02
CA ALA B 79 -7.45 -10.89 34.15
C ALA B 79 -7.64 -9.57 34.90
N ALA B 80 -8.83 -8.97 34.80
CA ALA B 80 -9.19 -7.67 35.42
C ALA B 80 -9.23 -7.80 36.95
N SER B 81 -9.54 -8.99 37.47
CA SER B 81 -9.73 -9.26 38.92
C SER B 81 -8.38 -9.18 39.65
N ASP B 82 -8.42 -8.84 40.94
CA ASP B 82 -7.22 -8.78 41.84
C ASP B 82 -6.65 -10.18 42.04
N GLU B 83 -7.51 -11.20 42.05
CA GLU B 83 -7.14 -12.63 42.26
C GLU B 83 -6.13 -13.05 41.18
N TYR B 84 -6.34 -12.62 39.93
CA TYR B 84 -5.42 -12.90 38.78
C TYR B 84 -4.08 -12.21 39.05
N THR B 85 -4.10 -10.89 39.22
CA THR B 85 -2.89 -10.04 39.40
C THR B 85 -2.03 -10.59 40.55
N GLN B 86 -2.61 -10.76 41.74
CA GLN B 86 -1.86 -11.06 42.99
C GLN B 86 -1.18 -12.43 42.91
N ALA B 87 -1.65 -13.33 42.04
CA ALA B 87 -1.08 -14.68 41.83
C ALA B 87 0.37 -14.61 41.32
N PHE B 88 0.77 -13.48 40.73
CA PHE B 88 2.09 -13.32 40.06
C PHE B 88 3.15 -12.77 41.03
N LEU B 89 2.72 -12.04 42.06
CA LEU B 89 3.56 -11.06 42.79
C LEU B 89 4.60 -11.75 43.69
N PRO B 90 4.28 -12.86 44.40
CA PRO B 90 5.30 -13.59 45.15
C PRO B 90 6.50 -14.04 44.29
N THR B 91 6.25 -14.50 43.06
CA THR B 91 7.30 -14.94 42.10
C THR B 91 8.22 -13.75 41.79
N ALA B 92 7.63 -12.59 41.47
CA ALA B 92 8.35 -11.33 41.20
C ALA B 92 9.25 -10.99 42.41
N SER B 93 8.72 -11.11 43.63
CA SER B 93 9.46 -10.86 44.91
C SER B 93 10.70 -11.76 44.98
N ALA B 94 10.51 -13.07 44.79
CA ALA B 94 11.57 -14.10 44.83
C ALA B 94 12.66 -13.77 43.79
N LEU B 95 12.26 -13.34 42.60
CA LEU B 95 13.21 -13.01 41.50
C LEU B 95 14.02 -11.77 41.89
N GLU B 96 13.37 -10.74 42.47
CA GLU B 96 14.07 -9.52 42.95
C GLU B 96 15.11 -9.92 44.01
N GLU B 97 14.77 -10.84 44.92
CA GLU B 97 15.70 -11.31 45.99
C GLU B 97 16.88 -12.04 45.36
N LYS B 98 16.63 -12.92 44.39
CA LYS B 98 17.69 -13.64 43.63
C LYS B 98 18.60 -12.59 42.96
N ALA B 99 18.03 -11.56 42.34
CA ALA B 99 18.77 -10.49 41.64
C ALA B 99 19.70 -9.77 42.63
N ALA B 100 19.19 -9.46 43.83
CA ALA B 100 19.93 -8.76 44.91
C ALA B 100 21.11 -9.62 45.37
N GLN B 101 20.90 -10.94 45.53
CA GLN B 101 21.95 -11.93 45.84
C GLN B 101 23.04 -11.89 44.76
N ALA B 102 22.64 -11.97 43.49
CA ALA B 102 23.52 -11.97 42.31
C ALA B 102 24.34 -10.68 42.25
N LEU B 103 23.71 -9.53 42.56
CA LEU B 103 24.36 -8.20 42.52
C LEU B 103 25.43 -8.11 43.61
N GLN B 104 25.10 -8.55 44.83
CA GLN B 104 26.02 -8.58 46.00
C GLN B 104 27.24 -9.45 45.69
N ALA B 105 27.04 -10.52 44.91
CA ALA B 105 28.08 -11.49 44.50
C ALA B 105 28.89 -10.97 43.31
N GLY B 106 28.53 -9.80 42.76
CA GLY B 106 29.24 -9.13 41.65
C GLY B 106 28.85 -9.69 40.29
N LYS B 107 27.70 -10.36 40.21
CA LYS B 107 27.17 -11.01 38.98
C LYS B 107 26.09 -10.12 38.37
N HIS B 108 26.53 -9.06 37.67
CA HIS B 108 25.67 -7.96 37.14
C HIS B 108 24.75 -8.48 36.04
N GLU B 109 25.29 -9.31 35.12
CA GLU B 109 24.54 -9.90 33.98
C GLU B 109 23.39 -10.75 34.51
N GLU B 110 23.65 -11.62 35.49
CA GLU B 110 22.64 -12.51 36.11
C GLU B 110 21.57 -11.66 36.81
N ALA B 111 21.99 -10.62 37.54
CA ALA B 111 21.12 -9.68 38.27
C ALA B 111 20.18 -8.97 37.29
N SER B 112 20.73 -8.40 36.20
CA SER B 112 19.97 -7.75 35.10
C SER B 112 18.91 -8.72 34.57
N ASN B 113 19.32 -9.94 34.24
CA ASN B 113 18.47 -11.01 33.66
C ASN B 113 17.33 -11.36 34.62
N LEU B 114 17.63 -11.51 35.93
CA LEU B 114 16.63 -11.87 36.97
C LEU B 114 15.64 -10.72 37.15
N LEU B 115 16.12 -9.47 37.14
CA LEU B 115 15.26 -8.25 37.26
C LEU B 115 14.40 -8.09 36.00
N CYS B 116 14.94 -8.39 34.82
CA CYS B 116 14.16 -8.36 33.55
C CYS B 116 13.07 -9.42 33.60
N ARG B 117 13.37 -10.60 34.14
CA ARG B 117 12.39 -11.71 34.34
C ARG B 117 11.31 -11.28 35.36
N ALA B 118 11.68 -10.60 36.43
CA ALA B 118 10.71 -10.05 37.43
C ALA B 118 9.78 -9.05 36.72
N ALA B 119 10.34 -8.21 35.83
CA ALA B 119 9.60 -7.20 35.04
C ALA B 119 8.55 -7.89 34.15
N VAL B 120 8.88 -9.05 33.55
CA VAL B 120 7.90 -9.79 32.70
C VAL B 120 6.80 -10.36 33.60
N VAL B 121 7.15 -10.85 34.80
CA VAL B 121 6.14 -11.37 35.75
C VAL B 121 5.13 -10.26 36.05
N TYR B 122 5.61 -9.06 36.37
CA TYR B 122 4.77 -7.87 36.68
C TYR B 122 3.93 -7.50 35.44
N ARG B 123 4.55 -7.54 34.26
CA ARG B 123 3.90 -7.18 32.96
C ARG B 123 2.65 -8.04 32.75
N ILE B 124 2.78 -9.37 32.84
CA ILE B 124 1.65 -10.30 32.56
C ILE B 124 0.58 -10.13 33.64
N SER B 125 0.99 -9.84 34.88
CA SER B 125 0.07 -9.68 36.05
C SER B 125 -0.89 -8.50 35.81
N ARG B 126 -0.45 -7.46 35.10
CA ARG B 126 -1.23 -6.22 34.85
C ARG B 126 -1.85 -6.25 33.45
N PHE B 127 -1.77 -7.38 32.75
CA PHE B 127 -2.41 -7.59 31.42
C PHE B 127 -3.92 -7.66 31.64
N PRO B 128 -4.77 -7.10 30.74
CA PRO B 128 -4.35 -6.39 29.54
C PRO B 128 -4.23 -4.87 29.64
N TYR B 129 -4.61 -4.27 30.78
CA TYR B 129 -4.77 -2.79 30.90
C TYR B 129 -4.63 -2.35 32.35
N VAL B 130 -3.77 -1.35 32.58
CA VAL B 130 -3.68 -0.56 33.85
C VAL B 130 -4.73 0.56 33.77
N ASP B 131 -5.76 0.48 34.61
CA ASP B 131 -6.85 1.49 34.65
C ASP B 131 -6.24 2.83 35.11
N ILE B 132 -6.14 3.79 34.19
CA ILE B 132 -5.51 5.13 34.42
C ILE B 132 -6.35 5.94 35.41
N THR B 133 -7.61 5.55 35.66
CA THR B 133 -8.58 6.27 36.53
C THR B 133 -8.62 5.66 37.94
N LYS B 134 -7.89 4.55 38.17
CA LYS B 134 -7.84 3.82 39.46
C LYS B 134 -6.39 3.65 39.89
N PRO B 135 -5.76 4.73 40.44
CA PRO B 135 -4.34 4.69 40.80
C PRO B 135 -4.01 3.85 42.05
N ASN B 136 -5.01 3.35 42.75
CA ASN B 136 -4.84 2.43 43.92
C ASN B 136 -4.95 0.97 43.46
N SER B 137 -5.28 0.74 42.19
CA SER B 137 -5.46 -0.61 41.60
C SER B 137 -4.17 -1.42 41.79
N ILE B 138 -4.29 -2.74 42.02
CA ILE B 138 -3.13 -3.66 42.21
C ILE B 138 -2.31 -3.68 40.91
N LYS B 139 -2.96 -3.50 39.75
CA LYS B 139 -2.30 -3.49 38.41
C LYS B 139 -1.36 -2.28 38.30
N ARG B 140 -1.78 -1.12 38.79
CA ARG B 140 -0.90 0.08 38.90
C ARG B 140 0.29 -0.26 39.79
N VAL B 141 0.04 -0.91 40.93
CA VAL B 141 1.13 -1.29 41.89
C VAL B 141 2.14 -2.14 41.13
N ALA B 142 1.68 -3.11 40.33
CA ALA B 142 2.52 -4.07 39.57
C ALA B 142 3.31 -3.36 38.47
N PHE B 143 2.70 -2.38 37.80
CA PHE B 143 3.36 -1.54 36.77
C PHE B 143 4.46 -0.67 37.41
N GLU B 144 4.16 -0.08 38.58
CA GLU B 144 5.15 0.74 39.35
C GLU B 144 6.35 -0.15 39.72
N ARG B 145 6.12 -1.37 40.23
CA ARG B 145 7.20 -2.31 40.61
C ARG B 145 7.96 -2.76 39.36
N GLN B 146 7.25 -2.96 38.24
CA GLN B 146 7.86 -3.38 36.94
C GLN B 146 8.89 -2.33 36.49
N LYS B 147 8.51 -1.06 36.52
CA LYS B 147 9.35 0.07 36.05
C LYS B 147 10.61 0.16 36.91
N GLN B 148 10.48 -0.06 38.22
CA GLN B 148 11.61 0.00 39.19
C GLN B 148 12.59 -1.13 38.88
N ALA B 149 12.08 -2.37 38.76
CA ALA B 149 12.87 -3.58 38.41
C ALA B 149 13.57 -3.39 37.05
N TYR B 150 12.85 -2.83 36.06
CA TYR B 150 13.36 -2.65 34.67
C TYR B 150 14.49 -1.62 34.65
N LEU B 151 14.31 -0.47 35.29
CA LEU B 151 15.32 0.62 35.33
C LEU B 151 16.59 0.10 36.04
N LYS B 152 16.42 -0.70 37.09
CA LYS B 152 17.55 -1.33 37.84
C LYS B 152 18.30 -2.28 36.91
N ALA B 153 17.57 -3.16 36.21
CA ALA B 153 18.13 -4.11 35.22
C ALA B 153 18.93 -3.34 34.17
N THR B 154 18.32 -2.35 33.52
CA THR B 154 18.86 -1.66 32.34
C THR B 154 19.96 -0.66 32.74
N SER B 155 20.04 -0.27 34.01
CA SER B 155 21.13 0.61 34.55
C SER B 155 22.48 -0.10 34.41
N LEU B 156 22.48 -1.44 34.40
CA LEU B 156 23.69 -2.30 34.32
C LEU B 156 24.15 -2.47 32.87
N TRP B 157 23.30 -2.15 31.89
CA TRP B 157 23.61 -2.25 30.44
C TRP B 157 24.71 -1.25 30.06
N THR B 158 25.58 -1.62 29.13
CA THR B 158 26.68 -0.76 28.61
C THR B 158 26.07 0.52 28.04
N GLN B 159 25.01 0.38 27.26
CA GLN B 159 24.12 1.49 26.81
C GLN B 159 22.82 1.39 27.62
N PRO B 160 22.74 2.06 28.78
CA PRO B 160 21.58 1.89 29.66
C PRO B 160 20.32 2.59 29.12
N ILE B 161 19.15 2.00 29.39
CA ILE B 161 17.85 2.69 29.23
C ILE B 161 17.75 3.71 30.37
N ARG B 162 17.55 4.97 30.02
CA ARG B 162 17.42 6.10 30.97
C ARG B 162 16.00 6.66 30.87
N GLU B 163 15.39 6.99 32.01
CA GLU B 163 14.08 7.68 32.06
C GLU B 163 14.33 9.18 32.18
N VAL B 164 13.66 9.97 31.33
CA VAL B 164 13.55 11.45 31.45
C VAL B 164 12.07 11.78 31.67
N THR B 165 11.77 12.63 32.67
CA THR B 165 10.43 13.21 32.87
C THR B 165 10.38 14.52 32.09
N VAL B 166 9.83 14.47 30.88
CA VAL B 166 9.79 15.62 29.92
C VAL B 166 8.64 16.52 30.33
N PRO B 167 8.89 17.81 30.66
CA PRO B 167 7.80 18.74 30.92
C PRO B 167 6.90 18.88 29.68
N HIS B 168 5.59 18.78 29.89
CA HIS B 168 4.56 18.86 28.81
C HIS B 168 4.29 20.35 28.53
N THR B 169 5.27 21.05 27.96
CA THR B 169 5.24 22.52 27.72
C THR B 169 4.00 22.89 26.89
N TYR B 170 3.52 21.98 26.04
CA TYR B 170 2.37 22.19 25.12
C TYR B 170 1.06 21.70 25.76
N ARG B 171 1.06 21.38 27.05
CA ARG B 171 -0.15 20.90 27.77
C ARG B 171 -1.22 22.00 27.72
N THR B 172 -2.47 21.59 27.50
CA THR B 172 -3.68 22.46 27.59
C THR B 172 -4.82 21.64 28.20
N GLY B 173 -5.89 22.31 28.63
CA GLY B 173 -7.10 21.66 29.14
C GLY B 173 -6.80 20.73 30.29
N ASN B 174 -7.17 19.45 30.16
CA ASN B 174 -7.09 18.44 31.25
C ASN B 174 -5.80 17.62 31.14
N ASP B 175 -4.90 17.99 30.21
CA ASP B 175 -3.56 17.35 30.06
C ASP B 175 -2.82 17.42 31.40
N GLY B 176 -2.10 16.35 31.75
CA GLY B 176 -1.12 16.31 32.86
C GLY B 176 0.15 17.06 32.49
N ALA B 177 1.07 17.20 33.46
CA ALA B 177 2.22 18.12 33.41
C ALA B 177 3.50 17.40 32.93
N HIS B 178 3.56 16.07 33.03
CA HIS B 178 4.82 15.29 32.92
C HIS B 178 4.66 14.11 31.95
N ILE B 179 5.64 13.95 31.05
CA ILE B 179 5.72 12.83 30.05
C ILE B 179 6.96 12.01 30.37
N PRO B 180 6.83 10.87 31.08
CA PRO B 180 7.98 10.01 31.32
C PRO B 180 8.24 9.18 30.06
N ILE B 181 9.45 9.27 29.52
CA ILE B 181 9.89 8.50 28.33
C ILE B 181 11.18 7.76 28.68
N TYR B 182 11.44 6.66 27.97
CA TYR B 182 12.74 5.95 27.98
C TYR B 182 13.56 6.39 26.77
N ILE B 183 14.84 6.69 27.01
CA ILE B 183 15.84 7.01 25.95
C ILE B 183 17.00 6.03 26.11
N ARG B 184 17.43 5.43 24.99
CA ARG B 184 18.62 4.57 24.90
C ARG B 184 19.43 5.01 23.67
N THR B 185 20.72 5.31 23.85
CA THR B 185 21.59 5.90 22.81
C THR B 185 22.75 4.94 22.53
N PRO B 186 23.12 4.75 21.25
CA PRO B 186 24.19 3.81 20.89
C PRO B 186 25.55 4.41 21.26
N ALA B 187 26.56 3.56 21.43
CA ALA B 187 27.97 3.97 21.66
C ALA B 187 28.41 4.90 20.53
N GLY B 188 29.07 6.02 20.87
CA GLY B 188 29.61 7.00 19.91
C GLY B 188 28.67 8.17 19.66
N ALA B 189 27.43 8.11 20.17
CA ALA B 189 26.43 9.20 20.06
C ALA B 189 26.87 10.39 20.93
N ASP B 190 27.02 11.57 20.33
CA ASP B 190 27.37 12.83 21.04
C ASP B 190 26.98 14.03 20.17
N GLN B 191 27.22 15.24 20.67
CA GLN B 191 26.86 16.53 20.02
C GLN B 191 27.57 16.66 18.66
N SER B 192 28.75 16.05 18.51
CA SER B 192 29.57 16.11 17.27
C SER B 192 29.03 15.12 16.22
N ASN B 193 28.50 13.97 16.67
CA ASN B 193 28.04 12.86 15.80
C ASN B 193 26.64 12.44 16.24
N PRO B 194 25.62 13.32 16.04
CA PRO B 194 24.25 13.00 16.47
C PRO B 194 23.66 11.88 15.60
N VAL B 195 22.82 11.04 16.22
CA VAL B 195 22.32 9.77 15.61
C VAL B 195 20.83 9.95 15.30
N PRO B 196 20.30 9.18 14.31
CA PRO B 196 18.87 9.16 14.05
C PRO B 196 18.05 8.64 15.23
N ILE B 197 16.77 9.00 15.28
CA ILE B 197 15.83 8.67 16.39
C ILE B 197 14.76 7.71 15.87
N VAL B 198 14.52 6.61 16.58
CA VAL B 198 13.29 5.77 16.40
C VAL B 198 12.43 5.98 17.64
N LEU B 199 11.30 6.66 17.46
CA LEU B 199 10.33 7.00 18.54
C LEU B 199 9.23 5.93 18.56
N ILE B 200 9.31 4.98 19.50
CA ILE B 200 8.29 3.92 19.67
C ILE B 200 7.11 4.51 20.45
N MET B 201 5.90 4.37 19.89
CA MET B 201 4.61 4.67 20.56
C MET B 201 3.96 3.33 20.95
N THR B 202 3.87 3.07 22.24
CA THR B 202 3.49 1.74 22.80
C THR B 202 1.97 1.61 22.71
N GLY B 203 1.38 0.58 23.32
CA GLY B 203 -0.03 0.18 23.07
C GLY B 203 -0.87 0.12 24.33
N LEU B 204 -1.92 -0.70 24.27
CA LEU B 204 -2.93 -0.84 25.35
C LEU B 204 -2.33 -1.65 26.51
N ASP B 205 -1.55 -2.69 26.19
CA ASP B 205 -1.02 -3.68 27.17
C ASP B 205 0.52 -3.62 27.22
N GLY B 206 1.16 -2.99 26.24
CA GLY B 206 2.62 -2.80 26.19
C GLY B 206 2.98 -1.35 26.45
N TYR B 207 3.84 -1.09 27.44
CA TYR B 207 4.26 0.26 27.87
C TYR B 207 5.79 0.38 27.75
N ARG B 208 6.38 1.43 28.30
CA ARG B 208 7.80 1.79 27.97
C ARG B 208 8.77 0.67 28.37
N PRO B 209 8.59 -0.10 29.46
CA PRO B 209 9.53 -1.17 29.80
C PRO B 209 9.42 -2.47 28.98
N ASP B 210 8.52 -2.52 27.98
CA ASP B 210 8.13 -3.77 27.27
C ASP B 210 8.73 -3.82 25.87
N ASN B 211 9.92 -3.23 25.66
CA ASN B 211 10.45 -2.98 24.29
C ASN B 211 11.95 -3.28 24.22
N SER B 212 12.48 -4.15 25.08
CA SER B 212 13.95 -4.42 25.22
C SER B 212 14.56 -4.76 23.85
N GLN B 213 14.04 -5.79 23.16
CA GLN B 213 14.66 -6.28 21.89
C GLN B 213 14.59 -5.19 20.83
N ARG B 214 13.47 -4.46 20.74
CA ARG B 214 13.32 -3.33 19.79
C ARG B 214 14.45 -2.32 20.01
N THR B 215 14.79 -1.99 21.26
CA THR B 215 15.88 -1.02 21.58
C THR B 215 17.23 -1.63 21.21
N HIS B 216 17.44 -2.93 21.44
CA HIS B 216 18.66 -3.67 21.02
C HIS B 216 18.85 -3.48 19.51
N GLU B 217 17.81 -3.76 18.72
CA GLU B 217 17.84 -3.73 17.23
C GLU B 217 18.06 -2.29 16.73
N ILE B 218 17.44 -1.31 17.41
CA ILE B 218 17.57 0.14 17.09
C ILE B 218 19.04 0.55 17.32
N LEU B 219 19.59 0.26 18.49
CA LEU B 219 21.00 0.62 18.84
C LEU B 219 21.99 -0.09 17.91
N ALA B 220 21.72 -1.35 17.56
CA ALA B 220 22.56 -2.19 16.68
C ALA B 220 22.80 -1.48 15.34
N ARG B 221 21.81 -0.69 14.88
CA ARG B 221 21.82 -0.01 13.57
C ARG B 221 22.31 1.45 13.73
N GLY B 222 22.82 1.80 14.92
CA GLY B 222 23.45 3.11 15.19
C GLY B 222 22.42 4.20 15.43
N TRP B 223 21.22 3.84 15.89
CA TRP B 223 20.10 4.78 16.13
C TRP B 223 19.78 4.85 17.62
N ALA B 224 19.23 5.99 18.06
CA ALA B 224 18.70 6.18 19.42
C ALA B 224 17.28 5.61 19.46
N ALA B 225 16.93 4.91 20.53
CA ALA B 225 15.56 4.42 20.81
C ALA B 225 14.90 5.37 21.81
N VAL B 226 13.74 5.92 21.47
CA VAL B 226 12.90 6.74 22.38
C VAL B 226 11.54 6.07 22.51
N VAL B 227 11.08 5.83 23.74
CA VAL B 227 9.83 5.05 24.03
C VAL B 227 8.88 5.93 24.85
N ALA B 228 7.66 6.12 24.33
CA ALA B 228 6.61 6.97 24.92
C ALA B 228 5.28 6.22 24.86
N GLU B 229 4.47 6.33 25.91
CA GLU B 229 3.12 5.69 25.97
C GLU B 229 2.11 6.61 25.26
N ILE B 230 0.97 6.03 24.87
CA ILE B 230 -0.08 6.72 24.08
C ILE B 230 -1.17 7.23 25.02
N PRO B 231 -1.95 8.25 24.61
CA PRO B 231 -3.09 8.74 25.38
C PRO B 231 -3.96 7.61 25.94
N GLY B 232 -4.38 7.75 27.19
CA GLY B 232 -5.31 6.81 27.85
C GLY B 232 -4.61 5.58 28.40
N THR B 233 -3.27 5.52 28.36
CA THR B 233 -2.49 4.36 28.89
C THR B 233 -1.40 4.83 29.85
N ALA B 234 -1.07 3.98 30.82
CA ALA B 234 0.16 4.04 31.64
C ALA B 234 0.35 5.45 32.23
N ASP B 235 1.43 6.14 31.89
CA ASP B 235 1.83 7.43 32.49
C ASP B 235 1.71 8.54 31.45
N CYS B 236 0.95 8.31 30.38
CA CYS B 236 0.77 9.34 29.32
C CYS B 236 -0.10 10.46 29.87
N PRO B 237 0.36 11.73 29.87
CA PRO B 237 -0.38 12.84 30.47
C PRO B 237 -1.47 13.44 29.57
N ALA B 238 -1.56 12.97 28.32
CA ALA B 238 -2.51 13.46 27.30
C ALA B 238 -3.94 13.21 27.77
N ASP B 239 -4.84 14.19 27.61
CA ASP B 239 -6.29 14.04 27.90
C ASP B 239 -6.85 12.97 26.96
N PRO B 240 -7.21 11.76 27.47
CA PRO B 240 -7.65 10.68 26.62
C PRO B 240 -8.93 11.04 25.83
N ALA B 241 -9.76 11.91 26.41
CA ALA B 241 -11.08 12.34 25.88
C ALA B 241 -10.92 13.39 24.78
N ASP B 242 -9.74 13.98 24.61
CA ASP B 242 -9.47 15.02 23.58
C ASP B 242 -8.68 14.41 22.42
N PRO B 243 -9.29 14.26 21.22
CA PRO B 243 -8.59 13.68 20.07
C PRO B 243 -7.34 14.46 19.63
N ALA B 244 -7.26 15.74 19.99
CA ALA B 244 -6.14 16.66 19.67
C ALA B 244 -4.96 16.45 20.64
N SER B 245 -5.18 15.76 21.76
CA SER B 245 -4.19 15.62 22.87
C SER B 245 -2.88 14.98 22.41
N PRO B 246 -2.88 13.93 21.56
CA PRO B 246 -1.62 13.37 21.04
C PRO B 246 -0.75 14.41 20.30
N ASP B 247 -1.38 15.33 19.57
CA ASP B 247 -0.68 16.38 18.79
C ASP B 247 0.15 17.25 19.74
N ARG B 248 -0.43 17.66 20.87
CA ARG B 248 0.25 18.49 21.90
C ARG B 248 1.37 17.66 22.55
N LEU B 249 1.10 16.39 22.85
CA LEU B 249 2.04 15.42 23.48
C LEU B 249 3.32 15.34 22.62
N TRP B 250 3.19 15.11 21.32
CA TRP B 250 4.35 14.94 20.41
C TRP B 250 5.05 16.30 20.23
N ASP B 251 4.32 17.41 20.20
CA ASP B 251 4.91 18.77 20.17
C ASP B 251 5.90 18.89 21.34
N SER B 252 5.51 18.44 22.53
CA SER B 252 6.34 18.48 23.77
C SER B 252 7.53 17.53 23.64
N VAL B 253 7.31 16.31 23.16
CA VAL B 253 8.37 15.26 23.05
C VAL B 253 9.41 15.72 22.03
N LEU B 254 8.98 16.13 20.83
CA LEU B 254 9.89 16.56 19.73
C LEU B 254 10.64 17.82 20.16
N SER B 255 9.97 18.72 20.89
CA SER B 255 10.58 19.93 21.49
C SER B 255 11.77 19.53 22.36
N TYR B 256 11.59 18.51 23.21
CA TYR B 256 12.65 18.00 24.11
C TYR B 256 13.78 17.38 23.28
N LEU B 257 13.45 16.52 22.33
CA LEU B 257 14.44 15.81 21.46
C LEU B 257 15.21 16.85 20.63
N ASP B 258 14.59 17.97 20.27
CA ASP B 258 15.23 19.13 19.57
C ASP B 258 16.36 19.69 20.43
N GLN B 259 16.25 19.62 21.76
CA GLN B 259 17.21 20.21 22.73
C GLN B 259 18.26 19.17 23.17
N ARG B 260 18.16 17.93 22.68
CA ARG B 260 19.13 16.84 23.02
C ARG B 260 20.26 16.84 21.99
N PRO B 261 21.51 17.18 22.38
CA PRO B 261 22.61 17.38 21.43
C PRO B 261 22.90 16.17 20.52
N GLU B 262 22.84 14.96 21.07
CA GLU B 262 23.31 13.70 20.42
C GLU B 262 22.19 13.05 19.61
N LEU B 263 20.98 13.62 19.64
CA LEU B 263 19.80 13.09 18.89
C LEU B 263 19.50 13.99 17.69
N ASN B 264 19.49 13.41 16.49
CA ASN B 264 19.26 14.11 15.20
C ASN B 264 17.78 14.00 14.81
N THR B 265 17.00 15.04 15.12
CA THR B 265 15.53 15.10 14.85
C THR B 265 15.28 15.35 13.36
N ALA B 266 16.33 15.53 12.54
CA ALA B 266 16.25 15.58 11.07
C ALA B 266 16.14 14.17 10.48
N LYS B 267 16.55 13.15 11.24
CA LYS B 267 16.48 11.72 10.84
C LYS B 267 15.66 10.95 11.88
N MET B 268 14.34 11.16 11.87
CA MET B 268 13.42 10.62 12.90
C MET B 268 12.27 9.84 12.25
N VAL B 269 11.97 8.66 12.81
CA VAL B 269 10.81 7.80 12.42
C VAL B 269 10.04 7.45 13.69
N VAL B 270 8.71 7.40 13.59
CA VAL B 270 7.82 6.94 14.70
C VAL B 270 7.43 5.49 14.40
N TRP B 271 7.35 4.66 15.44
CA TRP B 271 6.96 3.23 15.34
C TRP B 271 5.83 2.96 16.34
N GLY B 272 4.59 2.92 15.85
CA GLY B 272 3.38 2.72 16.67
C GLY B 272 3.01 1.25 16.75
N LEU B 273 2.94 0.70 17.96
CA LEU B 273 2.74 -0.75 18.24
C LEU B 273 1.29 -1.01 18.66
N SER B 274 0.56 -1.77 17.85
CA SER B 274 -0.84 -2.21 18.14
C SER B 274 -1.72 -0.97 18.31
N ALA B 275 -2.20 -0.67 19.53
CA ALA B 275 -2.97 0.56 19.83
C ALA B 275 -2.13 1.80 19.53
N GLY B 276 -0.79 1.66 19.55
CA GLY B 276 0.16 2.70 19.15
C GLY B 276 0.06 3.05 17.67
N GLY B 277 -0.37 2.10 16.85
CA GLY B 277 -0.49 2.25 15.38
C GLY B 277 -1.32 3.45 14.99
N TYR B 278 -2.48 3.66 15.64
CA TYR B 278 -3.37 4.83 15.46
C TYR B 278 -2.56 6.13 15.58
N TYR B 279 -1.62 6.17 16.52
CA TYR B 279 -0.87 7.40 16.91
C TYR B 279 0.29 7.59 15.93
N ALA B 280 0.87 6.49 15.41
CA ALA B 280 1.86 6.54 14.31
C ALA B 280 1.18 7.11 13.06
N ILE B 281 0.01 6.55 12.68
CA ILE B 281 -0.76 7.03 11.50
C ILE B 281 -1.06 8.52 11.70
N ARG B 282 -1.61 8.89 12.85
CA ARG B 282 -2.01 10.30 13.13
C ARG B 282 -0.78 11.20 12.97
N ALA B 283 0.31 10.87 13.68
CA ALA B 283 1.57 11.64 13.71
C ALA B 283 2.16 11.78 12.30
N ALA B 284 2.00 10.77 11.44
CA ALA B 284 2.54 10.78 10.06
C ALA B 284 1.90 11.93 9.27
N HIS B 285 0.69 12.35 9.65
CA HIS B 285 -0.08 13.46 9.03
C HIS B 285 0.23 14.77 9.77
N THR B 286 0.03 14.81 11.09
CA THR B 286 0.07 16.04 11.94
C THR B 286 1.50 16.58 12.07
N HIS B 287 2.52 15.71 12.02
CA HIS B 287 3.96 16.06 12.19
C HIS B 287 4.79 15.59 10.98
N ARG B 288 4.19 15.60 9.78
CA ARG B 288 4.81 15.08 8.53
C ARG B 288 6.15 15.78 8.27
N ASP B 289 6.23 17.09 8.51
CA ASP B 289 7.43 17.93 8.21
C ASP B 289 8.60 17.57 9.14
N ARG B 290 8.34 16.89 10.26
CA ARG B 290 9.35 16.59 11.31
C ARG B 290 9.74 15.11 11.30
N LEU B 291 9.16 14.30 10.40
CA LEU B 291 9.36 12.82 10.36
C LEU B 291 9.79 12.38 8.96
N LEU B 292 10.79 11.49 8.87
CA LEU B 292 11.21 10.82 7.61
C LEU B 292 10.24 9.68 7.29
N GLY B 293 9.62 9.11 8.32
CA GLY B 293 8.72 7.96 8.15
C GLY B 293 7.96 7.62 9.42
N ALA B 294 6.92 6.79 9.28
CA ALA B 294 6.13 6.22 10.39
C ALA B 294 5.84 4.76 10.07
N ILE B 295 5.94 3.88 11.07
CA ILE B 295 5.45 2.48 10.97
C ILE B 295 4.23 2.37 11.87
N ALA B 296 3.11 1.91 11.30
CA ALA B 296 1.86 1.56 12.02
C ALA B 296 1.73 0.04 12.03
N HIS B 297 2.03 -0.59 13.17
CA HIS B 297 2.08 -2.06 13.36
C HIS B 297 0.77 -2.53 14.00
N GLY B 298 -0.07 -3.25 13.26
CA GLY B 298 -1.41 -3.71 13.70
C GLY B 298 -2.32 -2.54 14.06
N PRO B 299 -2.50 -1.54 13.17
CA PRO B 299 -3.21 -0.32 13.52
C PRO B 299 -4.73 -0.37 13.29
N GLY B 300 -5.47 0.33 14.15
CA GLY B 300 -6.86 0.78 13.90
C GLY B 300 -6.87 2.28 13.67
N CYS B 301 -7.82 2.78 12.88
CA CYS B 301 -7.98 4.24 12.63
C CYS B 301 -9.46 4.63 12.42
N HIS B 302 -10.36 3.68 12.13
CA HIS B 302 -11.74 3.99 11.67
C HIS B 302 -12.70 2.83 11.98
N TYR B 303 -12.60 1.73 11.23
CA TYR B 303 -13.56 0.59 11.28
C TYR B 303 -13.46 -0.17 12.61
N TYR B 304 -12.38 0.00 13.38
CA TYR B 304 -12.21 -0.67 14.70
C TYR B 304 -13.24 -0.14 15.70
N LEU B 305 -13.78 1.06 15.47
CA LEU B 305 -14.78 1.71 16.35
C LEU B 305 -16.19 1.58 15.76
N ASP B 306 -16.35 0.85 14.65
CA ASP B 306 -17.67 0.48 14.08
C ASP B 306 -18.41 -0.39 15.11
N PRO B 307 -19.66 -0.04 15.47
CA PRO B 307 -20.43 -0.83 16.45
C PRO B 307 -20.53 -2.33 16.08
N GLU B 308 -20.59 -2.65 14.79
CA GLU B 308 -20.64 -4.04 14.27
C GLU B 308 -19.33 -4.75 14.65
N TRP B 309 -18.19 -4.07 14.50
CA TRP B 309 -16.85 -4.61 14.86
C TRP B 309 -16.74 -4.79 16.38
N LEU B 310 -17.10 -3.76 17.17
CA LEU B 310 -16.96 -3.76 18.65
C LEU B 310 -17.87 -4.83 19.29
N ALA B 311 -18.94 -5.23 18.60
CA ALA B 311 -19.91 -6.26 19.06
C ALA B 311 -19.25 -7.64 19.15
N LYS B 312 -18.23 -7.91 18.32
CA LYS B 312 -17.60 -9.26 18.19
C LYS B 312 -16.11 -9.22 18.55
N VAL B 313 -15.54 -8.05 18.88
CA VAL B 313 -14.07 -7.88 19.07
C VAL B 313 -13.61 -8.74 20.25
N ASN B 314 -14.45 -8.90 21.28
CA ASN B 314 -14.14 -9.68 22.51
C ASN B 314 -14.09 -11.18 22.21
N ASP B 315 -14.58 -11.61 21.04
CA ASP B 315 -14.74 -13.05 20.68
C ASP B 315 -13.53 -13.53 19.85
N HIS B 316 -12.52 -12.70 19.60
CA HIS B 316 -11.40 -13.00 18.69
C HIS B 316 -10.10 -13.24 19.49
N GLU B 317 -8.93 -12.96 18.89
CA GLU B 317 -7.63 -13.51 19.35
C GLU B 317 -7.10 -12.80 20.61
N TYR B 318 -7.60 -11.62 20.96
CA TYR B 318 -7.08 -10.88 22.15
C TYR B 318 -7.30 -11.76 23.39
N PRO B 319 -6.27 -11.95 24.25
CA PRO B 319 -6.32 -12.96 25.31
C PRO B 319 -7.52 -12.84 26.27
N PHE B 320 -8.00 -11.62 26.51
CA PHE B 320 -9.13 -11.32 27.43
C PHE B 320 -10.06 -10.28 26.79
N GLU B 321 -11.18 -9.98 27.45
CA GLU B 321 -12.12 -8.89 27.05
C GLU B 321 -11.31 -7.61 26.86
N ILE B 322 -11.58 -6.85 25.79
CA ILE B 322 -10.79 -5.63 25.41
C ILE B 322 -11.67 -4.37 25.48
N THR B 323 -12.98 -4.46 25.29
CA THR B 323 -13.86 -3.27 25.06
C THR B 323 -13.89 -2.36 26.29
N ALA B 324 -13.84 -2.95 27.50
CA ALA B 324 -13.81 -2.21 28.78
C ALA B 324 -12.53 -1.37 28.85
N ALA B 325 -11.37 -1.99 28.58
CA ALA B 325 -10.05 -1.32 28.53
C ALA B 325 -10.07 -0.22 27.46
N TRP B 326 -10.57 -0.54 26.26
CA TRP B 326 -10.69 0.42 25.13
C TRP B 326 -11.53 1.64 25.54
N ALA B 327 -12.69 1.41 26.18
CA ALA B 327 -13.60 2.48 26.62
C ALA B 327 -12.84 3.48 27.48
N THR B 328 -12.12 2.98 28.50
CA THR B 328 -11.31 3.80 29.46
C THR B 328 -10.21 4.53 28.69
N LYS B 329 -9.53 3.83 27.78
CA LYS B 329 -8.37 4.37 27.00
C LYS B 329 -8.85 5.52 26.10
N HIS B 330 -10.11 5.50 25.65
CA HIS B 330 -10.72 6.52 24.75
C HIS B 330 -11.44 7.61 25.58
N GLY B 331 -11.30 7.59 26.91
CA GLY B 331 -11.72 8.66 27.82
C GLY B 331 -13.18 8.55 28.22
N TYR B 332 -13.79 7.38 28.06
CA TYR B 332 -15.24 7.13 28.30
C TYR B 332 -15.43 6.46 29.67
N LYS B 333 -16.48 6.87 30.37
CA LYS B 333 -16.85 6.36 31.73
C LYS B 333 -17.55 5.00 31.60
N THR B 334 -18.12 4.70 30.42
CA THR B 334 -18.94 3.48 30.16
C THR B 334 -18.66 2.94 28.75
N VAL B 335 -18.71 1.61 28.59
CA VAL B 335 -18.55 0.91 27.28
C VAL B 335 -19.70 1.31 26.36
N GLU B 336 -20.92 1.46 26.90
CA GLU B 336 -22.13 1.83 26.14
C GLU B 336 -21.88 3.14 25.39
N GLU B 337 -21.33 4.15 26.09
CA GLU B 337 -21.06 5.50 25.52
C GLU B 337 -19.89 5.40 24.54
N PHE B 338 -18.88 4.58 24.84
CA PHE B 338 -17.73 4.28 23.93
C PHE B 338 -18.28 3.75 22.60
N VAL B 339 -19.04 2.66 22.62
CA VAL B 339 -19.63 2.02 21.41
C VAL B 339 -20.40 3.08 20.61
N ALA B 340 -21.23 3.88 21.28
CA ALA B 340 -22.19 4.84 20.66
C ALA B 340 -21.46 6.06 20.07
N GLY B 341 -20.32 6.48 20.66
CA GLY B 341 -19.73 7.82 20.41
C GLY B 341 -18.34 7.81 19.79
N ALA B 342 -17.57 6.74 19.98
CA ALA B 342 -16.11 6.70 19.71
C ALA B 342 -15.80 6.98 18.23
N GLN B 343 -16.44 6.28 17.29
CA GLN B 343 -16.05 6.31 15.85
C GLN B 343 -16.06 7.75 15.32
N LYS B 344 -17.15 8.49 15.50
CA LYS B 344 -17.29 9.86 14.93
C LYS B 344 -16.27 10.80 15.58
N LYS B 345 -15.91 10.55 16.85
CA LYS B 345 -15.03 11.44 17.66
C LYS B 345 -13.55 11.15 17.40
N PHE B 346 -13.19 9.89 17.15
CA PHE B 346 -11.76 9.45 17.13
C PHE B 346 -11.32 8.94 15.75
N SER B 347 -12.25 8.53 14.88
CA SER B 347 -11.90 8.01 13.52
C SER B 347 -11.03 9.04 12.80
N LEU B 348 -9.85 8.63 12.33
CA LEU B 348 -8.96 9.49 11.51
C LEU B 348 -9.61 9.77 10.15
N VAL B 349 -10.56 8.91 9.74
CA VAL B 349 -11.32 9.06 8.46
C VAL B 349 -12.46 10.06 8.68
N GLU B 350 -13.33 9.80 9.66
CA GLU B 350 -14.53 10.63 9.96
C GLU B 350 -14.11 12.08 10.23
N THR B 351 -13.01 12.27 10.98
CA THR B 351 -12.54 13.61 11.43
C THR B 351 -11.70 14.28 10.32
N GLY B 352 -11.26 13.52 9.32
CA GLY B 352 -10.63 14.02 8.09
C GLY B 352 -9.11 14.19 8.23
N ILE B 353 -8.51 13.68 9.30
CA ILE B 353 -7.02 13.71 9.51
C ILE B 353 -6.33 13.11 8.30
N VAL B 354 -6.92 12.07 7.68
CA VAL B 354 -6.32 11.30 6.55
C VAL B 354 -6.33 12.15 5.26
N ASP B 355 -7.17 13.19 5.20
CA ASP B 355 -7.31 14.06 4.01
C ASP B 355 -6.29 15.20 4.09
N GLN B 356 -5.02 14.83 4.24
CA GLN B 356 -3.84 15.74 4.12
C GLN B 356 -2.62 14.88 3.81
N PRO B 357 -1.49 15.47 3.39
CA PRO B 357 -0.29 14.70 3.11
C PRO B 357 0.25 14.06 4.40
N SER B 358 1.07 13.02 4.24
CA SER B 358 1.79 12.39 5.37
C SER B 358 3.23 12.10 4.92
N CYS B 359 4.14 11.97 5.87
CA CYS B 359 5.48 11.37 5.63
C CYS B 359 5.24 9.94 5.15
N ARG B 360 6.29 9.25 4.72
CA ARG B 360 6.21 7.81 4.37
C ARG B 360 5.58 7.05 5.54
N LEU B 361 4.57 6.24 5.26
CA LEU B 361 3.80 5.47 6.26
C LEU B 361 3.76 4.00 5.83
N LEU B 362 4.42 3.12 6.60
CA LEU B 362 4.37 1.65 6.40
C LEU B 362 3.31 1.06 7.31
N LEU B 363 2.31 0.40 6.73
CA LEU B 363 1.23 -0.32 7.44
C LEU B 363 1.53 -1.82 7.40
N LEU B 364 1.62 -2.45 8.56
CA LEU B 364 1.92 -3.90 8.70
C LEU B 364 0.81 -4.54 9.54
N ASN B 365 0.27 -5.67 9.10
CA ASN B 365 -0.74 -6.42 9.88
C ASN B 365 -0.97 -7.79 9.25
N GLY B 366 -1.56 -8.70 10.03
CA GLY B 366 -2.21 -9.93 9.52
C GLY B 366 -3.53 -9.57 8.85
N VAL B 367 -3.83 -10.20 7.71
CA VAL B 367 -5.11 -9.98 6.96
C VAL B 367 -6.27 -10.38 7.86
N ASP B 368 -6.14 -11.48 8.61
CA ASP B 368 -7.22 -12.05 9.46
C ASP B 368 -7.12 -11.49 10.88
N ASP B 369 -6.73 -10.22 11.03
CA ASP B 369 -6.75 -9.52 12.34
C ASP B 369 -8.21 -9.44 12.80
N GLY B 370 -8.51 -9.92 14.02
CA GLY B 370 -9.84 -9.88 14.63
C GLY B 370 -9.93 -8.88 15.78
N VAL B 371 -8.85 -8.14 16.05
CA VAL B 371 -8.76 -7.10 17.12
C VAL B 371 -9.05 -5.75 16.46
N VAL B 372 -8.30 -5.42 15.40
CA VAL B 372 -8.55 -4.27 14.48
C VAL B 372 -8.67 -4.80 13.06
N PRO B 373 -9.64 -4.31 12.26
CA PRO B 373 -9.88 -4.89 10.94
C PRO B 373 -8.75 -4.51 9.97
N ILE B 374 -8.36 -5.41 9.07
CA ILE B 374 -7.37 -5.12 7.99
C ILE B 374 -7.87 -3.95 7.12
N GLU B 375 -9.19 -3.70 7.11
CA GLU B 375 -9.80 -2.57 6.34
C GLU B 375 -9.25 -1.22 6.84
N ASP B 376 -8.75 -1.16 8.09
CA ASP B 376 -8.21 0.08 8.72
C ASP B 376 -6.78 0.34 8.22
N CYS B 377 -6.13 -0.63 7.60
CA CYS B 377 -4.91 -0.41 6.77
C CYS B 377 -5.33 0.04 5.37
N LEU B 378 -6.21 -0.75 4.73
CA LEU B 378 -6.63 -0.60 3.31
C LEU B 378 -7.28 0.76 3.06
N VAL B 379 -8.05 1.29 4.02
CA VAL B 379 -8.82 2.56 3.85
C VAL B 379 -7.83 3.72 3.67
N LEU B 380 -6.62 3.62 4.23
CA LEU B 380 -5.62 4.72 4.21
C LEU B 380 -5.05 4.89 2.80
N PHE B 381 -5.23 3.91 1.90
CA PHE B 381 -4.81 4.01 0.48
C PHE B 381 -5.80 4.88 -0.30
N GLU B 382 -6.97 5.19 0.30
CA GLU B 382 -8.07 5.94 -0.37
C GLU B 382 -8.06 7.42 0.02
N HIS B 383 -7.02 7.89 0.71
CA HIS B 383 -6.90 9.28 1.24
C HIS B 383 -5.45 9.75 1.12
N GLY B 384 -5.24 11.07 0.99
CA GLY B 384 -3.94 11.76 1.17
C GLY B 384 -2.85 11.23 0.27
N SER B 385 -1.64 11.09 0.82
CA SER B 385 -0.39 10.64 0.15
C SER B 385 -0.46 9.14 -0.10
N PRO B 386 0.34 8.58 -1.04
CA PRO B 386 0.48 7.14 -1.16
C PRO B 386 0.94 6.54 0.18
N LYS B 387 0.46 5.34 0.50
CA LYS B 387 0.86 4.58 1.70
C LYS B 387 1.68 3.38 1.25
N GLU B 388 2.50 2.84 2.15
CA GLU B 388 3.24 1.57 1.97
C GLU B 388 2.62 0.54 2.91
N GLY B 389 2.54 -0.72 2.47
CA GLY B 389 1.95 -1.78 3.30
C GLY B 389 2.51 -3.15 2.95
N ARG B 390 2.48 -4.03 3.95
CA ARG B 390 2.69 -5.49 3.78
C ARG B 390 1.69 -6.17 4.72
N PHE B 391 0.74 -6.91 4.16
CA PHE B 391 -0.37 -7.58 4.89
C PHE B 391 -0.24 -9.10 4.72
N TYR B 392 -0.25 -9.83 5.84
CA TYR B 392 0.12 -11.26 5.89
C TYR B 392 -1.15 -12.11 5.83
N LYS B 393 -1.31 -12.82 4.71
CA LYS B 393 -2.45 -13.72 4.40
C LYS B 393 -2.63 -14.72 5.54
N GLY B 394 -3.81 -14.76 6.15
CA GLY B 394 -4.23 -15.79 7.11
C GLY B 394 -3.76 -15.53 8.53
N LEU B 395 -2.95 -14.49 8.78
CA LEU B 395 -2.34 -14.25 10.11
C LEU B 395 -3.22 -13.31 10.94
N PRO B 396 -3.25 -13.48 12.28
CA PRO B 396 -4.05 -12.64 13.16
C PRO B 396 -3.33 -11.32 13.50
N HIS B 397 -3.85 -10.59 14.50
CA HIS B 397 -3.38 -9.24 14.92
C HIS B 397 -1.85 -9.17 14.93
N MET B 398 -1.30 -8.18 14.22
CA MET B 398 0.15 -7.79 14.18
C MET B 398 0.92 -8.55 13.09
N GLY B 399 0.40 -9.71 12.64
CA GLY B 399 1.00 -10.53 11.58
C GLY B 399 2.44 -10.95 11.89
N TYR B 400 2.69 -11.42 13.13
CA TYR B 400 3.99 -11.97 13.56
C TYR B 400 4.11 -13.42 13.08
N PRO B 401 5.34 -13.99 12.99
CA PRO B 401 6.58 -13.25 13.26
C PRO B 401 7.11 -12.46 12.05
N ASN B 402 6.45 -12.60 10.90
CA ASN B 402 6.93 -12.10 9.59
C ASN B 402 7.09 -10.58 9.62
N SER B 403 6.17 -9.87 10.30
CA SER B 403 6.07 -8.39 10.25
C SER B 403 7.25 -7.72 10.95
N LEU B 404 7.97 -8.42 11.84
CA LEU B 404 9.06 -7.80 12.64
C LEU B 404 10.26 -7.46 11.75
N PRO B 405 10.94 -8.42 11.08
CA PRO B 405 12.17 -8.11 10.34
C PRO B 405 11.99 -7.16 9.15
N VAL B 406 10.82 -7.15 8.50
CA VAL B 406 10.53 -6.15 7.42
C VAL B 406 10.56 -4.74 8.02
N SER B 407 10.14 -4.56 9.28
CA SER B 407 10.17 -3.25 10.01
C SER B 407 11.58 -2.65 9.91
N TYR B 408 12.58 -3.43 10.29
CA TYR B 408 14.01 -3.01 10.33
C TYR B 408 14.54 -2.75 8.92
N GLU B 409 14.18 -3.60 7.95
CA GLU B 409 14.56 -3.40 6.51
C GLU B 409 14.09 -2.00 6.10
N TRP B 410 12.85 -1.66 6.40
CA TRP B 410 12.21 -0.38 6.01
C TRP B 410 12.88 0.79 6.75
N LEU B 411 13.11 0.64 8.06
CA LEU B 411 13.81 1.65 8.90
C LEU B 411 15.18 1.97 8.30
N GLU B 412 15.93 0.93 7.91
CA GLU B 412 17.28 1.06 7.29
C GLU B 412 17.19 1.85 5.98
N GLN B 413 16.21 1.56 5.13
CA GLN B 413 16.00 2.27 3.83
C GLN B 413 15.72 3.74 4.12
N VAL B 414 14.77 4.02 5.01
CA VAL B 414 14.25 5.40 5.32
C VAL B 414 15.35 6.23 6.00
N LEU B 415 16.18 5.61 6.85
CA LEU B 415 17.21 6.32 7.68
C LEU B 415 18.60 6.18 7.03
N ALA B 416 18.66 5.79 5.75
CA ALA B 416 19.91 5.55 4.99
C ALA B 416 20.66 6.88 4.81
N SER B 417 21.99 6.80 4.62
CA SER B 417 22.91 7.94 4.41
C SER B 417 23.31 8.01 2.93
N ARG C 20 45.29 -40.62 11.08
CA ARG C 20 44.15 -40.67 12.05
C ARG C 20 42.94 -41.36 11.40
N TRP C 21 42.39 -40.75 10.35
CA TRP C 21 41.09 -41.16 9.75
C TRP C 21 41.27 -42.31 8.78
N ILE C 22 40.29 -43.24 8.74
CA ILE C 22 40.27 -44.41 7.81
C ILE C 22 40.26 -43.89 6.38
N LEU C 23 39.66 -42.72 6.14
CA LEU C 23 39.60 -42.03 4.82
C LEU C 23 41.03 -41.85 4.27
N GLY C 24 42.01 -41.65 5.17
CA GLY C 24 43.44 -41.73 4.86
C GLY C 24 43.92 -40.56 4.01
N ASP C 25 44.58 -40.86 2.88
CA ASP C 25 45.23 -39.86 1.98
C ASP C 25 44.19 -38.87 1.45
N LYS C 26 42.95 -39.32 1.20
CA LYS C 26 41.86 -38.50 0.61
C LYS C 26 41.41 -37.41 1.60
N PHE C 27 41.62 -37.60 2.90
CA PHE C 27 41.20 -36.64 3.97
C PHE C 27 41.86 -35.27 3.74
N ASP C 28 43.15 -35.25 3.39
CA ASP C 28 43.97 -34.02 3.28
C ASP C 28 43.85 -33.40 1.89
N THR C 29 43.22 -34.09 0.93
CA THR C 29 43.06 -33.61 -0.47
C THR C 29 41.97 -32.53 -0.53
N VAL C 30 42.11 -31.59 -1.46
CA VAL C 30 41.05 -30.65 -1.90
C VAL C 30 40.46 -31.22 -3.20
N PHE C 31 39.20 -31.66 -3.16
CA PHE C 31 38.49 -32.27 -4.32
C PHE C 31 38.36 -31.22 -5.41
N PRO C 32 38.47 -31.59 -6.70
CA PRO C 32 38.61 -30.60 -7.77
C PRO C 32 37.42 -29.65 -7.95
N HIS C 33 36.23 -30.08 -7.55
CA HIS C 33 34.96 -29.33 -7.75
C HIS C 33 34.74 -28.29 -6.65
N LYS C 34 35.60 -28.24 -5.63
CA LYS C 34 35.46 -27.29 -4.50
C LYS C 34 35.57 -25.86 -5.05
N GLY C 35 34.50 -25.06 -4.87
CA GLY C 35 34.42 -23.67 -5.33
C GLY C 35 34.24 -23.55 -6.84
N SER C 36 34.03 -24.65 -7.56
CA SER C 36 33.89 -24.67 -9.04
C SER C 36 32.64 -25.45 -9.46
N LEU C 37 31.52 -24.74 -9.66
CA LEU C 37 30.25 -25.33 -10.18
C LEU C 37 30.52 -25.91 -11.58
N LYS C 38 31.39 -25.28 -12.37
CA LYS C 38 31.81 -25.77 -13.71
C LYS C 38 32.33 -27.20 -13.57
N VAL C 39 33.28 -27.43 -12.67
CA VAL C 39 33.92 -28.77 -12.45
C VAL C 39 32.86 -29.73 -11.89
N LEU C 40 32.08 -29.29 -10.91
CA LEU C 40 31.00 -30.13 -10.31
C LEU C 40 30.11 -30.68 -11.43
N TRP C 41 29.63 -29.80 -12.31
CA TRP C 41 28.72 -30.16 -13.43
C TRP C 41 29.45 -31.09 -14.40
N GLU C 42 30.63 -30.67 -14.88
CA GLU C 42 31.38 -31.36 -15.97
C GLU C 42 31.82 -32.76 -15.52
N SER C 43 32.33 -32.90 -14.30
CA SER C 43 32.96 -34.16 -13.80
C SER C 43 31.89 -35.11 -13.21
N ARG C 44 30.86 -34.58 -12.53
CA ARG C 44 29.92 -35.41 -11.72
C ARG C 44 28.47 -35.17 -12.16
N TRP C 45 27.92 -33.98 -11.89
CA TRP C 45 26.45 -33.73 -11.88
C TRP C 45 25.84 -33.93 -13.27
N LYS C 46 26.54 -33.55 -14.34
CA LYS C 46 26.05 -33.73 -15.75
C LYS C 46 25.63 -35.20 -15.93
N PHE C 47 26.48 -36.13 -15.49
CA PHE C 47 26.32 -37.60 -15.69
C PHE C 47 25.19 -38.11 -14.78
N ALA C 48 25.21 -37.71 -13.49
CA ALA C 48 24.16 -38.01 -12.50
C ALA C 48 22.82 -37.53 -13.04
N CYS C 49 22.80 -36.38 -13.72
CA CYS C 49 21.58 -35.76 -14.27
C CYS C 49 21.04 -36.62 -15.43
N SER C 50 21.90 -36.98 -16.39
CA SER C 50 21.57 -37.85 -17.55
C SER C 50 20.95 -39.17 -17.07
N LYS C 51 21.53 -39.78 -16.02
CA LYS C 51 21.09 -41.09 -15.46
C LYS C 51 19.85 -40.91 -14.58
N SER C 52 19.42 -39.66 -14.31
CA SER C 52 18.29 -39.33 -13.41
C SER C 52 18.46 -40.05 -12.06
N VAL C 53 19.66 -39.95 -11.49
CA VAL C 53 20.01 -40.48 -10.13
C VAL C 53 20.38 -39.27 -9.26
N TYR C 54 20.51 -39.50 -7.95
CA TYR C 54 20.71 -38.45 -6.91
C TYR C 54 21.81 -37.49 -7.34
N PRO C 55 21.62 -36.16 -7.21
CA PRO C 55 20.38 -35.56 -6.71
C PRO C 55 19.29 -35.27 -7.76
N PHE C 56 19.41 -35.83 -8.97
CA PHE C 56 18.57 -35.49 -10.15
C PHE C 56 17.49 -36.56 -10.40
N HIS C 57 17.21 -37.42 -9.42
CA HIS C 57 16.14 -38.46 -9.48
C HIS C 57 14.79 -37.81 -9.79
N ASP C 58 14.03 -38.40 -10.72
CA ASP C 58 12.74 -37.90 -11.28
C ASP C 58 13.01 -36.85 -12.38
N GLY C 59 14.26 -36.44 -12.58
CA GLY C 59 14.62 -35.23 -13.35
C GLY C 59 15.09 -35.58 -14.76
N SER C 60 15.20 -34.56 -15.63
CA SER C 60 15.64 -34.69 -17.04
C SER C 60 16.80 -33.74 -17.34
N ILE C 61 17.85 -34.24 -18.00
CA ILE C 61 19.05 -33.47 -18.44
C ILE C 61 18.62 -32.29 -19.31
N GLU C 62 17.62 -32.46 -20.18
CA GLU C 62 17.19 -31.39 -21.13
C GLU C 62 16.72 -30.16 -20.34
N ASP C 63 16.25 -30.35 -19.11
CA ASP C 63 15.77 -29.24 -18.23
C ASP C 63 16.96 -28.49 -17.62
N PHE C 64 18.10 -29.18 -17.40
CA PHE C 64 19.21 -28.68 -16.56
C PHE C 64 20.36 -28.14 -17.42
N GLU C 65 20.63 -28.75 -18.58
CA GLU C 65 21.81 -28.39 -19.42
C GLU C 65 21.79 -26.89 -19.70
N PRO C 66 20.66 -26.28 -20.12
CA PRO C 66 20.61 -24.82 -20.30
C PRO C 66 20.87 -23.99 -19.02
N ILE C 67 20.40 -24.46 -17.87
CA ILE C 67 20.57 -23.72 -16.57
C ILE C 67 22.06 -23.70 -16.22
N PHE C 68 22.73 -24.86 -16.24
CA PHE C 68 24.15 -25.00 -15.82
C PHE C 68 25.07 -24.32 -16.83
N ASN C 69 24.70 -24.31 -18.11
CA ASN C 69 25.41 -23.54 -19.17
C ASN C 69 25.40 -22.06 -18.77
N HIS C 70 24.24 -21.54 -18.35
CA HIS C 70 24.04 -20.15 -17.88
C HIS C 70 24.92 -19.89 -16.64
N LEU C 71 24.80 -20.75 -15.62
CA LEU C 71 25.55 -20.62 -14.33
C LEU C 71 27.06 -20.60 -14.60
N ILE C 72 27.55 -21.56 -15.40
CA ILE C 72 29.00 -21.69 -15.77
C ILE C 72 29.45 -20.44 -16.53
N SER C 73 28.62 -19.94 -17.46
CA SER C 73 28.91 -18.75 -18.31
C SER C 73 29.12 -17.52 -17.43
N LYS C 74 28.34 -17.37 -16.36
CA LYS C 74 28.35 -16.19 -15.46
C LYS C 74 29.31 -16.40 -14.28
N ASN C 75 30.04 -17.53 -14.26
CA ASN C 75 30.95 -17.94 -13.16
C ASN C 75 30.21 -17.81 -11.82
N ILE C 76 29.00 -18.35 -11.73
CA ILE C 76 28.24 -18.50 -10.45
C ILE C 76 28.61 -19.88 -9.87
N ASN C 77 29.31 -19.87 -8.72
CA ASN C 77 29.83 -21.09 -8.04
C ASN C 77 29.21 -21.23 -6.65
N ASP C 78 28.67 -20.15 -6.08
CA ASP C 78 28.06 -20.14 -4.73
C ASP C 78 26.60 -20.57 -4.84
N ALA C 79 26.27 -21.79 -4.38
CA ALA C 79 24.90 -22.35 -4.37
C ALA C 79 24.02 -21.57 -3.40
N ALA C 80 24.59 -21.04 -2.31
CA ALA C 80 23.88 -20.29 -1.25
C ALA C 80 23.27 -19.00 -1.82
N SER C 81 23.90 -18.39 -2.83
CA SER C 81 23.54 -17.07 -3.41
C SER C 81 22.19 -17.14 -4.14
N ASP C 82 21.49 -16.00 -4.24
CA ASP C 82 20.20 -15.84 -4.95
C ASP C 82 20.42 -15.96 -6.46
N GLU C 83 21.59 -15.55 -6.94
CA GLU C 83 21.98 -15.64 -8.38
C GLU C 83 21.85 -17.09 -8.85
N TYR C 84 22.32 -18.04 -8.02
CA TYR C 84 22.27 -19.49 -8.31
C TYR C 84 20.82 -19.95 -8.44
N THR C 85 20.03 -19.75 -7.39
CA THR C 85 18.64 -20.26 -7.26
C THR C 85 17.77 -19.72 -8.41
N GLN C 86 17.87 -18.41 -8.68
CA GLN C 86 16.96 -17.70 -9.62
C GLN C 86 17.12 -18.23 -11.05
N ALA C 87 18.31 -18.72 -11.41
CA ALA C 87 18.66 -19.24 -12.76
C ALA C 87 17.77 -20.44 -13.13
N PHE C 88 17.16 -21.10 -12.14
CA PHE C 88 16.39 -22.37 -12.32
C PHE C 88 14.90 -22.11 -12.55
N LEU C 89 14.38 -20.98 -12.05
CA LEU C 89 12.91 -20.78 -11.85
C LEU C 89 12.18 -20.68 -13.18
N PRO C 90 12.65 -19.89 -14.18
CA PRO C 90 11.96 -19.79 -15.48
C PRO C 90 11.71 -21.15 -16.14
N THR C 91 12.68 -22.06 -16.08
CA THR C 91 12.56 -23.47 -16.56
C THR C 91 11.38 -24.14 -15.84
N ALA C 92 11.35 -24.05 -14.51
CA ALA C 92 10.28 -24.64 -13.66
C ALA C 92 8.92 -24.10 -14.11
N SER C 93 8.82 -22.78 -14.33
CA SER C 93 7.59 -22.10 -14.82
C SER C 93 7.17 -22.67 -16.17
N ALA C 94 8.13 -22.83 -17.10
CA ALA C 94 7.90 -23.41 -18.45
C ALA C 94 7.34 -24.82 -18.30
N LEU C 95 7.98 -25.67 -17.49
CA LEU C 95 7.54 -27.07 -17.23
C LEU C 95 6.12 -27.08 -16.63
N GLU C 96 5.80 -26.16 -15.73
CA GLU C 96 4.46 -26.08 -15.10
C GLU C 96 3.40 -25.73 -16.17
N GLU C 97 3.75 -24.83 -17.09
CA GLU C 97 2.86 -24.45 -18.23
C GLU C 97 2.64 -25.68 -19.12
N LYS C 98 3.71 -26.40 -19.46
CA LYS C 98 3.65 -27.63 -20.31
C LYS C 98 2.75 -28.68 -19.64
N ALA C 99 2.81 -28.80 -18.31
CA ALA C 99 1.99 -29.74 -17.52
C ALA C 99 0.51 -29.34 -17.60
N ALA C 100 0.22 -28.04 -17.47
CA ALA C 100 -1.14 -27.46 -17.56
C ALA C 100 -1.78 -27.83 -18.91
N GLN C 101 -1.02 -27.70 -20.00
CA GLN C 101 -1.46 -28.03 -21.38
C GLN C 101 -1.73 -29.53 -21.47
N ALA C 102 -0.82 -30.36 -20.99
CA ALA C 102 -0.94 -31.84 -20.93
C ALA C 102 -2.19 -32.23 -20.12
N LEU C 103 -2.42 -31.56 -18.99
CA LEU C 103 -3.61 -31.78 -18.12
C LEU C 103 -4.88 -31.38 -18.87
N GLN C 104 -4.83 -30.27 -19.64
CA GLN C 104 -5.95 -29.75 -20.47
C GLN C 104 -6.36 -30.82 -21.50
N ALA C 105 -5.37 -31.42 -22.18
CA ALA C 105 -5.57 -32.41 -23.27
C ALA C 105 -5.85 -33.81 -22.71
N GLY C 106 -5.94 -33.95 -21.38
CA GLY C 106 -6.33 -35.20 -20.70
C GLY C 106 -5.17 -36.20 -20.62
N LYS C 107 -3.94 -35.74 -20.80
CA LYS C 107 -2.71 -36.58 -20.73
C LYS C 107 -2.16 -36.54 -19.30
N HIS C 108 -2.76 -37.33 -18.41
CA HIS C 108 -2.51 -37.36 -16.94
C HIS C 108 -1.05 -37.73 -16.66
N GLU C 109 -0.53 -38.78 -17.31
CA GLU C 109 0.85 -39.29 -17.10
C GLU C 109 1.86 -38.22 -17.55
N GLU C 110 1.67 -37.62 -18.73
CA GLU C 110 2.55 -36.56 -19.30
C GLU C 110 2.60 -35.38 -18.32
N ALA C 111 1.44 -34.90 -17.86
CA ALA C 111 1.30 -33.77 -16.91
C ALA C 111 2.06 -34.09 -15.62
N SER C 112 1.84 -35.30 -15.08
CA SER C 112 2.51 -35.80 -13.84
C SER C 112 4.04 -35.80 -14.02
N ASN C 113 4.52 -36.32 -15.16
CA ASN C 113 5.97 -36.42 -15.51
C ASN C 113 6.60 -35.03 -15.54
N LEU C 114 5.92 -34.07 -16.17
CA LEU C 114 6.41 -32.67 -16.32
C LEU C 114 6.44 -31.97 -14.96
N LEU C 115 5.43 -32.19 -14.11
CA LEU C 115 5.37 -31.60 -12.75
C LEU C 115 6.50 -32.17 -11.88
N CYS C 116 6.74 -33.48 -11.95
CA CYS C 116 7.86 -34.15 -11.25
C CYS C 116 9.20 -33.53 -11.69
N ARG C 117 9.33 -33.20 -12.99
CA ARG C 117 10.54 -32.57 -13.58
C ARG C 117 10.70 -31.14 -13.04
N ALA C 118 9.62 -30.36 -13.02
CA ALA C 118 9.61 -29.00 -12.40
C ALA C 118 10.10 -29.12 -10.95
N ALA C 119 9.63 -30.13 -10.22
CA ALA C 119 9.98 -30.40 -8.80
C ALA C 119 11.48 -30.61 -8.66
N VAL C 120 12.09 -31.37 -9.57
CA VAL C 120 13.57 -31.62 -9.56
C VAL C 120 14.26 -30.28 -9.84
N VAL C 121 13.80 -29.51 -10.83
CA VAL C 121 14.39 -28.18 -11.16
C VAL C 121 14.41 -27.33 -9.88
N TYR C 122 13.29 -27.27 -9.14
CA TYR C 122 13.18 -26.54 -7.85
C TYR C 122 14.16 -27.13 -6.83
N ARG C 123 14.15 -28.46 -6.67
CA ARG C 123 15.02 -29.19 -5.72
C ARG C 123 16.47 -28.73 -5.84
N ILE C 124 17.03 -28.76 -7.06
CA ILE C 124 18.46 -28.42 -7.31
C ILE C 124 18.65 -26.92 -7.08
N SER C 125 17.64 -26.09 -7.36
CA SER C 125 17.70 -24.62 -7.20
C SER C 125 17.89 -24.26 -5.72
N ARG C 126 17.41 -25.10 -4.80
CA ARG C 126 17.44 -24.83 -3.33
C ARG C 126 18.52 -25.71 -2.65
N PHE C 127 19.39 -26.34 -3.44
CA PHE C 127 20.56 -27.10 -2.95
C PHE C 127 21.56 -26.10 -2.35
N PRO C 128 22.36 -26.47 -1.32
CA PRO C 128 22.17 -27.71 -0.56
C PRO C 128 21.24 -27.62 0.66
N TYR C 129 20.72 -26.44 0.97
CA TYR C 129 19.99 -26.18 2.24
C TYR C 129 19.03 -24.99 2.08
N VAL C 130 17.77 -25.21 2.45
CA VAL C 130 16.76 -24.14 2.72
C VAL C 130 17.01 -23.64 4.15
N ASP C 131 17.44 -22.39 4.29
CA ASP C 131 17.76 -21.77 5.61
C ASP C 131 16.46 -21.61 6.39
N ILE C 132 16.26 -22.42 7.43
CA ILE C 132 15.02 -22.48 8.26
C ILE C 132 14.83 -21.15 9.02
N THR C 133 15.85 -20.29 9.07
CA THR C 133 15.81 -18.98 9.79
C THR C 133 15.45 -17.84 8.84
N LYS C 134 15.25 -18.10 7.55
CA LYS C 134 15.00 -17.07 6.51
C LYS C 134 13.78 -17.47 5.66
N PRO C 135 12.54 -17.26 6.15
CA PRO C 135 11.34 -17.65 5.41
C PRO C 135 11.07 -16.88 4.11
N ASN C 136 11.81 -15.78 3.86
CA ASN C 136 11.63 -14.91 2.66
C ASN C 136 12.70 -15.25 1.61
N SER C 137 13.60 -16.19 1.89
CA SER C 137 14.70 -16.59 0.97
C SER C 137 14.11 -17.21 -0.31
N ILE C 138 14.77 -17.02 -1.45
CA ILE C 138 14.32 -17.55 -2.78
C ILE C 138 14.30 -19.08 -2.70
N LYS C 139 15.19 -19.69 -1.91
CA LYS C 139 15.29 -21.17 -1.72
C LYS C 139 14.04 -21.69 -1.01
N ARG C 140 13.52 -20.96 -0.01
CA ARG C 140 12.23 -21.29 0.65
C ARG C 140 11.12 -21.22 -0.42
N VAL C 141 11.07 -20.12 -1.17
CA VAL C 141 10.05 -19.92 -2.25
C VAL C 141 10.10 -21.13 -3.18
N ALA C 142 11.30 -21.53 -3.63
CA ALA C 142 11.53 -22.66 -4.55
C ALA C 142 11.00 -23.96 -3.94
N PHE C 143 11.30 -24.22 -2.67
CA PHE C 143 10.83 -25.42 -1.94
C PHE C 143 9.29 -25.45 -1.92
N GLU C 144 8.66 -24.31 -1.63
CA GLU C 144 7.18 -24.20 -1.53
C GLU C 144 6.56 -24.52 -2.90
N ARG C 145 7.13 -23.98 -3.98
CA ARG C 145 6.70 -24.27 -5.38
C ARG C 145 6.93 -25.76 -5.65
N GLN C 146 8.06 -26.31 -5.19
CA GLN C 146 8.40 -27.74 -5.37
C GLN C 146 7.29 -28.63 -4.78
N LYS C 147 6.85 -28.32 -3.57
CA LYS C 147 5.86 -29.12 -2.81
C LYS C 147 4.50 -29.05 -3.51
N GLN C 148 4.12 -27.87 -4.01
CA GLN C 148 2.85 -27.68 -4.76
C GLN C 148 2.89 -28.52 -6.03
N ALA C 149 3.95 -28.38 -6.84
CA ALA C 149 4.15 -29.14 -8.10
C ALA C 149 4.12 -30.64 -7.78
N TYR C 150 4.86 -31.07 -6.77
CA TYR C 150 5.02 -32.49 -6.41
C TYR C 150 3.67 -33.10 -6.05
N LEU C 151 2.88 -32.43 -5.19
CA LEU C 151 1.56 -32.93 -4.72
C LEU C 151 0.58 -33.02 -5.91
N LYS C 152 0.60 -32.04 -6.81
CA LYS C 152 -0.20 -32.09 -8.06
C LYS C 152 0.20 -33.33 -8.87
N ALA C 153 1.50 -33.52 -9.08
CA ALA C 153 2.07 -34.67 -9.82
C ALA C 153 1.58 -35.99 -9.21
N THR C 154 1.68 -36.12 -7.88
CA THR C 154 1.46 -37.39 -7.14
C THR C 154 -0.03 -37.58 -6.83
N SER C 155 -0.87 -36.56 -7.02
CA SER C 155 -2.35 -36.65 -6.84
C SER C 155 -2.95 -37.55 -7.93
N LEU C 156 -2.26 -37.68 -9.08
CA LEU C 156 -2.71 -38.46 -10.26
C LEU C 156 -2.45 -39.96 -10.06
N TRP C 157 -1.42 -40.32 -9.27
CA TRP C 157 -1.00 -41.73 -9.02
C TRP C 157 -2.17 -42.54 -8.47
N THR C 158 -2.27 -43.82 -8.88
CA THR C 158 -3.28 -44.80 -8.40
C THR C 158 -3.29 -44.81 -6.87
N GLN C 159 -2.11 -44.91 -6.26
CA GLN C 159 -1.89 -44.75 -4.79
C GLN C 159 -1.19 -43.41 -4.56
N PRO C 160 -1.94 -42.30 -4.35
CA PRO C 160 -1.35 -40.98 -4.30
C PRO C 160 -0.53 -40.72 -3.03
N ILE C 161 0.52 -39.91 -3.13
CA ILE C 161 1.21 -39.31 -1.94
C ILE C 161 0.26 -38.24 -1.39
N ARG C 162 -0.11 -38.35 -0.12
CA ARG C 162 -0.98 -37.38 0.59
C ARG C 162 -0.14 -36.71 1.68
N GLU C 163 -0.27 -35.39 1.83
CA GLU C 163 0.33 -34.66 2.96
C GLU C 163 -0.65 -34.68 4.13
N VAL C 164 -0.16 -35.02 5.32
CA VAL C 164 -0.90 -34.89 6.61
C VAL C 164 -0.10 -33.95 7.51
N THR C 165 -0.75 -32.91 8.06
CA THR C 165 -0.19 -32.04 9.13
C THR C 165 -0.55 -32.68 10.48
N VAL C 166 0.40 -33.37 11.10
CA VAL C 166 0.22 -34.03 12.42
C VAL C 166 0.44 -32.97 13.51
N PRO C 167 -0.55 -32.74 14.40
CA PRO C 167 -0.36 -31.88 15.56
C PRO C 167 0.81 -32.36 16.44
N HIS C 168 1.76 -31.47 16.73
CA HIS C 168 2.96 -31.77 17.56
C HIS C 168 2.56 -31.69 19.03
N THR C 169 1.77 -32.67 19.49
CA THR C 169 1.20 -32.69 20.88
C THR C 169 2.33 -32.69 21.90
N TYR C 170 3.44 -33.38 21.60
CA TYR C 170 4.59 -33.58 22.52
C TYR C 170 5.55 -32.38 22.46
N ARG C 171 5.18 -31.31 21.75
CA ARG C 171 6.01 -30.09 21.60
C ARG C 171 6.31 -29.49 22.98
N THR C 172 7.54 -28.98 23.17
CA THR C 172 7.98 -28.19 24.34
C THR C 172 9.02 -27.15 23.86
N GLY C 173 9.36 -26.18 24.70
CA GLY C 173 10.45 -25.21 24.42
C GLY C 173 10.11 -24.33 23.23
N ASN C 174 10.93 -24.40 22.18
CA ASN C 174 10.80 -23.57 20.94
C ASN C 174 10.16 -24.38 19.81
N ASP C 175 9.69 -25.61 20.10
CA ASP C 175 9.08 -26.54 19.12
C ASP C 175 7.88 -25.88 18.45
N GLY C 176 7.68 -26.16 17.16
CA GLY C 176 6.50 -25.73 16.37
C GLY C 176 5.29 -26.62 16.65
N ALA C 177 4.13 -26.25 16.09
CA ALA C 177 2.83 -26.88 16.37
C ALA C 177 2.51 -28.00 15.38
N HIS C 178 3.15 -27.99 14.20
CA HIS C 178 2.72 -28.75 13.00
C HIS C 178 3.85 -29.62 12.45
N ILE C 179 3.59 -30.91 12.26
CA ILE C 179 4.53 -31.89 11.62
C ILE C 179 3.94 -32.34 10.28
N PRO C 180 4.26 -31.64 9.16
CA PRO C 180 3.79 -32.07 7.85
C PRO C 180 4.60 -33.28 7.39
N ILE C 181 3.92 -34.41 7.16
CA ILE C 181 4.52 -35.68 6.64
C ILE C 181 3.80 -36.05 5.34
N TYR C 182 4.51 -36.80 4.47
CA TYR C 182 3.92 -37.49 3.30
C TYR C 182 3.62 -38.93 3.70
N ILE C 183 2.39 -39.37 3.41
CA ILE C 183 1.95 -40.78 3.60
C ILE C 183 1.54 -41.33 2.25
N ARG C 184 1.97 -42.56 1.94
CA ARG C 184 1.52 -43.35 0.77
C ARG C 184 1.20 -44.76 1.26
N THR C 185 -0.02 -45.24 0.97
CA THR C 185 -0.53 -46.56 1.44
C THR C 185 -0.83 -47.43 0.23
N PRO C 186 -0.52 -48.74 0.27
CA PRO C 186 -0.86 -49.65 -0.82
C PRO C 186 -2.37 -49.95 -0.85
N ALA C 187 -2.86 -50.43 -1.98
CA ALA C 187 -4.28 -50.80 -2.21
C ALA C 187 -4.70 -51.88 -1.20
N GLY C 188 -5.91 -51.78 -0.65
CA GLY C 188 -6.53 -52.80 0.20
C GLY C 188 -6.10 -52.72 1.65
N ALA C 189 -5.39 -51.66 2.04
CA ALA C 189 -4.97 -51.39 3.44
C ALA C 189 -6.16 -50.80 4.20
N ASP C 190 -6.65 -51.51 5.23
CA ASP C 190 -7.81 -51.09 6.06
C ASP C 190 -7.62 -51.58 7.50
N GLN C 191 -8.58 -51.27 8.39
CA GLN C 191 -8.58 -51.67 9.83
C GLN C 191 -8.45 -53.19 9.95
N SER C 192 -9.06 -53.95 9.05
CA SER C 192 -9.07 -55.44 9.05
C SER C 192 -7.73 -55.99 8.58
N ASN C 193 -7.06 -55.29 7.67
CA ASN C 193 -5.78 -55.73 7.02
C ASN C 193 -4.78 -54.58 7.05
N PRO C 194 -4.23 -54.23 8.24
CA PRO C 194 -3.25 -53.15 8.34
C PRO C 194 -1.88 -53.61 7.84
N VAL C 195 -1.11 -52.71 7.22
CA VAL C 195 0.15 -53.04 6.48
C VAL C 195 1.34 -52.50 7.28
N PRO C 196 2.54 -53.10 7.09
CA PRO C 196 3.76 -52.56 7.70
C PRO C 196 4.08 -51.13 7.26
N ILE C 197 4.90 -50.43 8.05
CA ILE C 197 5.27 -49.00 7.86
C ILE C 197 6.78 -48.89 7.68
N VAL C 198 7.23 -48.23 6.62
CA VAL C 198 8.63 -47.75 6.47
C VAL C 198 8.60 -46.23 6.61
N LEU C 199 9.11 -45.72 7.75
CA LEU C 199 9.18 -44.27 8.05
C LEU C 199 10.54 -43.74 7.58
N ILE C 200 10.56 -43.06 6.44
CA ILE C 200 11.78 -42.40 5.88
C ILE C 200 12.01 -41.08 6.63
N MET C 201 13.21 -40.91 7.19
CA MET C 201 13.72 -39.66 7.80
C MET C 201 14.73 -39.03 6.85
N THR C 202 14.40 -37.87 6.28
CA THR C 202 15.13 -37.24 5.15
C THR C 202 16.33 -36.47 5.72
N GLY C 203 17.06 -35.73 4.89
CA GLY C 203 18.40 -35.21 5.24
C GLY C 203 18.52 -33.70 5.13
N LEU C 204 19.74 -33.23 4.85
CA LEU C 204 20.10 -31.79 4.84
C LEU C 204 19.59 -31.15 3.54
N ASP C 205 19.65 -31.90 2.43
CA ASP C 205 19.37 -31.39 1.05
C ASP C 205 18.22 -32.17 0.42
N GLY C 206 17.76 -33.26 1.06
CA GLY C 206 16.61 -34.07 0.60
C GLY C 206 15.47 -33.99 1.60
N TYR C 207 14.29 -33.53 1.17
CA TYR C 207 13.09 -33.30 2.01
C TYR C 207 11.96 -34.23 1.53
N ARG C 208 10.75 -34.08 2.07
CA ARG C 208 9.67 -35.08 1.86
C ARG C 208 9.33 -35.30 0.38
N PRO C 209 9.41 -34.32 -0.54
CA PRO C 209 9.11 -34.57 -1.96
C PRO C 209 10.22 -35.29 -2.76
N ASP C 210 11.34 -35.67 -2.12
CA ASP C 210 12.57 -36.08 -2.83
C ASP C 210 12.79 -37.60 -2.76
N ASN C 211 11.72 -38.38 -2.59
CA ASN C 211 11.82 -39.83 -2.24
C ASN C 211 10.83 -40.68 -3.04
N SER C 212 10.50 -40.28 -4.27
CA SER C 212 9.46 -40.94 -5.12
C SER C 212 9.76 -42.45 -5.25
N GLN C 213 10.94 -42.80 -5.79
CA GLN C 213 11.33 -44.21 -6.11
C GLN C 213 11.31 -45.05 -4.83
N ARG C 214 11.78 -44.50 -3.70
CA ARG C 214 11.74 -45.19 -2.38
C ARG C 214 10.29 -45.58 -2.06
N THR C 215 9.31 -44.67 -2.26
CA THR C 215 7.87 -44.94 -2.00
C THR C 215 7.34 -46.00 -2.97
N HIS C 216 7.82 -46.01 -4.23
CA HIS C 216 7.47 -47.03 -5.27
C HIS C 216 7.86 -48.42 -4.74
N GLU C 217 9.11 -48.53 -4.28
CA GLU C 217 9.72 -49.80 -3.81
C GLU C 217 9.02 -50.30 -2.54
N ILE C 218 8.75 -49.39 -1.60
CA ILE C 218 8.06 -49.68 -0.31
C ILE C 218 6.64 -50.18 -0.61
N LEU C 219 5.89 -49.49 -1.48
CA LEU C 219 4.49 -49.87 -1.81
C LEU C 219 4.47 -51.18 -2.60
N ALA C 220 5.42 -51.37 -3.52
CA ALA C 220 5.58 -52.58 -4.35
C ALA C 220 5.68 -53.83 -3.47
N ARG C 221 6.24 -53.71 -2.27
CA ARG C 221 6.43 -54.84 -1.32
C ARG C 221 5.24 -54.93 -0.35
N GLY C 222 4.19 -54.12 -0.57
CA GLY C 222 2.93 -54.17 0.20
C GLY C 222 2.99 -53.40 1.51
N TRP C 223 3.91 -52.44 1.65
CA TRP C 223 4.09 -51.61 2.87
C TRP C 223 3.67 -50.16 2.61
N ALA C 224 3.31 -49.43 3.67
CA ALA C 224 3.06 -47.98 3.64
C ALA C 224 4.40 -47.24 3.75
N ALA C 225 4.56 -46.16 2.99
CA ALA C 225 5.69 -45.21 3.08
C ALA C 225 5.20 -43.96 3.82
N VAL C 226 5.89 -43.59 4.91
CA VAL C 226 5.74 -42.28 5.61
C VAL C 226 7.06 -41.53 5.45
N VAL C 227 7.01 -40.25 5.12
CA VAL C 227 8.23 -39.40 4.90
C VAL C 227 8.13 -38.18 5.82
N ALA C 228 9.12 -38.00 6.69
CA ALA C 228 9.22 -36.87 7.63
C ALA C 228 10.61 -36.25 7.52
N GLU C 229 10.69 -34.93 7.70
CA GLU C 229 11.96 -34.16 7.73
C GLU C 229 12.53 -34.22 9.14
N ILE C 230 13.84 -34.01 9.25
CA ILE C 230 14.61 -34.10 10.52
C ILE C 230 14.75 -32.70 11.12
N PRO C 231 14.98 -32.58 12.45
CA PRO C 231 15.23 -31.28 13.07
C PRO C 231 16.21 -30.41 12.28
N GLY C 232 15.92 -29.12 12.18
CA GLY C 232 16.81 -28.11 11.58
C GLY C 232 16.69 -28.04 10.07
N THR C 233 15.71 -28.73 9.49
CA THR C 233 15.49 -28.77 8.01
C THR C 233 14.02 -28.53 7.66
N ALA C 234 13.81 -27.97 6.46
CA ALA C 234 12.52 -27.93 5.73
C ALA C 234 11.39 -27.45 6.66
N ASP C 235 10.42 -28.31 6.96
CA ASP C 235 9.18 -27.95 7.71
C ASP C 235 9.12 -28.70 9.04
N CYS C 236 10.25 -29.25 9.50
CA CYS C 236 10.34 -29.93 10.82
C CYS C 236 10.14 -28.90 11.93
N PRO C 237 9.15 -29.08 12.84
CA PRO C 237 8.89 -28.11 13.90
C PRO C 237 9.85 -28.25 15.09
N ALA C 238 10.63 -29.32 15.13
CA ALA C 238 11.53 -29.67 16.25
C ALA C 238 12.56 -28.53 16.45
N ASP C 239 12.73 -28.09 17.70
CA ASP C 239 13.81 -27.14 18.08
C ASP C 239 15.14 -27.76 17.67
N PRO C 240 15.85 -27.20 16.68
CA PRO C 240 17.12 -27.76 16.23
C PRO C 240 18.18 -27.72 17.35
N ALA C 241 18.12 -26.68 18.19
CA ALA C 241 19.07 -26.41 19.30
C ALA C 241 18.92 -27.45 20.42
N ASP C 242 17.79 -28.15 20.50
CA ASP C 242 17.48 -29.11 21.61
C ASP C 242 17.72 -30.52 21.13
N PRO C 243 18.75 -31.24 21.65
CA PRO C 243 19.03 -32.61 21.23
C PRO C 243 17.89 -33.61 21.54
N ALA C 244 16.99 -33.24 22.45
CA ALA C 244 15.83 -34.04 22.90
C ALA C 244 14.63 -33.83 21.96
N SER C 245 14.69 -32.85 21.07
CA SER C 245 13.56 -32.44 20.18
C SER C 245 13.13 -33.59 19.26
N PRO C 246 14.05 -34.34 18.60
CA PRO C 246 13.64 -35.46 17.76
C PRO C 246 12.80 -36.51 18.52
N ASP C 247 13.12 -36.75 19.80
CA ASP C 247 12.44 -37.74 20.67
C ASP C 247 10.97 -37.35 20.79
N ARG C 248 10.69 -36.06 21.00
CA ARG C 248 9.32 -35.50 21.08
C ARG C 248 8.66 -35.62 19.70
N LEU C 249 9.40 -35.25 18.63
CA LEU C 249 8.92 -35.30 17.23
C LEU C 249 8.38 -36.70 16.93
N TRP C 250 9.15 -37.76 17.18
CA TRP C 250 8.77 -39.15 16.83
C TRP C 250 7.65 -39.64 17.76
N ASP C 251 7.63 -39.21 19.02
CA ASP C 251 6.50 -39.45 19.97
C ASP C 251 5.19 -39.02 19.29
N SER C 252 5.16 -37.81 18.73
CA SER C 252 3.98 -37.24 18.03
C SER C 252 3.66 -38.06 16.77
N VAL C 253 4.66 -38.31 15.92
CA VAL C 253 4.48 -39.03 14.62
C VAL C 253 4.03 -40.46 14.89
N LEU C 254 4.74 -41.22 15.73
CA LEU C 254 4.40 -42.63 16.05
C LEU C 254 2.99 -42.69 16.66
N SER C 255 2.68 -41.76 17.58
CA SER C 255 1.35 -41.64 18.25
C SER C 255 0.26 -41.44 17.20
N TYR C 256 0.54 -40.64 16.16
CA TYR C 256 -0.39 -40.42 15.02
C TYR C 256 -0.56 -41.75 14.26
N LEU C 257 0.55 -42.42 13.91
CA LEU C 257 0.54 -43.67 13.13
C LEU C 257 -0.14 -44.80 13.93
N ASP C 258 0.00 -44.78 15.27
CA ASP C 258 -0.65 -45.77 16.18
C ASP C 258 -2.17 -45.74 15.98
N GLN C 259 -2.73 -44.53 15.81
CA GLN C 259 -4.19 -44.28 15.75
C GLN C 259 -4.72 -44.44 14.32
N ARG C 260 -3.84 -44.63 13.33
CA ARG C 260 -4.24 -44.87 11.91
C ARG C 260 -4.64 -46.33 11.74
N PRO C 261 -5.92 -46.64 11.43
CA PRO C 261 -6.41 -48.02 11.41
C PRO C 261 -5.70 -48.96 10.43
N GLU C 262 -5.29 -48.46 9.26
CA GLU C 262 -4.75 -49.28 8.14
C GLU C 262 -3.22 -49.46 8.27
N LEU C 263 -2.60 -48.87 9.30
CA LEU C 263 -1.13 -48.92 9.50
C LEU C 263 -0.81 -49.77 10.74
N ASN C 264 0.01 -50.81 10.55
CA ASN C 264 0.48 -51.73 11.63
C ASN C 264 1.81 -51.19 12.18
N THR C 265 1.78 -50.48 13.31
CA THR C 265 2.98 -49.88 13.96
C THR C 265 3.75 -50.95 14.74
N ALA C 266 3.25 -52.19 14.81
CA ALA C 266 3.96 -53.36 15.39
C ALA C 266 4.92 -53.95 14.35
N LYS C 267 4.82 -53.53 13.09
CA LYS C 267 5.74 -53.91 11.98
C LYS C 267 6.24 -52.63 11.29
N MET C 268 7.04 -51.85 12.00
CA MET C 268 7.49 -50.50 11.56
C MET C 268 9.03 -50.44 11.58
N VAL C 269 9.62 -49.94 10.50
CA VAL C 269 11.09 -49.69 10.40
C VAL C 269 11.29 -48.21 10.08
N VAL C 270 12.32 -47.59 10.65
CA VAL C 270 12.75 -46.21 10.25
C VAL C 270 13.91 -46.35 9.25
N TRP C 271 14.02 -45.38 8.34
CA TRP C 271 15.07 -45.34 7.28
C TRP C 271 15.61 -43.91 7.19
N GLY C 272 16.80 -43.68 7.76
CA GLY C 272 17.44 -42.35 7.85
C GLY C 272 18.43 -42.14 6.73
N LEU C 273 18.22 -41.11 5.90
CA LEU C 273 18.99 -40.85 4.66
C LEU C 273 20.01 -39.73 4.89
N SER C 274 21.29 -40.05 4.78
CA SER C 274 22.41 -39.09 4.93
C SER C 274 22.29 -38.44 6.32
N ALA C 275 21.99 -37.13 6.43
CA ALA C 275 21.80 -36.42 7.71
C ALA C 275 20.67 -37.08 8.52
N GLY C 276 19.71 -37.71 7.83
CA GLY C 276 18.62 -38.50 8.44
C GLY C 276 19.14 -39.71 9.20
N GLY C 277 20.28 -40.27 8.75
CA GLY C 277 20.92 -41.44 9.38
C GLY C 277 21.07 -41.30 10.89
N TYR C 278 21.54 -40.14 11.35
CA TYR C 278 21.68 -39.78 12.79
C TYR C 278 20.38 -40.06 13.54
N TYR C 279 19.25 -39.64 12.98
CA TYR C 279 17.91 -39.67 13.63
C TYR C 279 17.38 -41.11 13.62
N ALA C 280 17.72 -41.91 12.61
CA ALA C 280 17.43 -43.36 12.57
C ALA C 280 18.22 -44.06 13.68
N ILE C 281 19.52 -43.80 13.81
CA ILE C 281 20.37 -44.39 14.88
C ILE C 281 19.76 -44.02 16.23
N ARG C 282 19.39 -42.76 16.43
CA ARG C 282 18.84 -42.26 17.71
C ARG C 282 17.51 -42.96 18.00
N ALA C 283 16.56 -42.95 17.05
CA ALA C 283 15.22 -43.57 17.19
C ALA C 283 15.35 -45.06 17.51
N ALA C 284 16.29 -45.75 16.86
CA ALA C 284 16.55 -47.21 17.08
C ALA C 284 16.80 -47.47 18.57
N HIS C 285 17.34 -46.49 19.31
CA HIS C 285 17.60 -46.55 20.77
C HIS C 285 16.40 -46.01 21.55
N THR C 286 16.04 -44.73 21.31
CA THR C 286 15.04 -43.96 22.09
C THR C 286 13.63 -44.54 21.92
N HIS C 287 13.37 -45.23 20.79
CA HIS C 287 12.03 -45.77 20.42
C HIS C 287 12.15 -47.26 20.05
N ARG C 288 13.12 -47.97 20.64
CA ARG C 288 13.43 -49.39 20.31
C ARG C 288 12.19 -50.28 20.49
N ASP C 289 11.36 -50.01 21.50
CA ASP C 289 10.17 -50.85 21.84
C ASP C 289 9.04 -50.63 20.82
N ARG C 290 9.13 -49.62 19.95
CA ARG C 290 8.07 -49.29 18.97
C ARG C 290 8.52 -49.57 17.52
N LEU C 291 9.75 -50.08 17.32
CA LEU C 291 10.31 -50.31 15.96
C LEU C 291 10.85 -51.74 15.84
N LEU C 292 10.56 -52.41 14.74
CA LEU C 292 11.14 -53.73 14.37
C LEU C 292 12.60 -53.53 13.95
N GLY C 293 12.96 -52.35 13.46
CA GLY C 293 14.32 -52.08 12.97
C GLY C 293 14.51 -50.64 12.53
N ALA C 294 15.75 -50.31 12.15
CA ALA C 294 16.17 -49.01 11.63
C ALA C 294 17.28 -49.22 10.60
N ILE C 295 17.26 -48.44 9.51
CA ILE C 295 18.38 -48.33 8.54
C ILE C 295 18.97 -46.92 8.70
N ALA C 296 20.26 -46.83 8.97
CA ALA C 296 21.04 -45.57 8.94
C ALA C 296 21.91 -45.55 7.67
N HIS C 297 21.56 -44.71 6.68
CA HIS C 297 22.21 -44.63 5.36
C HIS C 297 23.16 -43.43 5.32
N GLY C 298 24.48 -43.68 5.32
CA GLY C 298 25.53 -42.65 5.39
C GLY C 298 25.41 -41.77 6.64
N PRO C 299 25.36 -42.35 7.87
CA PRO C 299 25.08 -41.57 9.07
C PRO C 299 26.30 -40.93 9.73
N GLY C 300 26.09 -39.76 10.35
CA GLY C 300 26.97 -39.20 11.39
C GLY C 300 26.35 -39.40 12.75
N CYS C 301 27.15 -39.60 13.80
CA CYS C 301 26.65 -39.68 15.21
C CYS C 301 27.66 -39.17 16.24
N HIS C 302 28.93 -38.95 15.87
CA HIS C 302 29.99 -38.60 16.85
C HIS C 302 31.17 -37.87 16.18
N TYR C 303 31.98 -38.59 15.41
CA TYR C 303 33.26 -38.09 14.83
C TYR C 303 32.99 -37.06 13.73
N TYR C 304 31.78 -37.00 13.18
CA TYR C 304 31.41 -36.02 12.12
C TYR C 304 31.42 -34.59 12.68
N LEU C 305 31.38 -34.44 14.01
CA LEU C 305 31.40 -33.12 14.71
C LEU C 305 32.75 -32.87 15.35
N ASP C 306 33.73 -33.75 15.16
CA ASP C 306 35.13 -33.53 15.61
C ASP C 306 35.65 -32.31 14.85
N PRO C 307 36.15 -31.25 15.54
CA PRO C 307 36.67 -30.06 14.86
C PRO C 307 37.64 -30.36 13.72
N GLU C 308 38.51 -31.37 13.87
CA GLU C 308 39.52 -31.77 12.85
C GLU C 308 38.81 -32.27 11.59
N TRP C 309 37.77 -33.08 11.75
CA TRP C 309 36.90 -33.55 10.64
C TRP C 309 36.18 -32.35 10.00
N LEU C 310 35.61 -31.47 10.83
CA LEU C 310 34.84 -30.28 10.39
C LEU C 310 35.76 -29.31 9.61
N ALA C 311 37.05 -29.27 9.96
CA ALA C 311 38.05 -28.37 9.35
C ALA C 311 38.30 -28.73 7.87
N LYS C 312 38.00 -29.96 7.45
CA LYS C 312 38.33 -30.48 6.10
C LYS C 312 37.08 -30.97 5.36
N VAL C 313 35.90 -30.92 5.98
CA VAL C 313 34.65 -31.51 5.43
C VAL C 313 34.26 -30.79 4.13
N ASN C 314 34.51 -29.48 4.02
CA ASN C 314 34.14 -28.64 2.85
C ASN C 314 35.04 -28.96 1.65
N ASP C 315 36.10 -29.75 1.84
CA ASP C 315 37.12 -30.05 0.80
C ASP C 315 36.84 -31.39 0.10
N HIS C 316 35.73 -32.08 0.44
CA HIS C 316 35.48 -33.48 0.00
C HIS C 316 34.32 -33.51 -1.01
N GLU C 317 33.55 -34.60 -1.06
CA GLU C 317 32.69 -34.95 -2.22
C GLU C 317 31.37 -34.16 -2.22
N TYR C 318 30.98 -33.54 -1.10
CA TYR C 318 29.72 -32.75 -1.05
C TYR C 318 29.82 -31.64 -2.10
N PRO C 319 28.77 -31.43 -2.92
CA PRO C 319 28.86 -30.55 -4.09
C PRO C 319 29.22 -29.09 -3.79
N PHE C 320 28.86 -28.60 -2.60
CA PHE C 320 29.10 -27.20 -2.15
C PHE C 320 29.53 -27.19 -0.68
N GLU C 321 29.84 -26.00 -0.14
CA GLU C 321 30.20 -25.80 1.30
C GLU C 321 29.05 -26.31 2.16
N ILE C 322 29.35 -27.10 3.21
CA ILE C 322 28.32 -27.78 4.06
C ILE C 322 28.30 -27.21 5.49
N THR C 323 29.41 -26.65 6.00
CA THR C 323 29.53 -26.28 7.43
C THR C 323 28.51 -25.19 7.79
N ALA C 324 28.30 -24.20 6.92
CA ALA C 324 27.31 -23.12 7.14
C ALA C 324 25.91 -23.73 7.34
N ALA C 325 25.53 -24.66 6.47
CA ALA C 325 24.22 -25.37 6.50
C ALA C 325 24.14 -26.25 7.76
N TRP C 326 25.21 -26.99 8.06
CA TRP C 326 25.30 -27.85 9.28
C TRP C 326 25.11 -26.98 10.53
N ALA C 327 25.79 -25.83 10.60
CA ALA C 327 25.71 -24.89 11.75
C ALA C 327 24.23 -24.55 12.01
N THR C 328 23.53 -24.07 10.98
CA THR C 328 22.09 -23.68 11.07
C THR C 328 21.24 -24.91 11.43
N LYS C 329 21.49 -26.06 10.79
CA LYS C 329 20.71 -27.32 11.02
C LYS C 329 20.85 -27.76 12.49
N HIS C 330 21.97 -27.48 13.14
CA HIS C 330 22.28 -27.88 14.55
C HIS C 330 21.84 -26.77 15.53
N GLY C 331 21.26 -25.67 15.04
CA GLY C 331 20.67 -24.59 15.85
C GLY C 331 21.70 -23.59 16.34
N TYR C 332 22.80 -23.41 15.60
CA TYR C 332 23.88 -22.44 15.92
C TYR C 332 23.75 -21.22 15.02
N LYS C 333 24.03 -20.03 15.57
CA LYS C 333 23.94 -18.72 14.87
C LYS C 333 25.19 -18.54 13.99
N THR C 334 26.31 -19.16 14.37
CA THR C 334 27.63 -19.03 13.68
C THR C 334 28.31 -20.40 13.55
N VAL C 335 29.17 -20.55 12.55
CA VAL C 335 29.97 -21.78 12.26
C VAL C 335 30.96 -22.00 13.40
N GLU C 336 31.61 -20.94 13.89
CA GLU C 336 32.58 -21.01 15.02
C GLU C 336 31.90 -21.64 16.25
N GLU C 337 30.68 -21.20 16.59
CA GLU C 337 29.89 -21.72 17.74
C GLU C 337 29.56 -23.21 17.52
N PHE C 338 29.17 -23.59 16.30
CA PHE C 338 28.87 -24.99 15.89
C PHE C 338 30.10 -25.86 16.19
N VAL C 339 31.25 -25.49 15.61
CA VAL C 339 32.53 -26.26 15.72
C VAL C 339 32.87 -26.49 17.20
N ALA C 340 32.78 -25.44 18.03
CA ALA C 340 33.19 -25.43 19.45
C ALA C 340 32.28 -26.29 20.33
N GLY C 341 30.97 -26.34 20.02
CA GLY C 341 29.93 -26.84 20.93
C GLY C 341 29.28 -28.15 20.46
N ALA C 342 29.16 -28.37 19.15
CA ALA C 342 28.28 -29.38 18.52
C ALA C 342 28.53 -30.79 19.08
N GLN C 343 29.77 -31.28 19.03
CA GLN C 343 30.07 -32.70 19.35
C GLN C 343 29.57 -33.04 20.76
N LYS C 344 29.95 -32.26 21.77
CA LYS C 344 29.64 -32.54 23.20
C LYS C 344 28.12 -32.53 23.44
N LYS C 345 27.36 -31.78 22.63
CA LYS C 345 25.90 -31.57 22.83
C LYS C 345 25.08 -32.61 22.03
N PHE C 346 25.52 -32.98 20.83
CA PHE C 346 24.71 -33.75 19.85
C PHE C 346 25.25 -35.17 19.68
N SER C 347 26.51 -35.45 20.04
CA SER C 347 27.10 -36.80 19.88
C SER C 347 26.24 -37.82 20.62
N LEU C 348 25.82 -38.89 19.93
CA LEU C 348 25.07 -40.01 20.52
C LEU C 348 26.00 -40.84 21.40
N VAL C 349 27.30 -40.79 21.13
CA VAL C 349 28.36 -41.45 21.95
C VAL C 349 28.55 -40.64 23.24
N GLU C 350 28.90 -39.36 23.11
CA GLU C 350 29.22 -38.46 24.26
C GLU C 350 28.01 -38.37 25.22
N THR C 351 26.80 -38.29 24.68
CA THR C 351 25.54 -38.12 25.47
C THR C 351 25.09 -39.46 26.08
N GLY C 352 25.63 -40.58 25.60
CA GLY C 352 25.35 -41.93 26.13
C GLY C 352 24.09 -42.58 25.55
N ILE C 353 23.53 -42.03 24.47
CA ILE C 353 22.35 -42.63 23.77
C ILE C 353 22.71 -44.05 23.29
N VAL C 354 23.97 -44.26 22.90
CA VAL C 354 24.45 -45.56 22.33
C VAL C 354 24.60 -46.61 23.44
N ASP C 355 24.57 -46.21 24.72
CA ASP C 355 24.83 -47.11 25.88
C ASP C 355 23.51 -47.63 26.46
N GLN C 356 22.49 -47.77 25.62
CA GLN C 356 21.23 -48.50 25.93
C GLN C 356 20.98 -49.49 24.79
N PRO C 357 20.09 -50.48 24.97
CA PRO C 357 19.72 -51.36 23.87
C PRO C 357 19.10 -50.55 22.72
N SER C 358 19.09 -51.15 21.53
CA SER C 358 18.45 -50.61 20.30
C SER C 358 17.73 -51.76 19.59
N CYS C 359 16.69 -51.46 18.80
CA CYS C 359 16.11 -52.42 17.83
C CYS C 359 17.21 -52.75 16.80
N ARG C 360 16.97 -53.72 15.92
CA ARG C 360 17.92 -54.06 14.83
C ARG C 360 18.28 -52.79 14.07
N LEU C 361 19.58 -52.57 13.84
CA LEU C 361 20.09 -51.33 13.19
C LEU C 361 21.07 -51.72 12.06
N LEU C 362 20.69 -51.44 10.81
CA LEU C 362 21.55 -51.65 9.63
C LEU C 362 22.29 -50.33 9.31
N LEU C 363 23.62 -50.39 9.33
CA LEU C 363 24.52 -49.27 8.95
C LEU C 363 25.04 -49.53 7.53
N LEU C 364 24.77 -48.59 6.62
CA LEU C 364 25.22 -48.64 5.21
C LEU C 364 26.01 -47.37 4.91
N ASN C 365 27.21 -47.53 4.35
CA ASN C 365 28.02 -46.37 3.90
C ASN C 365 29.19 -46.84 3.03
N GLY C 366 29.78 -45.92 2.28
CA GLY C 366 31.09 -46.12 1.61
C GLY C 366 32.20 -45.88 2.62
N VAL C 367 33.27 -46.68 2.57
CA VAL C 367 34.41 -46.62 3.53
C VAL C 367 35.08 -45.25 3.41
N ASP C 368 35.19 -44.72 2.18
CA ASP C 368 35.91 -43.45 1.87
C ASP C 368 34.94 -42.26 1.88
N ASP C 369 33.97 -42.26 2.79
CA ASP C 369 33.05 -41.13 3.02
C ASP C 369 33.88 -39.94 3.54
N GLY C 370 33.82 -38.81 2.84
CA GLY C 370 34.48 -37.55 3.23
C GLY C 370 33.49 -36.53 3.80
N VAL C 371 32.20 -36.86 3.87
CA VAL C 371 31.14 -35.97 4.44
C VAL C 371 30.95 -36.32 5.92
N VAL C 372 30.69 -37.59 6.23
CA VAL C 372 30.66 -38.12 7.63
C VAL C 372 31.61 -39.32 7.68
N PRO C 373 32.42 -39.48 8.74
CA PRO C 373 33.47 -40.50 8.72
C PRO C 373 32.87 -41.90 8.90
N ILE C 374 33.45 -42.90 8.24
CA ILE C 374 33.05 -44.34 8.37
C ILE C 374 33.18 -44.76 9.84
N GLU C 375 34.04 -44.09 10.62
CA GLU C 375 34.22 -44.34 12.08
C GLU C 375 32.88 -44.16 12.82
N ASP C 376 31.94 -43.37 12.29
CA ASP C 376 30.63 -43.12 12.96
C ASP C 376 29.68 -44.31 12.75
N CYS C 377 29.98 -45.21 11.82
CA CYS C 377 29.32 -46.55 11.73
C CYS C 377 30.05 -47.51 12.66
N LEU C 378 31.37 -47.61 12.54
CA LEU C 378 32.23 -48.58 13.26
C LEU C 378 32.10 -48.39 14.79
N VAL C 379 32.01 -47.14 15.26
CA VAL C 379 31.95 -46.82 16.72
C VAL C 379 30.73 -47.52 17.35
N LEU C 380 29.63 -47.65 16.61
CA LEU C 380 28.33 -48.17 17.13
C LEU C 380 28.45 -49.65 17.53
N PHE C 381 29.42 -50.38 16.98
CA PHE C 381 29.66 -51.81 17.32
C PHE C 381 30.29 -51.93 18.71
N GLU C 382 30.83 -50.84 19.27
CA GLU C 382 31.52 -50.82 20.58
C GLU C 382 30.57 -50.41 21.70
N HIS C 383 29.27 -50.28 21.41
CA HIS C 383 28.23 -49.87 22.40
C HIS C 383 26.96 -50.68 22.18
N GLY C 384 26.20 -50.89 23.27
CA GLY C 384 24.79 -51.30 23.28
C GLY C 384 24.58 -52.70 22.73
N SER C 385 23.47 -52.89 22.01
CA SER C 385 23.12 -54.14 21.30
C SER C 385 24.06 -54.33 20.11
N PRO C 386 24.22 -55.57 19.62
CA PRO C 386 24.89 -55.79 18.34
C PRO C 386 24.24 -54.93 17.25
N LYS C 387 25.04 -54.44 16.31
CA LYS C 387 24.59 -53.66 15.13
C LYS C 387 24.87 -54.49 13.89
N GLU C 388 24.22 -54.14 12.77
N GLU C 388 24.23 -54.13 12.77
CA GLU C 388 24.42 -54.79 11.45
CA GLU C 388 24.40 -54.76 11.45
C GLU C 388 24.96 -53.75 10.46
C GLU C 388 24.99 -53.74 10.47
N GLY C 389 25.88 -54.15 9.58
CA GLY C 389 26.61 -53.22 8.71
C GLY C 389 27.01 -53.83 7.38
N ARG C 390 27.07 -52.99 6.36
CA ARG C 390 27.74 -53.26 5.08
C ARG C 390 28.41 -51.94 4.65
N PHE C 391 29.75 -51.95 4.56
CA PHE C 391 30.59 -50.76 4.27
C PHE C 391 31.39 -51.04 3.00
N TYR C 392 31.28 -50.15 2.01
CA TYR C 392 31.76 -50.38 0.62
C TYR C 392 33.15 -49.78 0.45
N LYS C 393 34.14 -50.65 0.23
CA LYS C 393 35.57 -50.28 0.07
C LYS C 393 35.69 -49.27 -1.07
N GLY C 394 36.39 -48.15 -0.83
CA GLY C 394 36.75 -47.15 -1.84
C GLY C 394 35.57 -46.36 -2.38
N LEU C 395 34.42 -46.38 -1.70
CA LEU C 395 33.21 -45.64 -2.11
C LEU C 395 33.03 -44.41 -1.21
N PRO C 396 32.55 -43.28 -1.76
CA PRO C 396 32.31 -42.07 -0.97
C PRO C 396 30.95 -42.12 -0.27
N HIS C 397 30.53 -40.98 0.28
CA HIS C 397 29.30 -40.80 1.10
C HIS C 397 28.13 -41.58 0.50
N MET C 398 27.52 -42.47 1.30
CA MET C 398 26.29 -43.27 1.02
C MET C 398 26.64 -44.61 0.36
N GLY C 399 27.83 -44.74 -0.23
CA GLY C 399 28.28 -45.97 -0.90
C GLY C 399 27.28 -46.45 -1.95
N TYR C 400 26.80 -45.53 -2.79
CA TYR C 400 25.96 -45.84 -3.98
C TYR C 400 26.85 -46.37 -5.09
N PRO C 401 26.32 -47.13 -6.08
CA PRO C 401 24.91 -47.57 -6.08
C PRO C 401 24.63 -48.86 -5.29
N ASN C 402 25.68 -49.53 -4.81
CA ASN C 402 25.63 -50.87 -4.17
C ASN C 402 24.66 -50.85 -2.98
N SER C 403 24.67 -49.78 -2.18
CA SER C 403 24.00 -49.68 -0.86
C SER C 403 22.47 -49.68 -0.99
N LEU C 404 21.91 -49.36 -2.16
CA LEU C 404 20.43 -49.22 -2.30
C LEU C 404 19.75 -50.60 -2.24
N PRO C 405 20.04 -51.56 -3.14
CA PRO C 405 19.33 -52.84 -3.16
C PRO C 405 19.40 -53.61 -1.82
N VAL C 406 20.53 -53.52 -1.11
CA VAL C 406 20.69 -54.25 0.19
C VAL C 406 19.66 -53.71 1.19
N SER C 407 19.35 -52.40 1.13
CA SER C 407 18.30 -51.76 1.97
C SER C 407 17.01 -52.57 1.87
N TYR C 408 16.55 -52.87 0.65
CA TYR C 408 15.25 -53.55 0.39
C TYR C 408 15.33 -55.02 0.83
N GLU C 409 16.44 -55.71 0.55
CA GLU C 409 16.67 -57.11 1.01
C GLU C 409 16.47 -57.18 2.53
N TRP C 410 16.99 -56.20 3.26
CA TRP C 410 17.00 -56.15 4.75
C TRP C 410 15.60 -55.84 5.26
N LEU C 411 14.91 -54.84 4.68
CA LEU C 411 13.51 -54.50 5.05
C LEU C 411 12.63 -55.73 4.86
N GLU C 412 12.87 -56.50 3.79
CA GLU C 412 12.09 -57.72 3.45
C GLU C 412 12.29 -58.77 4.55
N GLN C 413 13.54 -58.96 5.01
CA GLN C 413 13.89 -59.94 6.06
CA GLN C 413 13.89 -59.95 6.06
C GLN C 413 13.21 -59.53 7.38
N VAL C 414 13.33 -58.25 7.74
CA VAL C 414 12.82 -57.69 9.03
C VAL C 414 11.28 -57.67 9.02
N LEU C 415 10.64 -57.30 7.90
CA LEU C 415 9.16 -57.11 7.81
C LEU C 415 8.47 -58.39 7.31
N ALA C 416 9.20 -59.53 7.24
CA ALA C 416 8.70 -60.82 6.71
C ALA C 416 7.46 -61.28 7.50
N SER C 417 6.50 -61.90 6.81
CA SER C 417 5.27 -62.49 7.39
C SER C 417 5.37 -64.02 7.36
N ARG D 20 -7.78 60.70 -10.91
CA ARG D 20 -7.78 59.56 -11.89
C ARG D 20 -9.03 58.70 -11.67
N TRP D 21 -9.05 57.97 -10.56
CA TRP D 21 -10.20 57.14 -10.11
C TRP D 21 -11.08 57.95 -9.17
N ILE D 22 -12.39 57.70 -9.18
CA ILE D 22 -13.36 58.34 -8.25
C ILE D 22 -12.91 58.06 -6.81
N LEU D 23 -12.34 56.87 -6.56
CA LEU D 23 -11.77 56.48 -5.23
C LEU D 23 -10.79 57.57 -4.76
N GLY D 24 -10.05 58.18 -5.70
CA GLY D 24 -9.21 59.36 -5.47
C GLY D 24 -7.96 59.03 -4.66
N ASP D 25 -7.72 59.78 -3.59
CA ASP D 25 -6.51 59.68 -2.71
C ASP D 25 -6.38 58.26 -2.17
N LYS D 26 -7.52 57.66 -1.76
CA LYS D 26 -7.61 56.29 -1.17
C LYS D 26 -6.92 55.26 -2.08
N PHE D 27 -6.97 55.45 -3.41
CA PHE D 27 -6.39 54.53 -4.42
C PHE D 27 -4.92 54.25 -4.11
N ASP D 28 -4.19 55.28 -3.68
CA ASP D 28 -2.72 55.23 -3.46
C ASP D 28 -2.41 54.87 -2.00
N THR D 29 -3.42 54.80 -1.13
CA THR D 29 -3.24 54.41 0.30
C THR D 29 -2.90 52.92 0.36
N VAL D 30 -1.81 52.57 1.04
CA VAL D 30 -1.49 51.16 1.45
C VAL D 30 -2.25 50.91 2.75
N PHE D 31 -3.32 50.12 2.70
CA PHE D 31 -4.22 49.86 3.86
C PHE D 31 -3.42 49.13 4.94
N PRO D 32 -3.67 49.43 6.23
CA PRO D 32 -2.80 48.98 7.31
C PRO D 32 -2.72 47.45 7.53
N HIS D 33 -3.73 46.71 7.07
CA HIS D 33 -3.85 45.24 7.26
C HIS D 33 -3.10 44.47 6.17
N LYS D 34 -2.59 45.15 5.14
CA LYS D 34 -1.87 44.50 4.01
C LYS D 34 -0.65 43.75 4.55
N GLY D 35 -0.62 42.43 4.36
CA GLY D 35 0.49 41.55 4.76
C GLY D 35 0.53 41.30 6.27
N SER D 36 -0.48 41.79 7.01
CA SER D 36 -0.55 41.71 8.50
C SER D 36 -1.89 41.13 8.93
N LEU D 37 -1.94 39.83 9.20
CA LEU D 37 -3.16 39.14 9.71
C LEU D 37 -3.49 39.69 11.11
N LYS D 38 -2.48 40.07 11.89
CA LYS D 38 -2.64 40.70 13.23
C LYS D 38 -3.50 41.97 13.09
N VAL D 39 -3.13 42.88 12.18
CA VAL D 39 -3.88 44.16 11.98
C VAL D 39 -5.27 43.82 11.42
N LEU D 40 -5.36 42.89 10.47
CA LEU D 40 -6.65 42.48 9.86
C LEU D 40 -7.64 42.09 10.98
N TRP D 41 -7.18 41.25 11.91
CA TRP D 41 -8.02 40.73 13.04
C TRP D 41 -8.32 41.87 14.02
N GLU D 42 -7.29 42.57 14.49
CA GLU D 42 -7.40 43.55 15.61
C GLU D 42 -8.20 44.78 15.18
N SER D 43 -8.14 45.17 13.90
CA SER D 43 -8.75 46.43 13.38
C SER D 43 -10.11 46.19 12.71
N ARG D 44 -10.36 45.00 12.16
CA ARG D 44 -11.61 44.73 11.40
C ARG D 44 -12.27 43.40 11.81
N TRP D 45 -11.60 42.27 11.57
CA TRP D 45 -12.24 40.94 11.57
C TRP D 45 -12.72 40.55 12.98
N LYS D 46 -12.00 40.92 14.04
CA LYS D 46 -12.40 40.64 15.44
C LYS D 46 -13.81 41.20 15.70
N PHE D 47 -14.09 42.38 15.14
CA PHE D 47 -15.37 43.12 15.31
C PHE D 47 -16.45 42.50 14.41
N ALA D 48 -16.11 42.21 13.15
CA ALA D 48 -17.01 41.48 12.22
C ALA D 48 -17.42 40.16 12.86
N CYS D 49 -16.47 39.45 13.47
CA CYS D 49 -16.68 38.13 14.11
C CYS D 49 -17.60 38.26 15.33
N SER D 50 -17.36 39.25 16.18
CA SER D 50 -18.19 39.53 17.39
C SER D 50 -19.65 39.77 16.99
N LYS D 51 -19.88 40.52 15.91
CA LYS D 51 -21.25 40.93 15.43
C LYS D 51 -21.87 39.81 14.59
N SER D 52 -21.12 38.75 14.30
CA SER D 52 -21.56 37.62 13.44
C SER D 52 -22.01 38.17 12.07
N VAL D 53 -21.19 39.05 11.48
CA VAL D 53 -21.41 39.63 10.11
C VAL D 53 -20.26 39.20 9.20
N TYR D 54 -20.43 39.41 7.89
CA TYR D 54 -19.50 38.92 6.84
C TYR D 54 -18.05 39.24 7.22
N PRO D 55 -17.10 38.29 7.08
CA PRO D 55 -17.37 36.94 6.57
C PRO D 55 -17.66 35.87 7.64
N PHE D 56 -18.05 36.30 8.84
CA PHE D 56 -18.24 35.45 10.04
C PHE D 56 -19.72 35.25 10.34
N HIS D 57 -20.60 35.52 9.36
CA HIS D 57 -22.06 35.29 9.46
C HIS D 57 -22.32 33.81 9.78
N ASP D 58 -23.24 33.56 10.73
CA ASP D 58 -23.56 32.24 11.34
C ASP D 58 -22.51 31.83 12.39
N GLY D 59 -21.49 32.65 12.64
CA GLY D 59 -20.29 32.27 13.42
C GLY D 59 -20.30 32.83 14.83
N SER D 60 -19.39 32.36 15.68
CA SER D 60 -19.24 32.79 17.09
CA SER D 60 -19.25 32.81 17.08
C SER D 60 -17.78 33.15 17.39
N ILE D 61 -17.57 34.29 18.06
CA ILE D 61 -16.23 34.85 18.43
C ILE D 61 -15.47 33.83 19.30
N GLU D 62 -16.16 33.04 20.13
CA GLU D 62 -15.50 32.05 21.03
C GLU D 62 -14.76 31.01 20.19
N ASP D 63 -15.27 30.69 19.00
CA ASP D 63 -14.66 29.69 18.08
C ASP D 63 -13.38 30.26 17.45
N PHE D 64 -13.32 31.56 17.15
CA PHE D 64 -12.25 32.17 16.32
C PHE D 64 -11.15 32.79 17.20
N GLU D 65 -11.50 33.41 18.33
CA GLU D 65 -10.52 34.15 19.18
C GLU D 65 -9.29 33.28 19.41
N PRO D 66 -9.42 32.01 19.84
CA PRO D 66 -8.25 31.14 20.05
C PRO D 66 -7.42 30.86 18.79
N ILE D 67 -8.07 30.74 17.63
CA ILE D 67 -7.38 30.43 16.34
C ILE D 67 -6.52 31.63 15.95
N PHE D 68 -7.09 32.83 15.97
CA PHE D 68 -6.42 34.08 15.53
C PHE D 68 -5.30 34.44 16.51
N ASN D 69 -5.50 34.17 17.80
CA ASN D 69 -4.44 34.30 18.85
C ASN D 69 -3.25 33.42 18.44
N HIS D 70 -3.52 32.16 18.08
CA HIS D 70 -2.50 31.18 17.62
C HIS D 70 -1.80 31.71 16.35
N LEU D 71 -2.58 32.10 15.34
CA LEU D 71 -2.08 32.62 14.05
C LEU D 71 -1.17 33.84 14.29
N ILE D 72 -1.62 34.77 15.14
CA ILE D 72 -0.88 36.04 15.45
C ILE D 72 0.43 35.68 16.17
N SER D 73 0.39 34.71 17.11
CA SER D 73 1.56 34.30 17.92
C SER D 73 2.65 33.70 17.01
N LYS D 74 2.25 33.04 15.91
CA LYS D 74 3.16 32.34 14.97
C LYS D 74 3.52 33.26 13.79
N ASN D 75 3.09 34.53 13.83
CA ASN D 75 3.24 35.52 12.73
C ASN D 75 2.91 34.86 11.39
N ILE D 76 1.78 34.16 11.31
CA ILE D 76 1.21 33.58 10.05
C ILE D 76 0.32 34.66 9.43
N ASN D 77 0.70 35.16 8.25
CA ASN D 77 0.03 36.29 7.53
C ASN D 77 -0.52 35.84 6.17
N ASP D 78 0.02 34.78 5.58
CA ASP D 78 -0.34 34.31 4.21
C ASP D 78 -1.53 33.36 4.28
N ALA D 79 -2.74 33.86 3.96
CA ALA D 79 -4.00 33.10 3.96
C ALA D 79 -3.89 31.88 3.03
N ALA D 80 -3.15 32.00 1.93
CA ALA D 80 -2.97 30.95 0.89
C ALA D 80 -2.22 29.74 1.46
N SER D 81 -1.42 29.93 2.53
CA SER D 81 -0.52 28.91 3.11
C SER D 81 -1.32 27.83 3.85
N ASP D 82 -0.79 26.61 3.88
CA ASP D 82 -1.38 25.44 4.60
C ASP D 82 -1.36 25.71 6.12
N GLU D 83 -0.36 26.45 6.59
CA GLU D 83 -0.16 26.79 8.03
C GLU D 83 -1.37 27.59 8.53
N TYR D 84 -1.91 28.48 7.69
CA TYR D 84 -3.10 29.31 8.00
C TYR D 84 -4.33 28.40 8.10
N THR D 85 -4.61 27.65 7.03
CA THR D 85 -5.82 26.78 6.89
C THR D 85 -5.86 25.77 8.04
N GLN D 86 -4.74 25.10 8.32
CA GLN D 86 -4.67 23.96 9.28
C GLN D 86 -4.99 24.41 10.71
N ALA D 87 -4.73 25.68 11.05
CA ALA D 87 -4.96 26.25 12.40
C ALA D 87 -6.44 26.18 12.80
N PHE D 88 -7.35 26.08 11.82
CA PHE D 88 -8.82 26.14 12.04
C PHE D 88 -9.41 24.76 12.32
N LEU D 89 -8.77 23.71 11.80
CA LEU D 89 -9.43 22.40 11.61
C LEU D 89 -9.74 21.72 12.94
N PRO D 90 -8.81 21.68 13.94
CA PRO D 90 -9.14 21.08 15.24
C PRO D 90 -10.40 21.67 15.89
N THR D 91 -10.59 22.99 15.82
CA THR D 91 -11.78 23.70 16.39
C THR D 91 -13.06 23.18 15.70
N ALA D 92 -13.03 23.09 14.37
CA ALA D 92 -14.13 22.56 13.53
C ALA D 92 -14.46 21.12 13.98
N SER D 93 -13.43 20.29 14.19
CA SER D 93 -13.57 18.89 14.69
C SER D 93 -14.29 18.89 16.05
N ALA D 94 -13.88 19.77 16.97
CA ALA D 94 -14.46 19.88 18.33
C ALA D 94 -15.93 20.31 18.25
N LEU D 95 -16.26 21.24 17.34
CA LEU D 95 -17.66 21.72 17.17
C LEU D 95 -18.51 20.58 16.60
N GLU D 96 -17.99 19.80 15.66
CA GLU D 96 -18.68 18.62 15.08
C GLU D 96 -19.00 17.61 16.21
N GLU D 97 -18.07 17.40 17.14
CA GLU D 97 -18.27 16.44 18.26
C GLU D 97 -19.33 16.97 19.23
N LYS D 98 -19.29 18.27 19.56
CA LYS D 98 -20.30 18.94 20.41
C LYS D 98 -21.68 18.80 19.77
N ALA D 99 -21.77 18.90 18.45
CA ALA D 99 -23.03 18.82 17.66
C ALA D 99 -23.57 17.37 17.73
N ALA D 100 -22.69 16.38 17.58
CA ALA D 100 -23.01 14.93 17.71
C ALA D 100 -23.60 14.66 19.10
N GLN D 101 -22.98 15.21 20.14
CA GLN D 101 -23.39 15.06 21.56
C GLN D 101 -24.74 15.75 21.77
N ALA D 102 -24.96 16.90 21.11
CA ALA D 102 -26.22 17.69 21.16
C ALA D 102 -27.34 16.90 20.48
N LEU D 103 -27.05 16.29 19.32
CA LEU D 103 -28.02 15.51 18.50
C LEU D 103 -28.44 14.24 19.28
N GLN D 104 -27.50 13.60 19.96
CA GLN D 104 -27.72 12.36 20.76
C GLN D 104 -28.72 12.64 21.89
N ALA D 105 -28.63 13.82 22.52
CA ALA D 105 -29.48 14.26 23.66
C ALA D 105 -30.78 14.90 23.16
N GLY D 106 -31.04 14.87 21.85
CA GLY D 106 -32.30 15.33 21.23
C GLY D 106 -32.39 16.83 21.11
N LYS D 107 -31.26 17.54 21.27
CA LYS D 107 -31.16 19.02 21.21
C LYS D 107 -30.84 19.43 19.76
N HIS D 108 -31.85 19.38 18.88
CA HIS D 108 -31.73 19.59 17.42
C HIS D 108 -31.30 21.03 17.11
N GLU D 109 -31.83 22.00 17.85
CA GLU D 109 -31.54 23.45 17.66
C GLU D 109 -30.05 23.71 17.94
N GLU D 110 -29.53 23.20 19.07
CA GLU D 110 -28.12 23.43 19.50
C GLU D 110 -27.20 22.70 18.52
N ALA D 111 -27.56 21.49 18.09
CA ALA D 111 -26.79 20.65 17.13
C ALA D 111 -26.64 21.42 15.81
N SER D 112 -27.75 21.91 15.25
CA SER D 112 -27.81 22.75 14.03
C SER D 112 -26.85 23.94 14.15
N ASN D 113 -26.96 24.69 15.26
CA ASN D 113 -26.18 25.94 15.52
C ASN D 113 -24.69 25.61 15.60
N LEU D 114 -24.34 24.52 16.29
CA LEU D 114 -22.93 24.07 16.45
C LEU D 114 -22.35 23.69 15.09
N LEU D 115 -23.14 23.00 14.24
CA LEU D 115 -22.69 22.58 12.89
C LEU D 115 -22.53 23.79 11.97
N CYS D 116 -23.42 24.78 12.06
CA CYS D 116 -23.29 26.06 11.31
C CYS D 116 -22.03 26.78 11.78
N ARG D 117 -21.70 26.67 13.07
CA ARG D 117 -20.50 27.30 13.67
C ARG D 117 -19.24 26.62 13.09
N ALA D 118 -19.25 25.30 12.96
CA ALA D 118 -18.15 24.52 12.34
C ALA D 118 -17.99 24.92 10.86
N ALA D 119 -19.11 25.12 10.14
CA ALA D 119 -19.14 25.53 8.72
C ALA D 119 -18.43 26.89 8.56
N VAL D 120 -18.62 27.82 9.50
CA VAL D 120 -17.97 29.16 9.45
C VAL D 120 -16.47 28.98 9.72
N VAL D 121 -16.09 28.11 10.66
CA VAL D 121 -14.65 27.83 10.94
C VAL D 121 -13.98 27.39 9.63
N TYR D 122 -14.58 26.42 8.93
CA TYR D 122 -14.09 25.90 7.63
C TYR D 122 -14.05 27.03 6.59
N ARG D 123 -15.13 27.82 6.52
CA ARG D 123 -15.25 28.95 5.55
C ARG D 123 -14.03 29.87 5.69
N ILE D 124 -13.77 30.38 6.89
CA ILE D 124 -12.64 31.33 7.16
C ILE D 124 -11.32 30.62 6.87
N SER D 125 -11.23 29.30 7.14
CA SER D 125 -10.00 28.49 6.92
C SER D 125 -9.60 28.47 5.43
N ARG D 126 -10.58 28.56 4.50
CA ARG D 126 -10.35 28.44 3.03
C ARG D 126 -10.45 29.81 2.36
N PHE D 127 -10.54 30.88 3.16
CA PHE D 127 -10.46 32.28 2.67
C PHE D 127 -9.06 32.48 2.08
N PRO D 128 -8.89 33.28 0.99
CA PRO D 128 -10.01 33.86 0.25
C PRO D 128 -10.50 33.07 -0.97
N TYR D 129 -9.89 31.93 -1.29
CA TYR D 129 -10.12 31.22 -2.57
C TYR D 129 -9.71 29.74 -2.47
N VAL D 130 -10.66 28.84 -2.75
CA VAL D 130 -10.38 27.40 -3.04
C VAL D 130 -9.87 27.33 -4.49
N ASP D 131 -8.60 26.99 -4.67
CA ASP D 131 -7.98 26.84 -6.02
C ASP D 131 -8.64 25.66 -6.73
N ILE D 132 -9.44 25.97 -7.76
CA ILE D 132 -10.24 24.97 -8.56
C ILE D 132 -9.30 23.99 -9.26
N THR D 133 -8.03 24.35 -9.48
CA THR D 133 -7.04 23.55 -10.26
C THR D 133 -6.24 22.62 -9.33
N LYS D 134 -6.43 22.70 -8.01
CA LYS D 134 -5.67 21.91 -7.00
C LYS D 134 -6.65 21.18 -6.09
N PRO D 135 -7.28 20.07 -6.56
CA PRO D 135 -8.28 19.35 -5.78
C PRO D 135 -7.77 18.65 -4.50
N ASN D 136 -6.45 18.56 -4.31
CA ASN D 136 -5.83 17.91 -3.12
C ASN D 136 -5.54 18.96 -2.03
N SER D 137 -5.69 20.24 -2.35
CA SER D 137 -5.38 21.37 -1.43
C SER D 137 -6.18 21.23 -0.12
N ILE D 138 -5.60 21.68 0.99
CA ILE D 138 -6.25 21.64 2.35
C ILE D 138 -7.53 22.48 2.28
N LYS D 139 -7.53 23.56 1.49
CA LYS D 139 -8.68 24.48 1.33
C LYS D 139 -9.84 23.74 0.65
N ARG D 140 -9.57 22.89 -0.34
CA ARG D 140 -10.62 22.03 -0.96
C ARG D 140 -11.17 21.10 0.14
N VAL D 141 -10.29 20.45 0.90
CA VAL D 141 -10.69 19.54 2.03
C VAL D 141 -11.61 20.32 2.98
N ALA D 142 -11.22 21.53 3.38
CA ALA D 142 -12.01 22.41 4.29
C ALA D 142 -13.40 22.68 3.70
N PHE D 143 -13.45 23.05 2.41
CA PHE D 143 -14.72 23.34 1.68
C PHE D 143 -15.61 22.08 1.68
N GLU D 144 -15.04 20.89 1.45
CA GLU D 144 -15.81 19.62 1.46
C GLU D 144 -16.38 19.38 2.86
N ARG D 145 -15.59 19.59 3.90
CA ARG D 145 -16.04 19.39 5.31
C ARG D 145 -17.14 20.40 5.60
N GLN D 146 -16.98 21.65 5.14
CA GLN D 146 -17.96 22.75 5.35
C GLN D 146 -19.32 22.35 4.77
N LYS D 147 -19.33 21.88 3.52
CA LYS D 147 -20.57 21.49 2.79
C LYS D 147 -21.26 20.36 3.57
N GLN D 148 -20.53 19.33 3.98
CA GLN D 148 -21.10 18.20 4.76
C GLN D 148 -21.75 18.75 6.04
N ALA D 149 -21.00 19.53 6.82
CA ALA D 149 -21.46 20.14 8.09
C ALA D 149 -22.71 20.99 7.85
N TYR D 150 -22.70 21.82 6.79
CA TYR D 150 -23.78 22.79 6.49
C TYR D 150 -25.07 22.03 6.14
N LEU D 151 -24.99 21.02 5.29
CA LEU D 151 -26.17 20.20 4.88
C LEU D 151 -26.76 19.50 6.12
N LYS D 152 -25.94 18.94 7.00
CA LYS D 152 -26.40 18.30 8.25
C LYS D 152 -27.13 19.34 9.11
N ALA D 153 -26.51 20.51 9.34
CA ALA D 153 -27.10 21.63 10.11
C ALA D 153 -28.48 21.97 9.54
N THR D 154 -28.56 22.22 8.23
CA THR D 154 -29.76 22.80 7.55
C THR D 154 -30.82 21.70 7.34
N SER D 155 -30.44 20.42 7.45
CA SER D 155 -31.37 19.26 7.43
C SER D 155 -32.37 19.36 8.57
N LEU D 156 -31.99 20.02 9.68
CA LEU D 156 -32.77 20.12 10.94
C LEU D 156 -33.68 21.35 10.91
N TRP D 157 -33.53 22.23 9.90
CA TRP D 157 -34.39 23.42 9.69
C TRP D 157 -35.79 22.99 9.24
N THR D 158 -36.83 23.66 9.73
CA THR D 158 -38.25 23.44 9.34
C THR D 158 -38.35 23.50 7.82
N GLN D 159 -37.74 24.54 7.21
CA GLN D 159 -37.54 24.67 5.74
C GLN D 159 -36.08 24.37 5.44
N PRO D 160 -35.72 23.11 5.12
CA PRO D 160 -34.31 22.74 4.95
C PRO D 160 -33.72 23.24 3.62
N ILE D 161 -32.43 23.59 3.64
CA ILE D 161 -31.60 23.78 2.41
C ILE D 161 -31.32 22.37 1.86
N ARG D 162 -31.71 22.14 0.60
CA ARG D 162 -31.49 20.86 -0.13
C ARG D 162 -30.50 21.13 -1.26
N GLU D 163 -29.54 20.22 -1.46
CA GLU D 163 -28.64 20.24 -2.64
C GLU D 163 -29.30 19.45 -3.78
N VAL D 164 -29.36 20.06 -4.96
CA VAL D 164 -29.71 19.38 -6.23
C VAL D 164 -28.48 19.47 -7.13
N THR D 165 -28.00 18.34 -7.66
CA THR D 165 -27.00 18.29 -8.75
C THR D 165 -27.76 18.38 -10.07
N VAL D 166 -27.81 19.57 -10.67
CA VAL D 166 -28.46 19.82 -11.98
C VAL D 166 -27.50 19.37 -13.08
N PRO D 167 -27.88 18.38 -13.92
CA PRO D 167 -27.03 17.98 -15.05
C PRO D 167 -26.85 19.18 -16.00
N HIS D 168 -25.61 19.47 -16.38
CA HIS D 168 -25.24 20.61 -17.26
C HIS D 168 -25.55 20.24 -18.71
N THR D 169 -26.83 20.21 -19.08
CA THR D 169 -27.34 19.72 -20.39
C THR D 169 -26.88 20.64 -21.51
N TYR D 170 -26.59 21.92 -21.20
CA TYR D 170 -26.11 22.93 -22.17
C TYR D 170 -24.57 23.02 -22.15
N ARG D 171 -23.88 22.08 -21.49
CA ARG D 171 -22.40 22.09 -21.41
C ARG D 171 -21.81 21.95 -22.83
N THR D 172 -20.71 22.65 -23.11
CA THR D 172 -19.89 22.49 -24.34
C THR D 172 -18.41 22.64 -23.97
N GLY D 173 -17.51 22.23 -24.87
CA GLY D 173 -16.05 22.39 -24.72
C GLY D 173 -15.53 21.77 -23.43
N ASN D 174 -14.92 22.59 -22.58
CA ASN D 174 -14.19 22.15 -21.34
C ASN D 174 -15.12 22.21 -20.12
N ASP D 175 -16.41 22.52 -20.31
CA ASP D 175 -17.44 22.55 -19.23
C ASP D 175 -17.54 21.18 -18.56
N GLY D 176 -17.59 21.14 -17.23
CA GLY D 176 -17.93 19.94 -16.44
C GLY D 176 -19.39 19.56 -16.60
N ALA D 177 -19.80 18.42 -16.03
CA ALA D 177 -21.10 17.75 -16.27
C ALA D 177 -22.16 18.11 -15.22
N HIS D 178 -21.78 18.66 -14.06
CA HIS D 178 -22.64 18.72 -12.85
C HIS D 178 -22.67 20.14 -12.26
N ILE D 179 -23.86 20.66 -11.97
CA ILE D 179 -24.09 22.00 -11.34
C ILE D 179 -24.79 21.79 -10.00
N PRO D 180 -24.03 21.64 -8.89
CA PRO D 180 -24.64 21.53 -7.57
C PRO D 180 -25.14 22.90 -7.11
N ILE D 181 -26.44 22.99 -6.81
CA ILE D 181 -27.11 24.22 -6.31
C ILE D 181 -27.82 23.89 -5.00
N TYR D 182 -28.01 24.89 -4.15
CA TYR D 182 -28.85 24.83 -2.93
C TYR D 182 -30.21 25.46 -3.23
N ILE D 183 -31.29 24.74 -2.96
CA ILE D 183 -32.69 25.25 -3.07
C ILE D 183 -33.32 25.25 -1.67
N ARG D 184 -33.96 26.36 -1.31
CA ARG D 184 -34.75 26.49 -0.06
C ARG D 184 -36.11 27.07 -0.44
N THR D 185 -37.20 26.36 -0.12
CA THR D 185 -38.59 26.77 -0.47
C THR D 185 -39.30 27.22 0.80
N PRO D 186 -40.14 28.28 0.73
CA PRO D 186 -40.88 28.75 1.89
C PRO D 186 -41.98 27.74 2.23
N ALA D 187 -42.45 27.75 3.49
CA ALA D 187 -43.59 26.94 3.97
C ALA D 187 -44.74 27.13 2.97
N GLY D 188 -45.34 26.03 2.52
CA GLY D 188 -46.53 26.02 1.65
C GLY D 188 -46.23 26.18 0.17
N ALA D 189 -44.96 26.31 -0.23
CA ALA D 189 -44.55 26.42 -1.65
C ALA D 189 -45.15 25.23 -2.42
N ASP D 190 -46.14 25.49 -3.28
CA ASP D 190 -46.97 24.45 -3.96
C ASP D 190 -47.14 24.79 -5.45
N GLN D 191 -47.37 23.76 -6.27
CA GLN D 191 -47.57 23.85 -7.74
C GLN D 191 -48.89 24.56 -8.08
N SER D 192 -49.82 24.66 -7.13
CA SER D 192 -51.11 25.38 -7.29
C SER D 192 -50.87 26.89 -7.36
N ASN D 193 -49.88 27.39 -6.62
CA ASN D 193 -49.52 28.84 -6.57
C ASN D 193 -48.00 28.96 -6.51
N PRO D 194 -47.26 28.61 -7.59
CA PRO D 194 -45.80 28.55 -7.55
C PRO D 194 -45.20 29.89 -7.12
N VAL D 195 -44.14 29.84 -6.31
CA VAL D 195 -43.60 31.01 -5.56
C VAL D 195 -42.51 31.68 -6.39
N PRO D 196 -42.29 33.00 -6.21
CA PRO D 196 -41.16 33.70 -6.83
C PRO D 196 -39.79 33.07 -6.48
N ILE D 197 -38.80 33.30 -7.34
CA ILE D 197 -37.42 32.73 -7.21
C ILE D 197 -36.43 33.89 -7.07
N VAL D 198 -35.63 33.89 -6.01
CA VAL D 198 -34.39 34.70 -5.92
C VAL D 198 -33.22 33.73 -6.16
N LEU D 199 -32.54 33.86 -7.31
CA LEU D 199 -31.36 33.03 -7.67
C LEU D 199 -30.10 33.81 -7.28
N ILE D 200 -29.41 33.36 -6.23
CA ILE D 200 -28.16 34.01 -5.73
C ILE D 200 -26.98 33.44 -6.50
N MET D 201 -26.17 34.32 -7.11
CA MET D 201 -24.88 33.98 -7.76
C MET D 201 -23.76 34.43 -6.82
N THR D 202 -22.96 33.49 -6.35
CA THR D 202 -22.00 33.69 -5.23
C THR D 202 -20.68 34.21 -5.82
N GLY D 203 -19.65 34.38 -4.99
CA GLY D 203 -18.46 35.17 -5.35
C GLY D 203 -17.18 34.37 -5.30
N LEU D 204 -16.07 35.08 -5.03
CA LEU D 204 -14.69 34.53 -5.01
C LEU D 204 -14.45 33.75 -3.72
N ASP D 205 -14.98 34.26 -2.60
CA ASP D 205 -14.72 33.74 -1.22
C ASP D 205 -16.02 33.20 -0.59
N GLY D 206 -17.18 33.55 -1.16
CA GLY D 206 -18.51 33.07 -0.72
C GLY D 206 -19.08 32.09 -1.72
N TYR D 207 -19.39 30.86 -1.27
CA TYR D 207 -19.98 29.77 -2.10
C TYR D 207 -21.36 29.41 -1.53
N ARG D 208 -21.97 28.32 -2.00
CA ARG D 208 -23.41 28.04 -1.73
C ARG D 208 -23.70 27.93 -0.23
N PRO D 209 -22.83 27.41 0.66
CA PRO D 209 -23.15 27.34 2.09
C PRO D 209 -23.10 28.67 2.87
N ASP D 210 -22.77 29.79 2.21
CA ASP D 210 -22.35 31.06 2.88
C ASP D 210 -23.46 32.13 2.78
N ASN D 211 -24.74 31.73 2.76
CA ASN D 211 -25.85 32.66 2.44
C ASN D 211 -27.08 32.39 3.32
N SER D 212 -26.89 31.84 4.53
CA SER D 212 -28.01 31.43 5.44
C SER D 212 -29.01 32.59 5.60
N GLN D 213 -28.53 33.77 6.02
CA GLN D 213 -29.41 34.92 6.39
C GLN D 213 -30.16 35.42 5.15
N ARG D 214 -29.50 35.44 3.98
CA ARG D 214 -30.15 35.79 2.68
C ARG D 214 -31.31 34.83 2.43
N THR D 215 -31.15 33.53 2.67
CA THR D 215 -32.23 32.53 2.46
C THR D 215 -33.35 32.77 3.47
N HIS D 216 -33.04 33.08 4.73
CA HIS D 216 -34.03 33.43 5.80
C HIS D 216 -34.93 34.57 5.30
N GLU D 217 -34.32 35.66 4.81
CA GLU D 217 -35.04 36.90 4.37
C GLU D 217 -35.92 36.60 3.15
N ILE D 218 -35.39 35.84 2.19
CA ILE D 218 -36.08 35.49 0.91
C ILE D 218 -37.33 34.66 1.26
N LEU D 219 -37.17 33.65 2.11
CA LEU D 219 -38.29 32.76 2.55
C LEU D 219 -39.32 33.54 3.38
N ALA D 220 -38.89 34.48 4.22
CA ALA D 220 -39.75 35.29 5.11
C ALA D 220 -40.72 36.12 4.27
N ARG D 221 -40.31 36.48 3.04
CA ARG D 221 -41.13 37.27 2.08
C ARG D 221 -41.90 36.33 1.15
N GLY D 222 -41.81 35.02 1.39
CA GLY D 222 -42.63 33.98 0.71
C GLY D 222 -42.04 33.56 -0.62
N TRP D 223 -40.73 33.76 -0.82
CA TRP D 223 -40.01 33.39 -2.08
C TRP D 223 -39.08 32.20 -1.82
N ALA D 224 -38.73 31.49 -2.89
CA ALA D 224 -37.70 30.43 -2.90
C ALA D 224 -36.32 31.06 -3.09
N ALA D 225 -35.32 30.58 -2.35
CA ALA D 225 -33.89 30.92 -2.53
C ALA D 225 -33.21 29.77 -3.29
N VAL D 226 -32.52 30.11 -4.39
CA VAL D 226 -31.64 29.18 -5.15
C VAL D 226 -30.23 29.76 -5.12
N VAL D 227 -29.21 28.94 -4.83
CA VAL D 227 -27.80 29.42 -4.69
C VAL D 227 -26.91 28.62 -5.64
N ALA D 228 -26.18 29.32 -6.51
CA ALA D 228 -25.29 28.73 -7.54
C ALA D 228 -23.95 29.47 -7.52
N GLU D 229 -22.84 28.74 -7.60
CA GLU D 229 -21.48 29.37 -7.68
C GLU D 229 -21.22 29.82 -9.12
N ILE D 230 -20.25 30.72 -9.27
CA ILE D 230 -19.92 31.39 -10.56
C ILE D 230 -18.70 30.72 -11.18
N PRO D 231 -18.49 30.90 -12.50
CA PRO D 231 -17.32 30.34 -13.19
C PRO D 231 -16.00 30.61 -12.48
N GLY D 232 -15.14 29.60 -12.44
CA GLY D 232 -13.78 29.67 -11.86
C GLY D 232 -13.79 29.62 -10.35
N THR D 233 -14.89 29.18 -9.73
CA THR D 233 -14.99 29.03 -8.24
C THR D 233 -15.62 27.67 -7.86
N ALA D 234 -15.26 27.19 -6.68
CA ALA D 234 -15.95 26.11 -5.93
C ALA D 234 -16.29 24.94 -6.85
N ASP D 235 -17.58 24.62 -7.04
CA ASP D 235 -18.03 23.42 -7.79
C ASP D 235 -18.72 23.84 -9.10
N CYS D 236 -18.54 25.09 -9.53
CA CYS D 236 -19.09 25.56 -10.83
C CYS D 236 -18.40 24.81 -11.98
N PRO D 237 -19.15 24.07 -12.83
CA PRO D 237 -18.55 23.32 -13.93
C PRO D 237 -18.14 24.18 -15.13
N ALA D 238 -18.57 25.44 -15.17
CA ALA D 238 -18.35 26.40 -16.28
C ALA D 238 -16.85 26.54 -16.56
N ASP D 239 -16.44 26.41 -17.82
CA ASP D 239 -15.04 26.67 -18.25
C ASP D 239 -14.70 28.12 -17.89
N PRO D 240 -13.79 28.36 -16.93
CA PRO D 240 -13.49 29.72 -16.47
C PRO D 240 -12.80 30.57 -17.54
N ALA D 241 -12.06 29.92 -18.46
CA ALA D 241 -11.31 30.58 -19.55
C ALA D 241 -12.24 31.04 -20.67
N ASP D 242 -13.48 30.52 -20.76
CA ASP D 242 -14.45 30.83 -21.85
C ASP D 242 -15.47 31.86 -21.35
N PRO D 243 -15.42 33.12 -21.82
CA PRO D 243 -16.39 34.14 -21.40
C PRO D 243 -17.87 33.77 -21.61
N ALA D 244 -18.16 32.81 -22.50
CA ALA D 244 -19.52 32.35 -22.84
C ALA D 244 -20.00 31.26 -21.87
N SER D 245 -19.12 30.70 -21.03
CA SER D 245 -19.44 29.55 -20.13
C SER D 245 -20.59 29.89 -19.19
N PRO D 246 -20.69 31.11 -18.60
CA PRO D 246 -21.83 31.45 -17.75
C PRO D 246 -23.18 31.37 -18.50
N ASP D 247 -23.23 31.82 -19.76
CA ASP D 247 -24.45 31.82 -20.61
C ASP D 247 -25.03 30.40 -20.64
N ARG D 248 -24.16 29.42 -20.86
CA ARG D 248 -24.51 27.97 -20.91
C ARG D 248 -24.95 27.49 -19.52
N LEU D 249 -24.21 27.90 -18.48
CA LEU D 249 -24.48 27.52 -17.07
C LEU D 249 -25.93 27.88 -16.72
N TRP D 250 -26.33 29.13 -16.96
CA TRP D 250 -27.65 29.66 -16.53
C TRP D 250 -28.75 29.05 -17.41
N ASP D 251 -28.43 28.72 -18.67
CA ASP D 251 -29.37 27.98 -19.56
C ASP D 251 -29.77 26.66 -18.89
N SER D 252 -28.80 25.95 -18.31
CA SER D 252 -29.04 24.66 -17.59
C SER D 252 -29.83 24.91 -16.30
N VAL D 253 -29.40 25.87 -15.48
CA VAL D 253 -30.00 26.17 -14.15
C VAL D 253 -31.45 26.62 -14.35
N LEU D 254 -31.68 27.62 -15.20
CA LEU D 254 -33.03 28.22 -15.44
C LEU D 254 -33.97 27.15 -16.01
N SER D 255 -33.48 26.30 -16.91
CA SER D 255 -34.24 25.18 -17.52
C SER D 255 -34.70 24.21 -16.43
N TYR D 256 -33.84 23.90 -15.45
CA TYR D 256 -34.19 23.03 -14.29
C TYR D 256 -35.31 23.69 -13.49
N LEU D 257 -35.18 24.99 -13.19
CA LEU D 257 -36.15 25.75 -12.36
C LEU D 257 -37.49 25.86 -13.09
N ASP D 258 -37.46 25.99 -14.43
CA ASP D 258 -38.67 26.06 -15.29
C ASP D 258 -39.56 24.85 -15.03
N GLN D 259 -38.95 23.67 -14.86
CA GLN D 259 -39.64 22.35 -14.77
C GLN D 259 -39.96 21.99 -13.30
N ARG D 260 -39.48 22.78 -12.33
CA ARG D 260 -39.83 22.61 -10.89
C ARG D 260 -41.23 23.17 -10.64
N PRO D 261 -42.24 22.31 -10.36
CA PRO D 261 -43.64 22.75 -10.32
C PRO D 261 -43.96 23.89 -9.36
N GLU D 262 -43.29 23.96 -8.20
CA GLU D 262 -43.64 24.90 -7.10
C GLU D 262 -42.87 26.22 -7.25
N LEU D 263 -42.02 26.37 -8.28
CA LEU D 263 -41.17 27.58 -8.49
C LEU D 263 -41.63 28.32 -9.74
N ASN D 264 -41.96 29.61 -9.60
CA ASN D 264 -42.45 30.49 -10.69
C ASN D 264 -41.27 31.25 -11.30
N THR D 265 -40.77 30.78 -12.45
CA THR D 265 -39.64 31.40 -13.19
C THR D 265 -40.11 32.65 -13.94
N ALA D 266 -41.43 32.91 -13.97
CA ALA D 266 -42.03 34.16 -14.50
C ALA D 266 -41.86 35.29 -13.49
N LYS D 267 -41.53 34.97 -12.23
CA LYS D 267 -41.27 35.97 -11.16
C LYS D 267 -39.92 35.63 -10.51
N MET D 268 -38.84 35.85 -11.25
CA MET D 268 -37.47 35.45 -10.88
C MET D 268 -36.52 36.64 -10.94
N VAL D 269 -35.71 36.81 -9.91
CA VAL D 269 -34.65 37.86 -9.81
C VAL D 269 -33.33 37.16 -9.50
N VAL D 270 -32.25 37.57 -10.16
CA VAL D 270 -30.88 37.09 -9.85
C VAL D 270 -30.21 38.13 -8.94
N TRP D 271 -29.34 37.65 -8.06
CA TRP D 271 -28.64 38.46 -7.03
C TRP D 271 -27.17 38.07 -7.04
N GLY D 272 -26.34 38.85 -7.74
CA GLY D 272 -24.88 38.63 -7.86
C GLY D 272 -24.13 39.30 -6.73
N LEU D 273 -23.38 38.52 -5.95
CA LEU D 273 -22.69 38.96 -4.72
C LEU D 273 -21.18 39.13 -4.99
N SER D 274 -20.71 40.38 -5.02
CA SER D 274 -19.28 40.73 -5.20
C SER D 274 -18.80 40.21 -6.57
N ALA D 275 -17.93 39.20 -6.62
CA ALA D 275 -17.49 38.57 -7.89
C ALA D 275 -18.70 38.04 -8.67
N GLY D 276 -19.76 37.63 -7.96
CA GLY D 276 -21.06 37.25 -8.55
C GLY D 276 -21.75 38.41 -9.27
N GLY D 277 -21.44 39.66 -8.91
CA GLY D 277 -22.02 40.87 -9.51
C GLY D 277 -21.85 40.90 -11.03
N TYR D 278 -20.65 40.59 -11.51
CA TYR D 278 -20.32 40.50 -12.96
C TYR D 278 -21.35 39.60 -13.66
N TYR D 279 -21.68 38.46 -13.05
CA TYR D 279 -22.56 37.41 -13.64
C TYR D 279 -24.02 37.82 -13.56
N ALA D 280 -24.42 38.61 -12.56
CA ALA D 280 -25.76 39.22 -12.48
C ALA D 280 -25.91 40.26 -13.59
N ILE D 281 -24.90 41.11 -13.80
CA ILE D 281 -24.91 42.12 -14.89
C ILE D 281 -25.05 41.38 -16.23
N ARG D 282 -24.18 40.39 -16.47
CA ARG D 282 -24.13 39.64 -17.76
C ARG D 282 -25.49 38.97 -18.00
N ALA D 283 -26.02 38.28 -16.99
CA ALA D 283 -27.30 37.54 -17.04
C ALA D 283 -28.48 38.50 -17.26
N ALA D 284 -28.43 39.72 -16.70
CA ALA D 284 -29.50 40.73 -16.88
C ALA D 284 -29.65 41.04 -18.37
N HIS D 285 -28.57 40.87 -19.15
CA HIS D 285 -28.52 41.10 -20.61
C HIS D 285 -28.82 39.80 -21.36
N THR D 286 -28.01 38.76 -21.11
CA THR D 286 -28.00 37.48 -21.87
C THR D 286 -29.32 36.72 -21.67
N HIS D 287 -30.03 36.95 -20.56
CA HIS D 287 -31.24 36.20 -20.14
C HIS D 287 -32.38 37.16 -19.75
N ARG D 288 -32.38 38.37 -20.32
CA ARG D 288 -33.36 39.44 -19.96
C ARG D 288 -34.80 38.94 -20.09
N ASP D 289 -35.09 38.08 -21.08
CA ASP D 289 -36.46 37.57 -21.38
C ASP D 289 -36.91 36.58 -20.31
N ARG D 290 -36.00 36.07 -19.47
CA ARG D 290 -36.31 35.02 -18.48
C ARG D 290 -36.17 35.55 -17.04
N LEU D 291 -35.90 36.85 -16.86
CA LEU D 291 -35.71 37.49 -15.53
C LEU D 291 -36.60 38.72 -15.41
N LEU D 292 -37.28 38.86 -14.26
CA LEU D 292 -37.99 40.12 -13.87
C LEU D 292 -36.96 41.19 -13.50
N GLY D 293 -35.77 40.78 -13.06
CA GLY D 293 -34.73 41.74 -12.66
C GLY D 293 -33.47 41.06 -12.16
N ALA D 294 -32.46 41.88 -11.86
CA ALA D 294 -31.14 41.44 -11.37
C ALA D 294 -30.64 42.49 -10.39
N ILE D 295 -30.00 42.05 -9.31
CA ILE D 295 -29.20 42.91 -8.39
C ILE D 295 -27.73 42.52 -8.57
N ALA D 296 -26.87 43.52 -8.81
CA ALA D 296 -25.41 43.37 -8.86
C ALA D 296 -24.82 44.10 -7.66
N HIS D 297 -24.32 43.35 -6.68
CA HIS D 297 -23.87 43.85 -5.36
C HIS D 297 -22.33 43.88 -5.35
N GLY D 298 -21.72 45.08 -5.37
CA GLY D 298 -20.26 45.26 -5.49
C GLY D 298 -19.71 44.68 -6.79
N PRO D 299 -20.29 45.02 -7.96
CA PRO D 299 -19.91 44.38 -9.21
C PRO D 299 -18.67 44.99 -9.86
N GLY D 300 -17.82 44.14 -10.45
CA GLY D 300 -16.87 44.50 -11.51
C GLY D 300 -17.47 44.16 -12.87
N CYS D 301 -17.08 44.87 -13.94
CA CYS D 301 -17.48 44.50 -15.32
C CYS D 301 -16.49 44.98 -16.40
N HIS D 302 -15.54 45.86 -16.09
CA HIS D 302 -14.64 46.47 -17.12
C HIS D 302 -13.36 47.01 -16.48
N TYR D 303 -13.47 48.12 -15.74
CA TYR D 303 -12.32 48.86 -15.15
C TYR D 303 -11.61 48.04 -14.07
N TYR D 304 -12.26 47.05 -13.46
CA TYR D 304 -11.63 46.19 -12.42
C TYR D 304 -10.51 45.35 -13.03
N LEU D 305 -10.46 45.22 -14.36
CA LEU D 305 -9.40 44.47 -15.09
C LEU D 305 -8.39 45.43 -15.74
N ASP D 306 -8.56 46.75 -15.57
CA ASP D 306 -7.59 47.75 -16.05
C ASP D 306 -6.27 47.49 -15.33
N PRO D 307 -5.13 47.30 -16.05
CA PRO D 307 -3.85 47.03 -15.40
C PRO D 307 -3.49 48.05 -14.30
N GLU D 308 -3.84 49.33 -14.51
CA GLU D 308 -3.62 50.41 -13.51
C GLU D 308 -4.40 50.08 -12.23
N TRP D 309 -5.65 49.62 -12.35
CA TRP D 309 -6.49 49.20 -11.20
C TRP D 309 -5.87 47.95 -10.53
N LEU D 310 -5.49 46.95 -11.33
CA LEU D 310 -4.93 45.67 -10.82
C LEU D 310 -3.58 45.91 -10.13
N ALA D 311 -2.88 46.99 -10.46
CA ALA D 311 -1.54 47.31 -9.91
C ALA D 311 -1.63 47.68 -8.42
N LYS D 312 -2.79 48.18 -7.95
CA LYS D 312 -2.98 48.68 -6.57
C LYS D 312 -4.09 47.91 -5.82
N VAL D 313 -4.80 46.99 -6.48
CA VAL D 313 -6.01 46.34 -5.90
C VAL D 313 -5.63 45.58 -4.62
N ASN D 314 -4.41 45.05 -4.53
CA ASN D 314 -3.93 44.26 -3.36
C ASN D 314 -3.66 45.17 -2.15
N ASP D 315 -3.68 46.49 -2.32
CA ASP D 315 -3.32 47.47 -1.27
C ASP D 315 -4.57 47.95 -0.52
N HIS D 316 -5.77 47.51 -0.90
CA HIS D 316 -7.06 48.09 -0.42
C HIS D 316 -7.73 47.14 0.56
N GLU D 317 -9.07 47.18 0.66
CA GLU D 317 -9.82 46.66 1.84
C GLU D 317 -9.92 45.13 1.82
N TYR D 318 -9.65 44.44 0.70
CA TYR D 318 -9.76 42.96 0.65
C TYR D 318 -8.77 42.37 1.65
N PRO D 319 -9.20 41.39 2.49
CA PRO D 319 -8.42 40.98 3.66
C PRO D 319 -7.01 40.47 3.32
N PHE D 320 -6.83 39.88 2.13
CA PHE D 320 -5.55 39.30 1.66
C PHE D 320 -5.34 39.63 0.19
N GLU D 321 -4.17 39.27 -0.36
CA GLU D 321 -3.85 39.43 -1.80
C GLU D 321 -4.99 38.77 -2.60
N ILE D 322 -5.50 39.47 -3.62
CA ILE D 322 -6.67 39.00 -4.44
C ILE D 322 -6.22 38.63 -5.86
N THR D 323 -5.11 39.18 -6.37
CA THR D 323 -4.74 39.07 -7.82
C THR D 323 -4.49 37.61 -8.20
N ALA D 324 -3.78 36.84 -7.36
CA ALA D 324 -3.46 35.40 -7.59
C ALA D 324 -4.76 34.61 -7.74
N ALA D 325 -5.73 34.82 -6.84
CA ALA D 325 -7.06 34.19 -6.84
C ALA D 325 -7.85 34.61 -8.09
N TRP D 326 -7.85 35.90 -8.42
CA TRP D 326 -8.54 36.43 -9.62
C TRP D 326 -7.96 35.77 -10.88
N ALA D 327 -6.63 35.67 -10.99
CA ALA D 327 -5.95 35.05 -12.14
C ALA D 327 -6.59 33.68 -12.41
N THR D 328 -6.62 32.82 -11.38
CA THR D 328 -7.12 31.41 -11.46
C THR D 328 -8.62 31.42 -11.82
N LYS D 329 -9.39 32.29 -11.16
CA LYS D 329 -10.88 32.37 -11.34
C LYS D 329 -11.19 32.81 -12.78
N HIS D 330 -10.28 33.55 -13.43
CA HIS D 330 -10.43 34.04 -14.82
C HIS D 330 -9.81 33.05 -15.82
N GLY D 331 -9.27 31.93 -15.32
CA GLY D 331 -8.79 30.80 -16.14
C GLY D 331 -7.38 31.01 -16.68
N TYR D 332 -6.56 31.80 -15.99
CA TYR D 332 -5.15 32.10 -16.34
C TYR D 332 -4.21 31.30 -15.44
N LYS D 333 -3.10 30.80 -15.99
CA LYS D 333 -2.10 29.98 -15.28
C LYS D 333 -1.15 30.90 -14.48
N THR D 334 -1.02 32.16 -14.91
CA THR D 334 -0.13 33.17 -14.27
C THR D 334 -0.90 34.49 -14.10
N VAL D 335 -0.52 35.28 -13.09
CA VAL D 335 -1.04 36.65 -12.83
C VAL D 335 -0.65 37.57 -14.00
N GLU D 336 0.57 37.41 -14.52
CA GLU D 336 1.12 38.28 -15.61
C GLU D 336 0.20 38.21 -16.83
N GLU D 337 -0.22 37.01 -17.23
CA GLU D 337 -1.14 36.77 -18.39
C GLU D 337 -2.51 37.41 -18.09
N PHE D 338 -3.02 37.19 -16.87
CA PHE D 338 -4.31 37.74 -16.39
C PHE D 338 -4.31 39.25 -16.58
N VAL D 339 -3.30 39.95 -16.03
CA VAL D 339 -3.17 41.43 -16.09
C VAL D 339 -3.11 41.87 -17.56
N ALA D 340 -2.35 41.15 -18.40
CA ALA D 340 -2.09 41.49 -19.82
C ALA D 340 -3.36 41.31 -20.67
N GLY D 341 -4.14 40.26 -20.44
CA GLY D 341 -5.17 39.77 -21.38
C GLY D 341 -6.61 39.94 -20.90
N ALA D 342 -6.85 40.00 -19.60
CA ALA D 342 -8.20 39.82 -18.99
C ALA D 342 -9.20 40.88 -19.48
N GLN D 343 -8.85 42.16 -19.53
CA GLN D 343 -9.83 43.23 -19.82
C GLN D 343 -10.46 42.97 -21.20
N LYS D 344 -9.62 42.83 -22.23
CA LYS D 344 -10.09 42.64 -23.64
C LYS D 344 -11.04 41.43 -23.71
N LYS D 345 -10.79 40.39 -22.93
CA LYS D 345 -11.45 39.06 -23.05
C LYS D 345 -12.76 39.01 -22.26
N PHE D 346 -12.79 39.59 -21.05
CA PHE D 346 -13.88 39.40 -20.06
C PHE D 346 -14.72 40.67 -19.87
N SER D 347 -14.17 41.86 -20.12
CA SER D 347 -14.92 43.13 -19.98
C SER D 347 -16.26 43.03 -20.73
N LEU D 348 -17.37 43.27 -20.03
CA LEU D 348 -18.74 43.29 -20.62
C LEU D 348 -18.89 44.53 -21.51
N VAL D 349 -18.06 45.56 -21.28
CA VAL D 349 -18.00 46.78 -22.14
C VAL D 349 -17.23 46.44 -23.42
N GLU D 350 -15.98 45.98 -23.29
CA GLU D 350 -15.06 45.73 -24.43
C GLU D 350 -15.68 44.74 -25.41
N THR D 351 -16.34 43.69 -24.89
CA THR D 351 -16.93 42.59 -25.70
C THR D 351 -18.34 42.96 -26.18
N GLY D 352 -18.91 44.08 -25.70
CA GLY D 352 -20.17 44.66 -26.22
C GLY D 352 -21.43 43.99 -25.67
N ILE D 353 -21.29 43.18 -24.62
CA ILE D 353 -22.45 42.55 -23.91
C ILE D 353 -23.41 43.65 -23.44
N VAL D 354 -22.87 44.80 -22.99
CA VAL D 354 -23.66 45.92 -22.40
C VAL D 354 -24.45 46.67 -23.48
N ASP D 355 -24.17 46.39 -24.76
CA ASP D 355 -24.80 47.06 -25.93
C ASP D 355 -25.99 46.22 -26.39
N GLN D 356 -26.91 45.93 -25.47
CA GLN D 356 -28.22 45.29 -25.73
C GLN D 356 -29.13 45.59 -24.54
N PRO D 357 -30.46 45.42 -24.65
CA PRO D 357 -31.34 45.68 -23.53
C PRO D 357 -31.04 44.72 -22.37
N SER D 358 -31.55 45.03 -21.19
CA SER D 358 -31.48 44.16 -19.99
C SER D 358 -32.81 44.24 -19.25
N CYS D 359 -33.12 43.23 -18.44
CA CYS D 359 -34.19 43.33 -17.40
C CYS D 359 -33.79 44.45 -16.44
N ARG D 360 -34.66 44.81 -15.50
CA ARG D 360 -34.32 45.82 -14.47
C ARG D 360 -33.03 45.35 -13.76
N LEU D 361 -32.07 46.25 -13.62
CA LEU D 361 -30.73 45.94 -13.07
C LEU D 361 -30.42 46.96 -11.98
N LEU D 362 -30.38 46.50 -10.73
CA LEU D 362 -30.02 47.35 -9.57
C LEU D 362 -28.53 47.16 -9.27
N LEU D 363 -27.79 48.26 -9.30
CA LEU D 363 -26.35 48.31 -8.97
C LEU D 363 -26.21 48.96 -7.58
N LEU D 364 -25.60 48.23 -6.65
CA LEU D 364 -25.37 48.64 -5.25
C LEU D 364 -23.88 48.53 -4.95
N ASN D 365 -23.28 49.59 -4.42
CA ASN D 365 -21.84 49.56 -4.02
C ASN D 365 -21.50 50.81 -3.21
N GLY D 366 -20.42 50.73 -2.44
CA GLY D 366 -19.78 51.91 -1.83
C GLY D 366 -19.01 52.68 -2.88
N VAL D 367 -19.06 54.02 -2.84
CA VAL D 367 -18.37 54.89 -3.82
C VAL D 367 -16.85 54.67 -3.72
N ASP D 368 -16.34 54.44 -2.50
CA ASP D 368 -14.88 54.26 -2.25
C ASP D 368 -14.51 52.76 -2.24
N ASP D 369 -15.15 51.97 -3.08
CA ASP D 369 -14.74 50.55 -3.31
C ASP D 369 -13.31 50.55 -3.84
N GLY D 370 -12.40 49.83 -3.17
CA GLY D 370 -11.00 49.67 -3.59
C GLY D 370 -10.73 48.29 -4.19
N VAL D 371 -11.74 47.41 -4.22
CA VAL D 371 -11.63 46.03 -4.78
C VAL D 371 -12.10 46.05 -6.24
N VAL D 372 -13.30 46.58 -6.51
CA VAL D 372 -13.81 46.86 -7.89
C VAL D 372 -14.19 48.34 -7.94
N PRO D 373 -13.87 49.06 -9.04
CA PRO D 373 -14.10 50.50 -9.09
C PRO D 373 -15.60 50.82 -9.23
N ILE D 374 -16.06 51.87 -8.56
CA ILE D 374 -17.46 52.39 -8.67
C ILE D 374 -17.75 52.77 -10.13
N GLU D 375 -16.70 53.06 -10.92
CA GLU D 375 -16.82 53.31 -12.38
C GLU D 375 -17.52 52.11 -13.06
N ASP D 376 -17.36 50.88 -12.56
CA ASP D 376 -17.92 49.66 -13.20
C ASP D 376 -19.43 49.58 -12.96
N CYS D 377 -19.98 50.36 -12.02
CA CYS D 377 -21.44 50.63 -11.92
C CYS D 377 -21.81 51.74 -12.91
N LEU D 378 -21.10 52.86 -12.87
CA LEU D 378 -21.43 54.11 -13.61
C LEU D 378 -21.35 53.90 -15.13
N VAL D 379 -20.41 53.08 -15.61
CA VAL D 379 -20.22 52.82 -17.07
C VAL D 379 -21.52 52.24 -17.64
N LEU D 380 -22.27 51.44 -16.87
CA LEU D 380 -23.49 50.73 -17.33
C LEU D 380 -24.63 51.71 -17.63
N PHE D 381 -24.55 52.97 -17.16
CA PHE D 381 -25.56 54.01 -17.49
C PHE D 381 -25.31 54.57 -18.90
N GLU D 382 -24.15 54.27 -19.50
CA GLU D 382 -23.73 54.78 -20.84
C GLU D 382 -24.01 53.75 -21.94
N HIS D 383 -24.73 52.65 -21.63
CA HIS D 383 -25.01 51.55 -22.58
C HIS D 383 -26.44 51.02 -22.39
N GLY D 384 -27.03 50.51 -23.47
CA GLY D 384 -28.27 49.70 -23.47
C GLY D 384 -29.41 50.35 -22.69
N SER D 385 -30.09 49.55 -21.86
CA SER D 385 -31.30 49.95 -21.09
C SER D 385 -30.91 50.89 -19.94
N PRO D 386 -31.86 51.73 -19.45
CA PRO D 386 -31.66 52.44 -18.19
C PRO D 386 -31.35 51.44 -17.07
N LYS D 387 -30.37 51.76 -16.25
CA LYS D 387 -29.98 50.93 -15.08
C LYS D 387 -30.49 51.62 -13.82
N GLU D 388 -30.54 50.87 -12.71
CA GLU D 388 -30.92 51.41 -11.38
CA GLU D 388 -30.91 51.42 -11.39
C GLU D 388 -29.70 51.31 -10.46
N GLY D 389 -29.55 52.26 -9.54
CA GLY D 389 -28.35 52.38 -8.70
C GLY D 389 -28.61 53.07 -7.39
N ARG D 390 -27.92 52.61 -6.34
CA ARG D 390 -27.68 53.35 -5.09
C ARG D 390 -26.21 53.14 -4.73
N PHE D 391 -25.46 54.24 -4.62
CA PHE D 391 -23.98 54.26 -4.42
C PHE D 391 -23.70 55.06 -3.14
N TYR D 392 -23.07 54.40 -2.17
CA TYR D 392 -22.93 54.89 -0.78
C TYR D 392 -21.61 55.69 -0.67
N LYS D 393 -21.75 57.00 -0.51
CA LYS D 393 -20.62 57.96 -0.30
C LYS D 393 -19.80 57.49 0.90
N GLY D 394 -18.47 57.42 0.75
CA GLY D 394 -17.52 57.14 1.85
C GLY D 394 -17.37 55.67 2.18
N LEU D 395 -18.17 54.78 1.59
CA LEU D 395 -18.20 53.34 1.97
C LEU D 395 -17.34 52.51 1.01
N PRO D 396 -16.67 51.46 1.52
CA PRO D 396 -15.86 50.59 0.69
C PRO D 396 -16.70 49.48 0.03
N HIS D 397 -16.01 48.47 -0.51
CA HIS D 397 -16.59 47.36 -1.30
C HIS D 397 -17.90 46.86 -0.68
N MET D 398 -18.97 46.81 -1.49
CA MET D 398 -20.33 46.29 -1.16
C MET D 398 -21.18 47.36 -0.46
N GLY D 399 -20.55 48.37 0.16
CA GLY D 399 -21.26 49.49 0.80
C GLY D 399 -22.23 49.04 1.89
N TYR D 400 -21.77 48.18 2.80
CA TYR D 400 -22.54 47.69 3.97
C TYR D 400 -22.46 48.74 5.08
N PRO D 401 -23.41 48.75 6.04
CA PRO D 401 -24.54 47.81 6.07
C PRO D 401 -25.74 48.26 5.23
N ASN D 402 -25.70 49.50 4.72
CA ASN D 402 -26.84 50.24 4.10
C ASN D 402 -27.38 49.49 2.87
N SER D 403 -26.50 48.91 2.04
CA SER D 403 -26.88 48.32 0.73
C SER D 403 -27.75 47.06 0.92
N LEU D 404 -27.71 46.41 2.08
CA LEU D 404 -28.43 45.13 2.29
C LEU D 404 -29.95 45.36 2.35
N PRO D 405 -30.51 46.17 3.29
CA PRO D 405 -31.96 46.33 3.40
C PRO D 405 -32.65 46.85 2.14
N VAL D 406 -32.01 47.78 1.41
CA VAL D 406 -32.54 48.34 0.13
C VAL D 406 -32.64 47.21 -0.89
N SER D 407 -31.74 46.21 -0.83
CA SER D 407 -31.80 44.99 -1.67
C SER D 407 -33.20 44.36 -1.57
N TYR D 408 -33.68 44.15 -0.34
CA TYR D 408 -34.97 43.46 -0.07
C TYR D 408 -36.15 44.36 -0.46
N GLU D 409 -36.10 45.66 -0.16
CA GLU D 409 -37.14 46.65 -0.58
C GLU D 409 -37.33 46.56 -2.09
N TRP D 410 -36.21 46.51 -2.83
CA TRP D 410 -36.21 46.45 -4.31
C TRP D 410 -36.83 45.13 -4.77
N LEU D 411 -36.43 44.02 -4.16
CA LEU D 411 -36.98 42.66 -4.44
C LEU D 411 -38.50 42.68 -4.19
N GLU D 412 -38.94 43.32 -3.10
CA GLU D 412 -40.38 43.42 -2.72
C GLU D 412 -41.12 44.17 -3.83
N GLN D 413 -40.54 45.26 -4.36
CA GLN D 413 -41.13 46.09 -5.43
C GLN D 413 -41.24 45.27 -6.73
N VAL D 414 -40.14 44.65 -7.15
CA VAL D 414 -40.02 43.92 -8.45
C VAL D 414 -40.93 42.67 -8.43
N LEU D 415 -40.92 41.92 -7.32
CA LEU D 415 -41.70 40.65 -7.18
C LEU D 415 -43.09 40.90 -6.58
N ALA D 416 -43.57 42.16 -6.60
CA ALA D 416 -44.89 42.53 -6.04
C ALA D 416 -46.01 41.90 -6.87
N SER D 417 -47.14 41.57 -6.23
CA SER D 417 -48.35 41.00 -6.88
C SER D 417 -49.30 42.14 -7.28
#